data_3COG
#
_entry.id   3COG
#
_cell.length_a   105.350
_cell.length_b   107.220
_cell.length_c   153.310
_cell.angle_alpha   90.00
_cell.angle_beta   90.00
_cell.angle_gamma   90.00
#
_symmetry.space_group_name_H-M   'P 21 21 21'
#
loop_
_entity.id
_entity.type
_entity.pdbx_description
1 polymer 'Cystathionine gamma-lyase'
2 non-polymer 'NITRATE ION'
3 non-polymer "PYRIDOXAL-5'-PHOSPHATE"
4 non-polymer '(2S)-2-aminopent-4-enoic acid'
5 non-polymer GLYCEROL
6 non-polymer DI(HYDROXYETHYL)ETHER
7 water water
#
_entity_poly.entity_id   1
_entity_poly.type   'polypeptide(L)'
_entity_poly.pdbx_seq_one_letter_code
;SMQEKDASSQGFLPHFQHFATQAIHVGQDPEQWTSRAVVPPISLSTTFKQGAPGQHSGFEYSRSGNPTRNCLEKAVAALD
GAKYCLAFASGLAATVTITHLLKAGDQIICMDDVYGGTNRYFRQVASEFGLKISFVDCSKIKLLEAAITPETKLVWIETP
TNPTQKVIDIEGCAHIVHKHGDIILVVDNTFMSPYFQRPLALGADISMYSATKYMNGHSDVVMGLVSVNCESLHNRLRFL
QNSLGAVPSPIDCYLCNRGLKTLHVRMEKHFKNGMAVAQFLESNPWVEKVIYPGLPSHPQHELVKRQCTGCTGMVTFYIK
GTLQHAEIFLKNLKLFTLAESLGGFESLAELPAIMTHASVLKNDRDVLGISDTLIRLSVGLEDEEDLLEDLDQALKAAHP
PSG
;
_entity_poly.pdbx_strand_id   A,B,C,D
#
# COMPACT_ATOMS: atom_id res chain seq x y z
N GLY A 11 6.31 -41.66 -4.15
CA GLY A 11 5.36 -42.57 -3.44
C GLY A 11 4.21 -41.81 -2.80
N PHE A 12 4.26 -40.49 -2.92
CA PHE A 12 3.18 -39.67 -2.40
C PHE A 12 1.94 -39.69 -3.32
N LEU A 13 0.83 -39.21 -2.78
CA LEU A 13 -0.35 -38.92 -3.57
C LEU A 13 0.09 -38.07 -4.76
N PRO A 14 -0.37 -38.39 -5.98
CA PRO A 14 -0.04 -37.54 -7.11
C PRO A 14 -0.46 -36.09 -6.87
N HIS A 15 0.31 -35.14 -7.39
CA HIS A 15 -0.01 -33.72 -7.25
C HIS A 15 -1.38 -33.38 -7.86
N PHE A 16 -2.08 -32.45 -7.20
CA PHE A 16 -3.42 -32.07 -7.61
C PHE A 16 -3.38 -31.38 -8.96
N GLN A 17 -4.17 -31.89 -9.90
CA GLN A 17 -4.26 -31.32 -11.23
C GLN A 17 -4.76 -29.89 -11.20
N HIS A 18 -4.20 -29.10 -12.11
CA HIS A 18 -4.57 -27.71 -12.37
C HIS A 18 -4.28 -26.73 -11.23
N PHE A 19 -3.56 -27.17 -10.20
CA PHE A 19 -3.32 -26.32 -9.01
C PHE A 19 -2.70 -24.96 -9.36
N ALA A 20 -1.58 -24.98 -10.07
CA ALA A 20 -0.87 -23.76 -10.52
C ALA A 20 -1.75 -22.87 -11.43
N THR A 21 -2.44 -23.48 -12.39
CA THR A 21 -3.38 -22.74 -13.23
C THR A 21 -4.48 -22.05 -12.39
N GLN A 22 -5.07 -22.80 -11.46
CA GLN A 22 -6.15 -22.27 -10.64
C GLN A 22 -5.71 -21.18 -9.68
N ALA A 23 -4.54 -21.36 -9.07
CA ALA A 23 -3.94 -20.36 -8.16
C ALA A 23 -3.74 -19.00 -8.82
N ILE A 24 -3.38 -19.03 -10.11
CA ILE A 24 -3.10 -17.82 -10.86
C ILE A 24 -4.37 -17.22 -11.46
N HIS A 25 -5.37 -18.06 -11.78
CA HIS A 25 -6.51 -17.57 -12.55
C HIS A 25 -7.86 -17.48 -11.84
N VAL A 26 -8.11 -18.31 -10.85
CA VAL A 26 -9.43 -18.34 -10.23
C VAL A 26 -9.66 -17.06 -9.45
N GLY A 27 -10.85 -16.50 -9.66
CA GLY A 27 -11.24 -15.23 -9.09
C GLY A 27 -10.55 -14.04 -9.70
N GLN A 28 -9.78 -14.25 -10.77
CA GLN A 28 -8.96 -13.19 -11.36
C GLN A 28 -9.39 -12.76 -12.77
N ASP A 29 -10.60 -13.16 -13.20
CA ASP A 29 -11.08 -12.91 -14.56
C ASP A 29 -11.11 -11.41 -14.80
N PRO A 30 -10.38 -10.94 -15.84
CA PRO A 30 -10.40 -9.50 -16.19
C PRO A 30 -11.77 -8.93 -16.54
N GLU A 31 -12.70 -9.79 -16.92
CA GLU A 31 -14.05 -9.38 -17.31
C GLU A 31 -14.83 -8.82 -16.12
N GLN A 32 -14.37 -9.12 -14.91
CA GLN A 32 -15.00 -8.56 -13.71
C GLN A 32 -14.92 -7.04 -13.61
N TRP A 33 -13.96 -6.44 -14.30
CA TRP A 33 -13.63 -5.03 -14.15
C TRP A 33 -13.82 -4.31 -15.47
N THR A 34 -14.34 -3.08 -15.39
CA THR A 34 -14.53 -2.25 -16.57
C THR A 34 -13.18 -2.02 -17.28
N SER A 35 -12.10 -2.02 -16.49
CA SER A 35 -10.73 -1.82 -17.02
C SER A 35 -10.13 -3.00 -17.78
N ARG A 36 -10.68 -4.19 -17.55
CA ARG A 36 -10.09 -5.45 -18.00
C ARG A 36 -8.68 -5.66 -17.40
N ALA A 37 -8.42 -5.10 -16.22
CA ALA A 37 -7.18 -5.36 -15.48
C ALA A 37 -6.93 -6.86 -15.34
N VAL A 38 -5.69 -7.31 -15.56
CA VAL A 38 -5.39 -8.75 -15.43
C VAL A 38 -5.14 -9.16 -13.99
N VAL A 39 -4.86 -8.17 -13.14
CA VAL A 39 -4.84 -8.36 -11.69
C VAL A 39 -6.04 -7.60 -11.11
N PRO A 40 -6.82 -8.23 -10.20
CA PRO A 40 -7.93 -7.52 -9.53
C PRO A 40 -7.54 -6.25 -8.76
N PRO A 41 -8.25 -5.12 -9.02
CA PRO A 41 -8.05 -3.88 -8.23
C PRO A 41 -8.26 -4.07 -6.72
N ILE A 42 -7.55 -3.28 -5.90
CA ILE A 42 -7.80 -3.20 -4.48
C ILE A 42 -8.98 -2.24 -4.24
N SER A 43 -10.14 -2.76 -3.88
CA SER A 43 -11.29 -1.90 -3.62
C SER A 43 -11.38 -1.61 -2.13
N LEU A 44 -11.01 -0.39 -1.74
CA LEU A 44 -11.10 0.01 -0.34
C LEU A 44 -12.46 0.60 0.06
N SER A 45 -13.26 1.05 -0.90
CA SER A 45 -14.50 1.74 -0.58
C SER A 45 -15.33 0.97 0.44
N THR A 46 -15.83 1.68 1.44
CA THR A 46 -16.75 1.08 2.41
C THR A 46 -18.21 1.36 2.00
N THR A 47 -18.41 2.33 1.09
CA THR A 47 -19.73 2.77 0.67
C THR A 47 -19.93 2.51 -0.83
N PHE A 48 -21.17 2.21 -1.20
CA PHE A 48 -21.50 1.93 -2.58
C PHE A 48 -22.78 2.67 -2.97
N LYS A 49 -22.75 3.29 -4.15
CA LYS A 49 -23.92 3.99 -4.66
C LYS A 49 -24.98 2.93 -5.01
N GLN A 50 -26.22 3.18 -4.61
CA GLN A 50 -27.30 2.22 -4.82
C GLN A 50 -28.18 2.68 -5.96
N GLY A 65 -19.41 -8.90 0.71
CA GLY A 65 -18.49 -7.94 1.30
C GLY A 65 -17.85 -7.06 0.24
N ASN A 66 -16.69 -7.49 -0.30
CA ASN A 66 -16.01 -6.62 -1.25
C ASN A 66 -15.33 -7.42 -2.34
N PRO A 67 -15.10 -6.77 -3.50
CA PRO A 67 -14.53 -7.47 -4.65
C PRO A 67 -13.20 -8.16 -4.37
N THR A 68 -12.26 -7.45 -3.77
CA THR A 68 -10.90 -7.99 -3.59
C THR A 68 -10.89 -9.21 -2.67
N ARG A 69 -11.64 -9.14 -1.57
CA ARG A 69 -11.85 -10.29 -0.71
C ARG A 69 -12.53 -11.46 -1.43
N ASN A 70 -13.55 -11.14 -2.24
CA ASN A 70 -14.28 -12.22 -2.94
C ASN A 70 -13.37 -12.95 -3.91
N CYS A 71 -12.55 -12.22 -4.64
CA CYS A 71 -11.57 -12.85 -5.53
C CYS A 71 -10.62 -13.83 -4.80
N LEU A 72 -10.15 -13.41 -3.61
CA LEU A 72 -9.28 -14.24 -2.79
C LEU A 72 -9.98 -15.49 -2.32
N GLU A 73 -11.21 -15.33 -1.82
CA GLU A 73 -11.96 -16.47 -1.30
C GLU A 73 -12.26 -17.55 -2.36
N LYS A 74 -12.67 -17.10 -3.54
CA LYS A 74 -12.83 -17.95 -4.71
C LYS A 74 -11.55 -18.74 -5.04
N ALA A 75 -10.41 -18.06 -5.06
CA ALA A 75 -9.13 -18.72 -5.37
C ALA A 75 -8.78 -19.80 -4.36
N VAL A 76 -8.87 -19.45 -3.08
CA VAL A 76 -8.54 -20.38 -2.00
C VAL A 76 -9.51 -21.56 -2.02
N ALA A 77 -10.79 -21.27 -2.23
CA ALA A 77 -11.78 -22.34 -2.36
C ALA A 77 -11.31 -23.34 -3.42
N ALA A 78 -10.96 -22.84 -4.60
CA ALA A 78 -10.49 -23.71 -5.68
C ALA A 78 -9.28 -24.53 -5.25
N LEU A 79 -8.29 -23.88 -4.63
CA LEU A 79 -7.08 -24.58 -4.20
C LEU A 79 -7.36 -25.74 -3.20
N ASP A 80 -8.38 -25.57 -2.38
CA ASP A 80 -8.83 -26.61 -1.46
C ASP A 80 -9.73 -27.68 -2.08
N GLY A 81 -10.15 -27.50 -3.33
CA GLY A 81 -11.21 -28.32 -3.90
C GLY A 81 -12.56 -28.02 -3.25
N ALA A 82 -12.73 -26.82 -2.70
CA ALA A 82 -13.93 -26.47 -1.94
C ALA A 82 -14.93 -25.62 -2.75
N LYS A 83 -16.19 -25.66 -2.35
CA LYS A 83 -17.20 -24.81 -3.00
C LYS A 83 -17.03 -23.39 -2.54
N TYR A 84 -16.66 -23.21 -1.27
CA TYR A 84 -16.62 -21.89 -0.64
C TYR A 84 -15.37 -21.69 0.23
N CYS A 85 -15.05 -20.43 0.47
CA CYS A 85 -14.03 -20.05 1.44
C CYS A 85 -14.39 -18.71 2.04
N LEU A 86 -14.03 -18.49 3.30
CA LEU A 86 -14.26 -17.24 4.02
C LEU A 86 -12.95 -16.76 4.65
N ALA A 87 -12.63 -15.50 4.43
CA ALA A 87 -11.37 -14.91 4.88
C ALA A 87 -11.60 -14.15 6.17
N PHE A 88 -10.60 -14.18 7.05
CA PHE A 88 -10.71 -13.58 8.37
C PHE A 88 -9.47 -12.78 8.71
N ALA A 89 -9.62 -11.94 9.72
CA ALA A 89 -8.56 -11.03 10.18
C ALA A 89 -7.33 -11.76 10.69
N SER A 90 -7.48 -13.04 11.05
CA SER A 90 -6.38 -13.87 11.50
C SER A 90 -6.84 -15.33 11.62
N GLY A 91 -5.88 -16.23 11.75
CA GLY A 91 -6.13 -17.64 12.09
C GLY A 91 -6.93 -17.78 13.37
N LEU A 92 -6.55 -17.04 14.42
CA LEU A 92 -7.31 -17.03 15.68
C LEU A 92 -8.74 -16.55 15.46
N ALA A 93 -8.95 -15.49 14.69
CA ALA A 93 -10.33 -15.02 14.39
C ALA A 93 -11.13 -16.05 13.58
N ALA A 94 -10.47 -16.77 12.68
CA ALA A 94 -11.11 -17.90 12.00
C ALA A 94 -11.57 -18.95 13.01
N THR A 95 -10.70 -19.26 13.96
CA THR A 95 -10.95 -20.23 15.02
C THR A 95 -12.08 -19.77 15.93
N VAL A 96 -12.04 -18.51 16.34
CA VAL A 96 -13.11 -17.92 17.13
C VAL A 96 -14.45 -17.96 16.37
N THR A 97 -14.46 -17.60 15.09
CA THR A 97 -15.69 -17.60 14.31
C THR A 97 -16.27 -19.04 14.21
N ILE A 98 -15.42 -20.01 13.88
CA ILE A 98 -15.84 -21.41 13.79
C ILE A 98 -16.45 -21.89 15.11
N THR A 99 -15.84 -21.48 16.21
CA THR A 99 -16.35 -21.84 17.54
C THR A 99 -17.74 -21.21 17.80
N HIS A 100 -18.02 -20.06 17.18
CA HIS A 100 -19.35 -19.42 17.33
C HIS A 100 -20.47 -20.13 16.53
N LEU A 101 -20.12 -21.22 15.83
CA LEU A 101 -21.08 -22.13 15.22
C LEU A 101 -21.79 -22.95 16.30
N LEU A 102 -21.21 -23.00 17.49
CA LEU A 102 -21.72 -23.81 18.55
C LEU A 102 -22.68 -23.00 19.44
N LYS A 103 -23.05 -23.55 20.58
CA LYS A 103 -23.95 -22.90 21.51
C LYS A 103 -23.59 -23.41 22.89
N ALA A 104 -24.01 -22.70 23.92
CA ALA A 104 -23.72 -23.10 25.28
C ALA A 104 -24.15 -24.54 25.48
N GLY A 105 -23.25 -25.37 26.03
CA GLY A 105 -23.53 -26.78 26.27
C GLY A 105 -22.82 -27.76 25.34
N ASP A 106 -22.37 -27.29 24.17
CA ASP A 106 -21.71 -28.17 23.21
C ASP A 106 -20.30 -28.51 23.71
N GLN A 107 -19.76 -29.64 23.25
CA GLN A 107 -18.40 -30.02 23.60
C GLN A 107 -17.51 -29.93 22.38
N ILE A 108 -16.28 -29.46 22.60
CA ILE A 108 -15.23 -29.42 21.59
C ILE A 108 -14.15 -30.42 21.98
N ILE A 109 -13.80 -31.31 21.04
CA ILE A 109 -12.60 -32.15 21.19
C ILE A 109 -11.50 -31.51 20.35
N CYS A 110 -10.35 -31.21 20.97
CA CYS A 110 -9.25 -30.57 20.29
C CYS A 110 -8.05 -31.50 20.37
N MET A 111 -7.33 -31.60 19.27
CA MET A 111 -6.06 -32.33 19.23
C MET A 111 -5.20 -31.86 20.40
N ASP A 112 -4.49 -32.79 21.04
CA ASP A 112 -3.80 -32.46 22.29
C ASP A 112 -2.60 -31.54 22.04
N ASP A 113 -1.93 -31.70 20.90
CA ASP A 113 -0.83 -30.82 20.47
C ASP A 113 -1.34 -29.87 19.39
N VAL A 114 -1.42 -28.58 19.69
CA VAL A 114 -1.86 -27.58 18.71
C VAL A 114 -1.08 -26.30 18.89
N TYR A 115 -1.23 -25.39 17.93
CA TYR A 115 -0.75 -24.03 18.06
C TYR A 115 -1.12 -23.47 19.45
N GLY A 116 -0.12 -22.95 20.15
CA GLY A 116 -0.31 -22.36 21.47
C GLY A 116 -1.53 -21.46 21.59
N GLY A 117 -1.74 -20.61 20.59
CA GLY A 117 -2.88 -19.70 20.52
C GLY A 117 -4.23 -20.39 20.40
N THR A 118 -4.26 -21.54 19.73
CA THR A 118 -5.47 -22.36 19.67
C THR A 118 -5.77 -23.00 21.03
N ASN A 119 -4.73 -23.54 21.66
CA ASN A 119 -4.83 -24.06 23.02
C ASN A 119 -5.37 -22.98 23.96
N ARG A 120 -4.72 -21.83 23.95
CA ARG A 120 -5.11 -20.73 24.80
C ARG A 120 -6.57 -20.31 24.60
N TYR A 121 -7.00 -20.17 23.35
CA TYR A 121 -8.38 -19.74 23.10
C TYR A 121 -9.41 -20.71 23.69
N PHE A 122 -9.29 -21.99 23.34
CA PHE A 122 -10.23 -23.00 23.82
C PHE A 122 -10.18 -23.09 25.38
N ARG A 123 -8.99 -23.27 25.91
CA ARG A 123 -8.81 -23.49 27.35
C ARG A 123 -9.20 -22.28 28.19
N GLN A 124 -8.83 -21.08 27.77
CA GLN A 124 -9.00 -19.88 28.62
C GLN A 124 -10.21 -18.99 28.29
N VAL A 125 -10.67 -19.00 27.06
CA VAL A 125 -11.76 -18.12 26.68
C VAL A 125 -13.07 -18.91 26.39
N ALA A 126 -13.02 -19.79 25.40
CA ALA A 126 -14.23 -20.52 24.97
C ALA A 126 -14.86 -21.31 26.15
N SER A 127 -14.01 -21.89 26.98
CA SER A 127 -14.44 -22.62 28.16
C SER A 127 -15.36 -21.79 29.09
N GLU A 128 -15.15 -20.47 29.10
CA GLU A 128 -15.90 -19.56 29.96
C GLU A 128 -17.30 -19.23 29.44
N PHE A 129 -17.64 -19.72 28.25
CA PHE A 129 -18.93 -19.41 27.63
C PHE A 129 -19.79 -20.64 27.35
N GLY A 130 -19.84 -21.51 28.35
CA GLY A 130 -20.68 -22.70 28.36
C GLY A 130 -20.30 -23.79 27.39
N LEU A 131 -19.06 -23.76 26.91
CA LEU A 131 -18.52 -24.80 26.02
C LEU A 131 -17.50 -25.66 26.78
N LYS A 132 -17.59 -26.97 26.59
CA LYS A 132 -16.72 -27.95 27.23
C LYS A 132 -15.60 -28.32 26.27
N ILE A 133 -14.35 -28.19 26.72
CA ILE A 133 -13.17 -28.43 25.90
C ILE A 133 -12.43 -29.69 26.41
N SER A 134 -12.30 -30.70 25.57
CA SER A 134 -11.51 -31.89 25.87
C SER A 134 -10.32 -32.00 24.92
N PHE A 135 -9.12 -32.17 25.49
CA PHE A 135 -7.91 -32.35 24.68
C PHE A 135 -7.57 -33.82 24.57
N VAL A 136 -7.50 -34.32 23.34
CA VAL A 136 -7.35 -35.74 23.06
C VAL A 136 -6.32 -36.01 21.96
N ASP A 137 -5.54 -37.07 22.10
CA ASP A 137 -4.56 -37.44 21.07
C ASP A 137 -5.22 -38.17 19.92
N CYS A 138 -5.64 -37.41 18.91
CA CYS A 138 -6.34 -37.98 17.77
C CYS A 138 -5.41 -38.66 16.75
N SER A 139 -4.10 -38.63 16.98
CA SER A 139 -3.17 -39.47 16.22
C SER A 139 -3.43 -40.95 16.52
N LYS A 140 -4.11 -41.21 17.63
CA LYS A 140 -4.58 -42.53 18.01
C LYS A 140 -6.08 -42.57 17.86
N ILE A 141 -6.55 -42.96 16.67
CA ILE A 141 -7.97 -42.91 16.32
C ILE A 141 -8.87 -43.52 17.41
N LYS A 142 -8.43 -44.62 18.01
CA LYS A 142 -9.20 -45.26 19.07
C LYS A 142 -9.57 -44.29 20.17
N LEU A 143 -8.62 -43.43 20.55
CA LEU A 143 -8.84 -42.43 21.60
C LEU A 143 -9.88 -41.38 21.18
N LEU A 144 -9.90 -41.00 19.92
CA LEU A 144 -10.93 -40.10 19.40
C LEU A 144 -12.30 -40.75 19.46
N GLU A 145 -12.39 -41.97 18.92
CA GLU A 145 -13.63 -42.75 18.93
C GLU A 145 -14.22 -42.85 20.34
N ALA A 146 -13.36 -43.08 21.33
CA ALA A 146 -13.76 -43.16 22.74
C ALA A 146 -14.17 -41.84 23.37
N ALA A 147 -13.62 -40.73 22.90
CA ALA A 147 -13.87 -39.43 23.52
C ALA A 147 -15.19 -38.80 23.09
N ILE A 148 -15.72 -39.25 21.96
CA ILE A 148 -16.93 -38.65 21.41
C ILE A 148 -18.10 -38.89 22.37
N THR A 149 -18.91 -37.86 22.55
CA THR A 149 -20.08 -37.92 23.42
C THR A 149 -21.25 -37.37 22.61
N PRO A 150 -22.49 -37.50 23.12
CA PRO A 150 -23.62 -36.93 22.39
C PRO A 150 -23.57 -35.40 22.31
N GLU A 151 -22.85 -34.79 23.25
CA GLU A 151 -22.64 -33.34 23.29
C GLU A 151 -21.48 -32.86 22.40
N THR A 152 -20.70 -33.77 21.84
CA THR A 152 -19.59 -33.42 20.95
C THR A 152 -20.13 -32.85 19.63
N LYS A 153 -19.82 -31.58 19.36
CA LYS A 153 -20.25 -30.95 18.11
C LYS A 153 -19.10 -30.46 17.19
N LEU A 154 -17.90 -30.36 17.75
CA LEU A 154 -16.74 -29.89 16.99
C LEU A 154 -15.52 -30.70 17.36
N VAL A 155 -14.88 -31.27 16.35
CA VAL A 155 -13.59 -31.92 16.50
C VAL A 155 -12.53 -31.10 15.72
N TRP A 156 -11.53 -30.60 16.45
CA TRP A 156 -10.52 -29.66 15.91
C TRP A 156 -9.16 -30.32 15.85
N ILE A 157 -8.67 -30.57 14.65
CA ILE A 157 -7.36 -31.17 14.56
C ILE A 157 -6.40 -30.36 13.70
N GLU A 158 -5.13 -30.50 14.06
CA GLU A 158 -4.01 -30.10 13.22
C GLU A 158 -3.31 -31.36 12.75
N THR A 159 -2.86 -31.37 11.51
CA THR A 159 -1.91 -32.38 11.07
C THR A 159 -1.01 -31.87 9.92
N PRO A 160 0.33 -31.99 10.06
CA PRO A 160 1.05 -32.38 11.28
C PRO A 160 0.83 -31.37 12.40
N THR A 161 0.93 -31.80 13.65
CA THR A 161 0.74 -30.92 14.78
C THR A 161 1.87 -29.89 14.98
N ASN A 162 1.49 -28.72 15.48
CA ASN A 162 2.44 -27.67 15.82
C ASN A 162 2.67 -27.68 17.33
N PRO A 163 3.89 -28.01 17.81
CA PRO A 163 5.17 -28.22 17.11
C PRO A 163 5.72 -29.65 16.99
N THR A 164 5.07 -30.64 17.58
CA THR A 164 5.68 -31.97 17.69
C THR A 164 5.43 -32.83 16.44
N GLN A 165 4.55 -32.36 15.56
CA GLN A 165 4.39 -32.94 14.23
C GLN A 165 3.92 -34.38 14.23
N LYS A 166 2.93 -34.62 15.09
CA LYS A 166 2.16 -35.83 15.04
C LYS A 166 1.21 -35.71 13.86
N VAL A 167 0.98 -36.84 13.22
CA VAL A 167 0.17 -36.92 12.02
C VAL A 167 -1.12 -37.71 12.32
N ILE A 168 -2.24 -37.14 11.90
CA ILE A 168 -3.55 -37.72 12.13
C ILE A 168 -4.06 -38.23 10.80
N ASP A 169 -4.63 -39.43 10.82
CA ASP A 169 -5.31 -40.02 9.69
C ASP A 169 -6.60 -39.26 9.46
N ILE A 170 -6.61 -38.34 8.49
CA ILE A 170 -7.79 -37.46 8.37
C ILE A 170 -9.05 -38.25 7.95
N GLU A 171 -8.93 -39.07 6.92
CA GLU A 171 -10.05 -39.87 6.44
C GLU A 171 -10.61 -40.81 7.52
N GLY A 172 -9.71 -41.46 8.25
CA GLY A 172 -10.06 -42.33 9.38
C GLY A 172 -10.80 -41.57 10.46
N CYS A 173 -10.31 -40.38 10.80
CA CYS A 173 -10.97 -39.54 11.80
C CYS A 173 -12.35 -39.08 11.34
N ALA A 174 -12.45 -38.74 10.07
CA ALA A 174 -13.72 -38.31 9.46
C ALA A 174 -14.78 -39.41 9.53
N HIS A 175 -14.40 -40.62 9.15
CA HIS A 175 -15.33 -41.76 9.22
C HIS A 175 -15.82 -41.95 10.64
N ILE A 176 -14.91 -41.81 11.60
CA ILE A 176 -15.24 -41.98 13.01
C ILE A 176 -16.15 -40.88 13.53
N VAL A 177 -15.83 -39.63 13.22
CA VAL A 177 -16.55 -38.48 13.78
C VAL A 177 -17.94 -38.34 13.12
N HIS A 178 -18.05 -38.79 11.88
CA HIS A 178 -19.28 -38.70 11.12
C HIS A 178 -20.15 -39.96 11.22
N LYS A 179 -19.76 -40.94 12.04
CA LYS A 179 -20.47 -42.21 12.08
C LYS A 179 -21.85 -41.99 12.67
N HIS A 180 -21.89 -41.16 13.71
CA HIS A 180 -23.14 -40.73 14.31
C HIS A 180 -23.15 -39.24 14.62
N GLY A 181 -24.34 -38.74 14.94
CA GLY A 181 -24.47 -37.38 15.41
C GLY A 181 -24.23 -36.37 14.30
N ASP A 182 -24.07 -35.12 14.70
CA ASP A 182 -23.82 -34.04 13.77
C ASP A 182 -22.60 -33.32 14.30
N ILE A 183 -21.42 -33.78 13.87
CA ILE A 183 -20.14 -33.26 14.36
C ILE A 183 -19.34 -32.66 13.22
N ILE A 184 -18.87 -31.44 13.45
CA ILE A 184 -18.06 -30.73 12.46
C ILE A 184 -16.62 -31.18 12.69
N LEU A 185 -15.96 -31.67 11.63
CA LEU A 185 -14.52 -31.97 11.68
C LEU A 185 -13.73 -30.84 11.01
N VAL A 186 -12.94 -30.12 11.81
CA VAL A 186 -12.03 -29.10 11.31
C VAL A 186 -10.62 -29.65 11.22
N VAL A 187 -10.00 -29.48 10.07
CA VAL A 187 -8.57 -29.62 9.94
C VAL A 187 -7.90 -28.26 9.69
N ASP A 188 -7.12 -27.82 10.65
CA ASP A 188 -6.20 -26.69 10.51
C ASP A 188 -5.03 -27.19 9.64
N ASN A 189 -5.04 -26.77 8.38
CA ASN A 189 -4.11 -27.20 7.33
C ASN A 189 -2.97 -26.19 7.09
N THR A 190 -2.73 -25.34 8.09
CA THR A 190 -1.70 -24.29 8.04
C THR A 190 -0.34 -24.78 7.60
N PHE A 191 0.14 -25.87 8.20
CA PHE A 191 1.48 -26.43 7.95
C PHE A 191 1.68 -26.99 6.56
N MET A 192 0.67 -27.68 6.06
CA MET A 192 0.79 -28.35 4.77
C MET A 192 0.51 -27.45 3.55
N SER A 193 -0.51 -26.59 3.65
CA SER A 193 -1.12 -25.88 2.51
C SER A 193 -1.89 -26.89 1.66
N PRO A 194 -2.85 -26.41 0.85
CA PRO A 194 -3.61 -27.30 -0.01
C PRO A 194 -2.81 -27.84 -1.19
N TYR A 195 -1.59 -27.36 -1.34
CA TYR A 195 -0.74 -27.87 -2.38
C TYR A 195 -0.38 -29.29 -1.98
N PHE A 196 -0.20 -29.52 -0.68
CA PHE A 196 0.28 -30.81 -0.19
C PHE A 196 -0.79 -31.67 0.46
N GLN A 197 -1.85 -31.05 0.96
CA GLN A 197 -2.89 -31.78 1.65
C GLN A 197 -4.26 -31.11 1.50
N ARG A 198 -5.25 -31.89 1.09
CA ARG A 198 -6.63 -31.42 0.93
C ARG A 198 -7.60 -32.13 1.88
N PRO A 199 -7.73 -31.61 3.12
CA PRO A 199 -8.59 -32.22 4.16
C PRO A 199 -10.05 -32.44 3.75
N LEU A 200 -10.60 -31.52 2.93
CA LEU A 200 -11.97 -31.70 2.40
C LEU A 200 -12.06 -32.94 1.50
N ALA A 201 -11.02 -33.21 0.74
CA ALA A 201 -10.99 -34.40 -0.11
C ALA A 201 -10.96 -35.67 0.73
N LEU A 202 -10.44 -35.55 1.95
CA LEU A 202 -10.33 -36.70 2.85
C LEU A 202 -11.49 -36.79 3.84
N GLY A 203 -12.51 -35.93 3.71
CA GLY A 203 -13.71 -36.07 4.54
C GLY A 203 -13.87 -35.05 5.63
N ALA A 204 -12.91 -34.12 5.76
CA ALA A 204 -13.07 -33.05 6.75
C ALA A 204 -14.22 -32.17 6.29
N ASP A 205 -14.86 -31.50 7.23
CA ASP A 205 -15.96 -30.58 6.89
C ASP A 205 -15.46 -29.16 6.63
N ILE A 206 -14.33 -28.84 7.26
CA ILE A 206 -13.69 -27.53 7.18
C ILE A 206 -12.17 -27.72 7.08
N SER A 207 -11.58 -27.11 6.05
CA SER A 207 -10.14 -26.92 5.89
C SER A 207 -9.77 -25.45 6.21
N MET A 208 -9.05 -25.26 7.32
CA MET A 208 -8.77 -23.94 7.89
C MET A 208 -7.26 -23.63 7.82
N TYR A 209 -6.94 -22.33 7.71
CA TYR A 209 -5.56 -21.86 7.73
C TYR A 209 -5.36 -20.61 8.56
N SER A 210 -4.19 -20.55 9.20
CA SER A 210 -3.54 -19.28 9.47
C SER A 210 -2.83 -18.99 8.17
N ALA A 211 -3.46 -18.13 7.37
CA ALA A 211 -2.90 -17.69 6.11
C ALA A 211 -1.61 -16.89 6.33
N THR A 212 -1.45 -16.39 7.56
CA THR A 212 -0.23 -15.70 8.01
C THR A 212 1.06 -16.46 7.75
N LYS A 213 0.94 -17.80 7.60
CA LYS A 213 2.07 -18.69 7.43
C LYS A 213 2.30 -18.97 5.91
N TYR A 214 2.18 -20.21 5.45
CA TYR A 214 2.52 -20.57 4.06
C TYR A 214 1.62 -19.95 2.99
N MET A 215 0.33 -19.82 3.28
CA MET A 215 -0.62 -19.41 2.24
C MET A 215 -0.22 -18.08 1.63
N ASN A 216 -0.06 -17.07 2.47
CA ASN A 216 0.54 -15.79 2.03
C ASN A 216 2.04 -15.97 1.76
N GLY A 217 2.75 -16.53 2.74
CA GLY A 217 4.15 -16.96 2.55
C GLY A 217 5.19 -15.88 2.52
N HIS A 218 4.78 -14.63 2.74
CA HIS A 218 5.68 -13.48 2.63
C HIS A 218 5.79 -12.69 3.92
N SER A 219 5.37 -13.29 5.03
CA SER A 219 5.66 -12.75 6.35
C SER A 219 5.16 -11.30 6.52
N ASP A 220 4.09 -10.92 5.83
CA ASP A 220 3.63 -9.56 5.88
C ASP A 220 2.11 -9.39 5.87
N VAL A 221 1.39 -10.48 6.16
CA VAL A 221 -0.06 -10.43 6.25
C VAL A 221 -0.48 -11.35 7.38
N VAL A 222 -1.32 -10.82 8.28
CA VAL A 222 -2.04 -11.64 9.24
C VAL A 222 -3.47 -11.90 8.75
N MET A 223 -3.84 -13.17 8.62
CA MET A 223 -5.13 -13.54 8.04
C MET A 223 -5.48 -14.98 8.36
N GLY A 224 -6.78 -15.21 8.45
CA GLY A 224 -7.39 -16.53 8.56
C GLY A 224 -8.17 -16.88 7.30
N LEU A 225 -8.25 -18.17 7.00
CA LEU A 225 -9.06 -18.66 5.86
C LEU A 225 -9.81 -19.92 6.26
N VAL A 226 -11.04 -20.07 5.77
CA VAL A 226 -11.90 -21.21 6.12
C VAL A 226 -12.58 -21.73 4.84
N SER A 227 -12.18 -22.93 4.39
CA SER A 227 -12.76 -23.56 3.20
C SER A 227 -13.78 -24.60 3.61
N VAL A 228 -14.91 -24.61 2.90
CA VAL A 228 -16.06 -25.40 3.28
C VAL A 228 -16.84 -25.84 2.04
N ASN A 229 -17.48 -27.01 2.12
CA ASN A 229 -18.32 -27.52 1.02
C ASN A 229 -19.80 -27.47 1.38
N CYS A 230 -20.14 -27.87 2.61
CA CYS A 230 -21.52 -28.01 3.03
C CYS A 230 -22.28 -26.69 3.12
N GLU A 231 -23.48 -26.71 2.57
CA GLU A 231 -24.20 -25.50 2.24
C GLU A 231 -24.67 -24.74 3.48
N SER A 232 -25.24 -25.48 4.43
CA SER A 232 -25.76 -24.85 5.62
C SER A 232 -24.62 -24.49 6.59
N LEU A 233 -23.54 -25.25 6.55
CA LEU A 233 -22.36 -24.90 7.32
C LEU A 233 -21.74 -23.58 6.79
N HIS A 234 -21.66 -23.44 5.47
CA HIS A 234 -21.25 -22.19 4.84
C HIS A 234 -22.14 -20.99 5.21
N ASN A 235 -23.45 -21.18 5.16
CA ASN A 235 -24.42 -20.13 5.54
C ASN A 235 -24.25 -19.69 6.99
N ARG A 236 -24.06 -20.66 7.86
CA ARG A 236 -23.78 -20.39 9.26
C ARG A 236 -22.45 -19.61 9.49
N LEU A 237 -21.41 -19.97 8.73
CA LEU A 237 -20.13 -19.28 8.80
C LEU A 237 -20.19 -17.89 8.20
N ARG A 238 -20.86 -17.79 7.07
CA ARG A 238 -21.06 -16.53 6.37
C ARG A 238 -21.78 -15.49 7.20
N PHE A 239 -22.75 -15.99 7.95
CA PHE A 239 -23.46 -15.18 8.89
C PHE A 239 -22.54 -14.66 9.99
N LEU A 240 -21.66 -15.52 10.50
CA LEU A 240 -20.70 -15.12 11.53
C LEU A 240 -19.55 -14.21 11.03
N GLN A 241 -19.09 -14.45 9.80
CA GLN A 241 -18.16 -13.52 9.14
C GLN A 241 -18.73 -12.11 9.18
N ASN A 242 -20.01 -12.00 8.82
CA ASN A 242 -20.76 -10.75 8.84
C ASN A 242 -20.98 -10.17 10.22
N SER A 243 -21.46 -11.01 11.12
CA SER A 243 -21.99 -10.55 12.40
C SER A 243 -20.92 -10.25 13.43
N LEU A 244 -19.86 -11.04 13.42
CA LEU A 244 -18.75 -10.82 14.37
C LEU A 244 -17.69 -9.87 13.83
N GLY A 245 -17.66 -9.67 12.50
CA GLY A 245 -16.85 -8.62 11.87
C GLY A 245 -15.32 -8.75 11.99
N ALA A 246 -14.83 -9.98 12.09
CA ALA A 246 -13.39 -10.27 12.21
C ALA A 246 -12.82 -10.51 10.80
N VAL A 247 -12.98 -9.50 9.97
CA VAL A 247 -12.74 -9.57 8.54
C VAL A 247 -11.43 -8.89 8.20
N PRO A 248 -10.77 -9.37 7.14
CA PRO A 248 -9.49 -8.87 6.73
C PRO A 248 -9.60 -7.61 5.89
N SER A 249 -8.57 -6.78 5.92
CA SER A 249 -8.46 -5.62 5.02
C SER A 249 -8.46 -6.07 3.58
N PRO A 250 -9.17 -5.36 2.71
CA PRO A 250 -9.08 -5.62 1.27
C PRO A 250 -7.64 -5.56 0.71
N ILE A 251 -6.80 -4.67 1.24
CA ILE A 251 -5.41 -4.62 0.77
C ILE A 251 -4.63 -5.89 1.16
N ASP A 252 -4.87 -6.39 2.36
CA ASP A 252 -4.30 -7.65 2.80
C ASP A 252 -4.81 -8.83 1.98
N CYS A 253 -6.09 -8.80 1.61
CA CYS A 253 -6.64 -9.80 0.68
C CYS A 253 -5.86 -9.80 -0.64
N TYR A 254 -5.60 -8.62 -1.18
N TYR A 254 -5.61 -8.61 -1.20
CA TYR A 254 -4.78 -8.51 -2.39
CA TYR A 254 -4.74 -8.49 -2.40
C TYR A 254 -3.35 -9.08 -2.17
C TYR A 254 -3.36 -9.12 -2.16
N LEU A 255 -2.75 -8.77 -1.03
CA LEU A 255 -1.39 -9.24 -0.75
C LEU A 255 -1.35 -10.75 -0.63
N CYS A 256 -2.32 -11.30 0.08
CA CYS A 256 -2.41 -12.78 0.22
C CYS A 256 -2.68 -13.47 -1.13
N ASN A 257 -3.59 -12.91 -1.89
CA ASN A 257 -3.92 -13.47 -3.20
C ASN A 257 -2.70 -13.42 -4.14
N ARG A 258 -1.89 -12.39 -3.98
CA ARG A 258 -0.63 -12.24 -4.70
C ARG A 258 0.36 -13.29 -4.25
N GLY A 259 0.47 -13.51 -2.93
CA GLY A 259 1.29 -14.59 -2.38
C GLY A 259 0.91 -15.97 -2.88
N LEU A 260 -0.38 -16.19 -3.04
CA LEU A 260 -0.95 -17.45 -3.49
C LEU A 260 -0.44 -17.89 -4.84
N LYS A 261 -0.10 -16.93 -5.67
CA LYS A 261 0.28 -17.22 -7.06
C LYS A 261 1.68 -17.84 -7.17
N THR A 262 2.44 -17.82 -6.09
CA THR A 262 3.69 -18.53 -6.04
C THR A 262 3.65 -19.70 -5.06
N LEU A 263 2.48 -20.06 -4.57
CA LEU A 263 2.40 -21.11 -3.56
C LEU A 263 3.03 -22.41 -4.06
N HIS A 264 2.70 -22.81 -5.29
CA HIS A 264 3.23 -24.03 -5.86
C HIS A 264 4.76 -24.07 -5.89
N VAL A 265 5.37 -23.02 -6.45
CA VAL A 265 6.83 -22.93 -6.53
C VAL A 265 7.54 -22.74 -5.16
N ARG A 266 6.91 -22.03 -4.24
CA ARG A 266 7.42 -21.92 -2.86
C ARG A 266 7.36 -23.24 -2.13
N MET A 267 6.22 -23.90 -2.16
CA MET A 267 6.04 -25.16 -1.41
C MET A 267 6.98 -26.25 -1.87
N GLU A 268 7.15 -26.38 -3.18
CA GLU A 268 8.10 -27.35 -3.71
C GLU A 268 9.54 -27.07 -3.24
N LYS A 269 9.90 -25.80 -3.13
CA LYS A 269 11.24 -25.46 -2.62
C LYS A 269 11.33 -25.72 -1.12
N HIS A 270 10.27 -25.38 -0.36
CA HIS A 270 10.19 -25.73 1.07
C HIS A 270 10.40 -27.26 1.31
N PHE A 271 9.78 -28.07 0.47
CA PHE A 271 9.93 -29.52 0.53
C PHE A 271 11.37 -29.95 0.28
N LYS A 272 12.01 -29.47 -0.78
CA LYS A 272 13.39 -29.84 -1.09
C LYS A 272 14.33 -29.41 0.06
N ASN A 273 14.21 -28.15 0.49
CA ASN A 273 15.08 -27.63 1.54
C ASN A 273 14.80 -28.28 2.91
N GLY A 274 13.54 -28.55 3.20
CA GLY A 274 13.13 -29.12 4.47
C GLY A 274 13.61 -30.55 4.60
N MET A 275 13.54 -31.28 3.49
CA MET A 275 14.01 -32.66 3.47
C MET A 275 15.55 -32.72 3.64
N ALA A 276 16.28 -31.87 2.92
CA ALA A 276 17.73 -31.77 3.09
C ALA A 276 18.10 -31.42 4.54
N VAL A 277 17.36 -30.48 5.14
CA VAL A 277 17.61 -30.10 6.52
C VAL A 277 17.35 -31.25 7.47
N ALA A 278 16.24 -31.95 7.28
CA ALA A 278 15.85 -33.06 8.13
C ALA A 278 16.88 -34.19 8.07
N GLN A 279 17.29 -34.53 6.85
CA GLN A 279 18.24 -35.62 6.64
C GLN A 279 19.58 -35.26 7.25
N PHE A 280 20.01 -34.02 7.03
CA PHE A 280 21.24 -33.51 7.64
C PHE A 280 21.22 -33.62 9.18
N LEU A 281 20.13 -33.21 9.81
CA LEU A 281 19.99 -33.23 11.28
C LEU A 281 19.96 -34.65 11.83
N GLU A 282 19.22 -35.53 11.17
CA GLU A 282 19.15 -36.90 11.66
C GLU A 282 20.51 -37.66 11.58
N SER A 283 21.35 -37.28 10.63
CA SER A 283 22.69 -37.85 10.48
C SER A 283 23.74 -37.14 11.34
N ASN A 284 23.32 -36.17 12.12
CA ASN A 284 24.21 -35.35 12.93
C ASN A 284 24.21 -35.93 14.35
N PRO A 285 25.40 -36.24 14.89
CA PRO A 285 25.44 -36.91 16.18
C PRO A 285 25.13 -36.00 17.39
N TRP A 286 25.03 -34.69 17.20
CA TRP A 286 24.55 -33.81 18.28
C TRP A 286 23.01 -33.68 18.33
N VAL A 287 22.31 -34.35 17.42
CA VAL A 287 20.87 -34.30 17.37
C VAL A 287 20.28 -35.58 17.93
N GLU A 288 19.45 -35.44 18.95
CA GLU A 288 18.88 -36.57 19.62
C GLU A 288 17.81 -37.28 18.77
N LYS A 289 16.98 -36.49 18.11
CA LYS A 289 15.83 -37.03 17.37
C LYS A 289 15.29 -35.96 16.44
N VAL A 290 14.98 -36.35 15.23
CA VAL A 290 14.37 -35.45 14.24
C VAL A 290 12.93 -35.91 14.00
N ILE A 291 12.01 -34.95 13.94
CA ILE A 291 10.63 -35.26 13.58
C ILE A 291 10.28 -34.50 12.30
N TYR A 292 10.23 -35.25 11.20
CA TYR A 292 9.90 -34.70 9.88
C TYR A 292 9.12 -35.74 9.06
N PRO A 293 7.88 -35.41 8.71
CA PRO A 293 7.02 -36.35 8.00
C PRO A 293 7.61 -37.00 6.76
N GLY A 294 8.56 -36.33 6.12
CA GLY A 294 9.21 -36.85 4.92
C GLY A 294 10.33 -37.83 5.14
N LEU A 295 10.79 -38.01 6.38
CA LEU A 295 11.78 -39.03 6.72
C LEU A 295 11.09 -40.35 7.06
N PRO A 296 11.64 -41.48 6.58
CA PRO A 296 11.09 -42.79 6.95
C PRO A 296 11.06 -43.08 8.44
N SER A 297 11.88 -42.38 9.21
CA SER A 297 11.88 -42.49 10.65
C SER A 297 10.60 -41.95 11.26
N HIS A 298 9.86 -41.10 10.56
CA HIS A 298 8.66 -40.54 11.18
C HIS A 298 7.65 -41.65 11.39
N PRO A 299 7.04 -41.72 12.56
CA PRO A 299 6.11 -42.82 12.84
C PRO A 299 4.94 -42.94 11.90
N GLN A 300 4.49 -41.83 11.32
CA GLN A 300 3.37 -41.86 10.39
C GLN A 300 3.81 -41.62 8.94
N HIS A 301 5.07 -41.88 8.62
CA HIS A 301 5.58 -41.63 7.28
C HIS A 301 4.73 -42.23 6.13
N GLU A 302 4.34 -43.48 6.27
CA GLU A 302 3.52 -44.13 5.25
C GLU A 302 2.12 -43.53 5.15
N LEU A 303 1.54 -43.12 6.27
CA LEU A 303 0.27 -42.42 6.26
C LEU A 303 0.38 -41.08 5.54
N VAL A 304 1.46 -40.36 5.84
CA VAL A 304 1.77 -39.10 5.16
C VAL A 304 1.79 -39.26 3.64
N LYS A 305 2.50 -40.27 3.15
CA LYS A 305 2.50 -40.53 1.70
C LYS A 305 1.12 -40.91 1.13
N ARG A 306 0.22 -41.47 1.94
CA ARG A 306 -1.12 -41.82 1.46
C ARG A 306 -2.04 -40.60 1.39
N GLN A 307 -1.86 -39.65 2.30
CA GLN A 307 -2.81 -38.53 2.40
C GLN A 307 -2.20 -37.19 2.00
N CYS A 308 -0.93 -37.19 1.59
CA CYS A 308 -0.27 -35.97 1.18
C CYS A 308 0.42 -36.13 -0.14
N THR A 309 0.58 -35.01 -0.85
CA THR A 309 1.36 -34.98 -2.10
C THR A 309 2.88 -34.65 -1.90
N GLY A 310 3.27 -34.33 -0.67
CA GLY A 310 4.64 -33.92 -0.39
C GLY A 310 4.69 -33.40 1.03
N CYS A 311 5.83 -32.83 1.42
CA CYS A 311 6.02 -32.32 2.79
C CYS A 311 6.49 -30.87 2.78
N THR A 312 6.41 -30.20 3.92
CA THR A 312 6.72 -28.73 3.96
C THR A 312 8.08 -28.43 4.57
N GLY A 313 8.31 -27.18 4.97
CA GLY A 313 9.61 -26.73 5.45
C GLY A 313 9.75 -26.85 6.95
N MET A 314 8.71 -27.32 7.60
CA MET A 314 8.70 -27.43 9.05
C MET A 314 9.45 -28.69 9.51
N VAL A 315 10.51 -28.47 10.28
CA VAL A 315 11.34 -29.56 10.79
C VAL A 315 11.52 -29.37 12.27
N THR A 316 11.09 -30.38 13.03
CA THR A 316 11.26 -30.35 14.47
C THR A 316 12.39 -31.30 14.85
N PHE A 317 13.26 -30.84 15.77
CA PHE A 317 14.27 -31.71 16.32
C PHE A 317 14.52 -31.44 17.80
N TYR A 318 15.07 -32.45 18.44
CA TYR A 318 15.56 -32.38 19.79
C TYR A 318 17.07 -32.37 19.76
N ILE A 319 17.65 -31.33 20.34
CA ILE A 319 19.08 -31.26 20.51
C ILE A 319 19.48 -32.16 21.71
N LYS A 320 20.64 -32.78 21.59
CA LYS A 320 21.22 -33.50 22.71
C LYS A 320 21.66 -32.48 23.76
N GLY A 321 21.67 -32.92 25.01
CA GLY A 321 22.08 -32.05 26.11
C GLY A 321 20.86 -31.42 26.80
N THR A 322 20.93 -30.13 27.06
CA THR A 322 19.95 -29.43 27.90
C THR A 322 19.51 -28.13 27.24
N LEU A 323 18.66 -27.38 27.94
CA LEU A 323 18.29 -26.03 27.51
C LEU A 323 19.48 -25.19 27.06
N GLN A 324 20.58 -25.27 27.83
CA GLN A 324 21.78 -24.49 27.50
C GLN A 324 22.29 -24.75 26.08
N HIS A 325 22.34 -26.02 25.68
CA HIS A 325 22.80 -26.38 24.34
C HIS A 325 21.84 -25.84 23.27
N ALA A 326 20.55 -25.97 23.53
CA ALA A 326 19.52 -25.38 22.67
C ALA A 326 19.73 -23.87 22.52
N GLU A 327 19.97 -23.19 23.63
CA GLU A 327 20.11 -21.76 23.63
C GLU A 327 21.39 -21.33 22.92
N ILE A 328 22.51 -22.00 23.20
CA ILE A 328 23.77 -21.74 22.47
C ILE A 328 23.63 -21.99 20.95
N PHE A 329 22.97 -23.09 20.60
CA PHE A 329 22.66 -23.41 19.21
C PHE A 329 21.95 -22.24 18.57
N LEU A 330 20.85 -21.80 19.17
CA LEU A 330 20.06 -20.68 18.63
C LEU A 330 20.84 -19.36 18.54
N LYS A 331 21.63 -19.06 19.57
CA LYS A 331 22.47 -17.83 19.56
C LYS A 331 23.49 -17.78 18.41
N ASN A 332 23.92 -18.95 17.97
CA ASN A 332 24.97 -19.06 17.01
C ASN A 332 24.54 -19.08 15.54
N LEU A 333 23.24 -19.20 15.31
CA LEU A 333 22.69 -19.18 13.95
C LEU A 333 22.92 -17.81 13.34
N LYS A 334 23.40 -17.78 12.10
CA LYS A 334 23.64 -16.54 11.41
C LYS A 334 22.79 -16.33 10.16
N LEU A 335 21.94 -17.30 9.81
CA LEU A 335 21.08 -17.22 8.62
C LEU A 335 19.62 -17.47 9.00
N PHE A 336 19.39 -18.59 9.66
CA PHE A 336 18.16 -18.78 10.38
C PHE A 336 18.06 -17.60 11.33
N THR A 337 16.85 -17.07 11.46
CA THR A 337 16.61 -15.99 12.40
C THR A 337 15.79 -16.51 13.55
N LEU A 338 16.15 -16.09 14.76
CA LEU A 338 15.40 -16.43 15.95
C LEU A 338 14.14 -15.55 16.01
N ALA A 339 12.98 -16.19 15.83
CA ALA A 339 11.72 -15.49 15.75
C ALA A 339 10.54 -16.45 15.77
N GLU A 340 9.37 -15.94 16.18
CA GLU A 340 8.15 -16.71 16.07
C GLU A 340 7.57 -16.63 14.64
N SER A 341 6.54 -17.42 14.40
CA SER A 341 5.90 -17.55 13.07
C SER A 341 6.66 -18.55 12.19
N LEU A 342 6.17 -18.77 10.97
CA LEU A 342 6.62 -19.86 10.08
C LEU A 342 5.98 -19.65 8.73
N GLY A 343 6.46 -20.37 7.71
CA GLY A 343 5.77 -20.41 6.44
C GLY A 343 6.20 -19.36 5.44
N GLY A 344 7.17 -18.55 5.84
CA GLY A 344 7.65 -17.46 5.03
C GLY A 344 8.84 -17.87 4.24
N PHE A 345 9.29 -16.97 3.37
CA PHE A 345 10.45 -17.22 2.52
C PHE A 345 11.75 -17.34 3.31
N GLU A 346 11.80 -16.73 4.48
CA GLU A 346 13.02 -16.70 5.29
C GLU A 346 13.03 -17.85 6.29
N SER A 347 14.22 -18.37 6.55
CA SER A 347 14.36 -19.47 7.52
C SER A 347 14.31 -18.94 8.96
N LEU A 348 13.51 -19.60 9.80
CA LEU A 348 13.33 -19.18 11.18
C LEU A 348 13.61 -20.34 12.08
N ALA A 349 14.08 -20.04 13.28
CA ALA A 349 14.20 -21.05 14.32
C ALA A 349 13.58 -20.56 15.61
N GLU A 350 13.03 -21.48 16.40
CA GLU A 350 12.52 -21.12 17.71
C GLU A 350 12.57 -22.28 18.71
N LEU A 351 12.35 -21.92 19.97
CA LEU A 351 12.29 -22.85 21.08
C LEU A 351 10.85 -22.74 21.60
N PRO A 352 9.95 -23.62 21.10
CA PRO A 352 8.53 -23.47 21.36
C PRO A 352 8.15 -23.32 22.83
N ALA A 353 8.81 -24.08 23.71
CA ALA A 353 8.46 -24.07 25.13
C ALA A 353 8.56 -22.68 25.77
N ILE A 354 9.41 -21.82 25.21
CA ILE A 354 9.66 -20.48 25.74
C ILE A 354 9.07 -19.41 24.85
N MET A 355 8.77 -19.76 23.60
CA MET A 355 8.33 -18.78 22.64
C MET A 355 6.85 -19.02 22.24
N THR A 356 6.58 -19.62 21.07
CA THR A 356 5.21 -19.74 20.57
C THR A 356 4.28 -20.57 21.45
N HIS A 357 4.84 -21.46 22.26
CA HIS A 357 4.03 -22.34 23.10
C HIS A 357 4.24 -22.07 24.59
N ALA A 358 4.72 -20.88 24.96
CA ALA A 358 4.74 -20.43 26.36
C ALA A 358 3.31 -20.40 26.94
N SER A 359 2.33 -20.19 26.05
CA SER A 359 0.89 -20.18 26.36
C SER A 359 0.30 -21.55 26.67
N VAL A 360 1.06 -22.61 26.42
CA VAL A 360 0.65 -23.95 26.84
C VAL A 360 1.18 -24.18 28.26
N LEU A 361 0.30 -24.64 29.15
CA LEU A 361 0.69 -24.98 30.51
C LEU A 361 1.91 -25.91 30.54
N LYS A 362 2.81 -25.65 31.49
CA LYS A 362 4.05 -26.43 31.66
C LYS A 362 3.77 -27.95 31.62
N ASN A 363 2.85 -28.40 32.46
CA ASN A 363 2.52 -29.84 32.56
C ASN A 363 2.03 -30.41 31.24
N ASP A 364 1.23 -29.63 30.51
CA ASP A 364 0.74 -30.04 29.19
C ASP A 364 1.92 -30.20 28.23
N ARG A 365 2.81 -29.20 28.25
CA ARG A 365 4.05 -29.23 27.46
C ARG A 365 4.88 -30.50 27.71
N ASP A 366 5.09 -30.82 28.97
CA ASP A 366 5.93 -31.97 29.35
C ASP A 366 5.34 -33.27 28.84
N VAL A 367 4.03 -33.46 29.02
CA VAL A 367 3.30 -34.63 28.50
C VAL A 367 3.42 -34.68 26.97
N LEU A 368 3.30 -33.52 26.33
CA LEU A 368 3.31 -33.42 24.85
C LEU A 368 4.70 -33.63 24.22
N GLY A 369 5.76 -33.47 25.01
CA GLY A 369 7.14 -33.57 24.51
C GLY A 369 7.74 -32.24 24.11
N ILE A 370 7.07 -31.14 24.46
CA ILE A 370 7.55 -29.80 24.16
C ILE A 370 8.49 -29.38 25.27
N SER A 371 9.69 -29.99 25.25
CA SER A 371 10.70 -29.86 26.29
C SER A 371 11.63 -28.67 26.05
N ASP A 372 12.56 -28.49 26.97
CA ASP A 372 13.64 -27.51 26.88
C ASP A 372 14.58 -27.72 25.69
N THR A 373 14.57 -28.90 25.08
CA THR A 373 15.46 -29.19 23.96
C THR A 373 14.76 -29.44 22.61
N LEU A 374 13.45 -29.24 22.58
CA LEU A 374 12.71 -29.26 21.32
C LEU A 374 12.92 -27.91 20.62
N ILE A 375 13.50 -28.00 19.42
CA ILE A 375 13.68 -26.85 18.56
C ILE A 375 12.77 -26.99 17.33
N ARG A 376 12.09 -25.93 16.95
CA ARG A 376 11.34 -25.95 15.70
C ARG A 376 11.94 -25.02 14.63
N LEU A 377 12.17 -25.58 13.43
CA LEU A 377 12.65 -24.83 12.28
C LEU A 377 11.56 -24.67 11.25
N SER A 378 11.45 -23.44 10.74
CA SER A 378 10.68 -23.19 9.54
C SER A 378 11.71 -22.94 8.46
N VAL A 379 11.98 -23.94 7.64
CA VAL A 379 13.01 -23.84 6.61
C VAL A 379 12.44 -23.04 5.41
N GLY A 380 13.15 -21.98 5.03
CA GLY A 380 12.70 -21.04 4.01
C GLY A 380 13.30 -21.38 2.66
N LEU A 381 13.43 -20.37 1.80
CA LEU A 381 13.75 -20.61 0.39
C LEU A 381 15.18 -20.29 -0.02
N GLU A 382 16.03 -20.10 0.97
CA GLU A 382 17.44 -19.79 0.75
C GLU A 382 18.15 -21.00 0.12
N ASP A 383 19.37 -20.77 -0.35
CA ASP A 383 20.19 -21.84 -0.89
C ASP A 383 20.42 -22.95 0.12
N GLU A 384 20.16 -24.18 -0.30
CA GLU A 384 20.31 -25.34 0.57
C GLU A 384 21.66 -25.39 1.32
N GLU A 385 22.77 -25.17 0.61
CA GLU A 385 24.10 -25.27 1.22
C GLU A 385 24.31 -24.22 2.34
N ASP A 386 23.75 -23.02 2.15
CA ASP A 386 23.83 -21.96 3.14
C ASP A 386 23.10 -22.36 4.42
N LEU A 387 21.92 -22.95 4.27
CA LEU A 387 21.14 -23.39 5.43
C LEU A 387 21.82 -24.56 6.20
N LEU A 388 22.39 -25.53 5.48
CA LEU A 388 23.00 -26.69 6.14
C LEU A 388 24.29 -26.25 6.88
N GLU A 389 25.00 -25.29 6.28
CA GLU A 389 26.21 -24.74 6.86
C GLU A 389 25.91 -24.02 8.18
N ASP A 390 24.81 -23.27 8.18
CA ASP A 390 24.40 -22.53 9.37
C ASP A 390 24.11 -23.48 10.51
N LEU A 391 23.36 -24.53 10.19
CA LEU A 391 22.99 -25.52 11.18
C LEU A 391 24.20 -26.26 11.71
N ASP A 392 25.10 -26.67 10.80
CA ASP A 392 26.33 -27.33 11.17
C ASP A 392 27.18 -26.52 12.19
N GLN A 393 27.46 -25.25 11.88
CA GLN A 393 28.35 -24.46 12.72
C GLN A 393 27.69 -24.15 14.07
N ALA A 394 26.38 -23.95 14.06
CA ALA A 394 25.66 -23.67 15.27
C ALA A 394 25.63 -24.88 16.22
N LEU A 395 25.42 -26.09 15.67
CA LEU A 395 25.47 -27.32 16.51
C LEU A 395 26.86 -27.53 17.09
N LYS A 396 27.87 -27.34 16.25
CA LYS A 396 29.27 -27.35 16.67
C LYS A 396 29.60 -26.37 17.81
N ALA A 397 29.01 -25.17 17.79
CA ALA A 397 29.23 -24.21 18.83
C ALA A 397 28.63 -24.70 20.18
N ALA A 398 27.50 -25.42 20.11
CA ALA A 398 26.83 -25.92 21.31
C ALA A 398 27.50 -27.19 21.86
N HIS A 399 28.09 -27.98 20.97
CA HIS A 399 28.74 -29.22 21.35
C HIS A 399 30.13 -29.24 20.74
N PRO A 400 31.11 -28.58 21.39
CA PRO A 400 32.40 -28.46 20.73
C PRO A 400 33.23 -29.78 20.67
N GLY B 11 -22.61 28.03 23.36
CA GLY B 11 -22.70 27.56 24.77
C GLY B 11 -22.39 26.09 24.95
N PHE B 12 -21.72 25.49 23.97
CA PHE B 12 -21.25 24.11 24.10
C PHE B 12 -20.04 24.05 25.06
N LEU B 13 -19.74 22.87 25.60
CA LEU B 13 -18.46 22.62 26.26
C LEU B 13 -17.36 23.25 25.43
N PRO B 14 -16.40 23.93 26.06
CA PRO B 14 -15.30 24.50 25.28
C PRO B 14 -14.50 23.39 24.57
N HIS B 15 -13.97 23.66 23.39
CA HIS B 15 -13.23 22.67 22.64
C HIS B 15 -12.01 22.16 23.42
N PHE B 16 -11.70 20.88 23.22
CA PHE B 16 -10.65 20.21 24.00
C PHE B 16 -9.29 20.76 23.60
N GLN B 17 -8.54 21.17 24.60
CA GLN B 17 -7.24 21.81 24.39
C GLN B 17 -6.24 20.86 23.73
N HIS B 18 -5.45 21.41 22.80
CA HIS B 18 -4.35 20.69 22.14
C HIS B 18 -4.79 19.54 21.27
N PHE B 19 -6.07 19.49 20.94
CA PHE B 19 -6.64 18.35 20.21
C PHE B 19 -5.94 18.24 18.83
N ALA B 20 -5.82 19.35 18.10
CA ALA B 20 -5.20 19.31 16.78
C ALA B 20 -3.71 18.97 16.87
N THR B 21 -3.02 19.58 17.83
CA THR B 21 -1.62 19.25 18.09
C THR B 21 -1.44 17.75 18.38
N GLN B 22 -2.30 17.21 19.21
CA GLN B 22 -2.19 15.82 19.60
C GLN B 22 -2.55 14.89 18.44
N ALA B 23 -3.60 15.23 17.68
CA ALA B 23 -3.98 14.46 16.49
C ALA B 23 -2.82 14.23 15.51
N ILE B 24 -2.01 15.28 15.36
CA ILE B 24 -0.92 15.30 14.41
C ILE B 24 0.35 14.68 14.99
N HIS B 25 0.57 14.78 16.29
CA HIS B 25 1.89 14.42 16.86
C HIS B 25 1.97 13.21 17.75
N VAL B 26 0.87 12.85 18.42
CA VAL B 26 0.91 11.73 19.37
C VAL B 26 1.03 10.40 18.65
N GLY B 27 2.01 9.60 19.07
CA GLY B 27 2.39 8.35 18.40
C GLY B 27 3.30 8.52 17.19
N GLN B 28 3.55 9.76 16.80
CA GLN B 28 4.20 10.05 15.52
C GLN B 28 5.61 10.60 15.68
N ASP B 29 6.20 10.39 16.86
CA ASP B 29 7.50 10.94 17.17
C ASP B 29 8.57 10.27 16.28
N PRO B 30 9.34 11.09 15.54
CA PRO B 30 10.38 10.60 14.63
C PRO B 30 11.48 9.84 15.33
N GLU B 31 11.66 10.07 16.63
CA GLU B 31 12.69 9.37 17.41
C GLU B 31 12.43 7.87 17.56
N GLN B 32 11.22 7.44 17.21
CA GLN B 32 10.87 6.03 17.24
C GLN B 32 11.59 5.21 16.19
N TRP B 33 12.01 5.88 15.12
CA TRP B 33 12.46 5.20 13.91
C TRP B 33 13.91 5.55 13.71
N THR B 34 14.69 4.56 13.29
CA THR B 34 16.08 4.78 12.97
C THR B 34 16.25 5.82 11.88
N SER B 35 15.27 5.89 10.97
CA SER B 35 15.25 6.85 9.86
C SER B 35 14.89 8.30 10.24
N ARG B 36 14.33 8.49 11.44
CA ARG B 36 13.76 9.76 11.87
C ARG B 36 12.64 10.28 10.96
N ALA B 37 11.91 9.36 10.34
CA ALA B 37 10.77 9.73 9.50
C ALA B 37 9.77 10.52 10.31
N VAL B 38 9.26 11.58 9.71
CA VAL B 38 8.27 12.43 10.31
C VAL B 38 6.90 11.73 10.37
N VAL B 39 6.63 10.78 9.46
CA VAL B 39 5.44 9.97 9.46
C VAL B 39 5.82 8.53 9.78
N PRO B 40 5.10 7.86 10.73
CA PRO B 40 5.43 6.45 10.96
C PRO B 40 5.39 5.58 9.72
N PRO B 41 6.41 4.73 9.53
CA PRO B 41 6.36 3.68 8.51
C PRO B 41 5.23 2.68 8.73
N ILE B 42 4.78 2.08 7.63
CA ILE B 42 3.83 1.00 7.66
C ILE B 42 4.63 -0.28 7.79
N SER B 43 4.61 -0.89 8.98
CA SER B 43 5.34 -2.12 9.22
C SER B 43 4.41 -3.32 9.04
N LEU B 44 4.61 -4.05 7.94
CA LEU B 44 3.77 -5.24 7.64
C LEU B 44 4.32 -6.51 8.23
N SER B 45 5.61 -6.51 8.54
CA SER B 45 6.26 -7.70 9.12
C SER B 45 5.40 -8.38 10.16
N THR B 46 5.16 -9.69 9.97
CA THR B 46 4.40 -10.49 10.94
C THR B 46 5.28 -10.86 12.11
N THR B 47 6.60 -10.87 11.90
CA THR B 47 7.47 -11.31 12.96
C THR B 47 8.73 -10.43 13.07
N PHE B 48 9.46 -10.67 14.15
CA PHE B 48 10.53 -9.77 14.62
C PHE B 48 11.62 -10.62 15.22
N LYS B 49 12.87 -10.25 14.93
CA LYS B 49 14.03 -10.95 15.43
C LYS B 49 14.14 -10.80 16.94
N GLN B 50 14.38 -11.91 17.65
CA GLN B 50 14.69 -11.85 19.09
C GLN B 50 16.18 -12.07 19.37
N GLY B 51 16.68 -11.44 20.43
CA GLY B 51 18.07 -11.67 20.89
C GLY B 51 18.30 -13.02 21.56
N ALA B 52 17.31 -13.46 22.33
CA ALA B 52 17.36 -14.73 23.04
C ALA B 52 15.92 -15.18 23.19
N PRO B 53 15.68 -16.50 23.31
CA PRO B 53 14.31 -16.92 23.51
C PRO B 53 13.65 -16.27 24.75
N GLY B 54 12.36 -15.97 24.64
CA GLY B 54 11.57 -15.57 25.81
C GLY B 54 12.13 -14.48 26.71
N GLN B 55 12.67 -13.43 26.09
CA GLN B 55 13.12 -12.25 26.82
CA GLN B 55 13.10 -12.25 26.85
C GLN B 55 11.93 -11.25 26.96
N HIS B 56 12.10 -10.22 27.80
CA HIS B 56 10.98 -9.33 28.13
C HIS B 56 10.88 -8.04 27.30
N SER B 57 11.28 -8.09 26.02
CA SER B 57 11.34 -6.86 25.21
C SER B 57 10.93 -6.99 23.73
N GLY B 58 10.50 -5.86 23.17
CA GLY B 58 10.26 -5.70 21.75
C GLY B 58 9.06 -6.43 21.20
N PHE B 59 8.75 -6.15 19.94
CA PHE B 59 7.66 -6.86 19.27
C PHE B 59 8.11 -8.29 19.04
N GLU B 60 7.15 -9.21 19.11
CA GLU B 60 7.44 -10.61 18.84
C GLU B 60 6.56 -11.21 17.76
N TYR B 61 5.33 -10.70 17.65
CA TYR B 61 4.38 -11.19 16.68
C TYR B 61 3.32 -10.11 16.42
N SER B 62 3.05 -9.87 15.14
CA SER B 62 2.24 -8.74 14.67
C SER B 62 0.85 -8.65 15.31
N ARG B 63 0.17 -9.80 15.39
CA ARG B 63 -1.17 -9.84 15.97
C ARG B 63 -1.18 -9.33 17.40
N SER B 64 -0.10 -9.62 18.14
CA SER B 64 0.04 -9.24 19.53
C SER B 64 0.30 -7.75 19.70
N GLY B 65 1.06 -7.20 18.75
CA GLY B 65 1.39 -5.79 18.75
C GLY B 65 2.34 -5.53 17.61
N ASN B 66 2.23 -4.34 17.02
CA ASN B 66 3.09 -3.93 15.91
C ASN B 66 3.21 -2.42 15.83
N PRO B 67 4.34 -1.92 15.29
CA PRO B 67 4.64 -0.49 15.31
C PRO B 67 3.50 0.43 14.86
N THR B 68 2.94 0.18 13.68
CA THR B 68 1.91 1.05 13.10
C THR B 68 0.58 1.05 13.86
N ARG B 69 0.10 -0.13 14.28
CA ARG B 69 -1.08 -0.21 15.11
C ARG B 69 -0.86 0.48 16.44
N ASN B 70 0.30 0.22 17.04
CA ASN B 70 0.57 0.80 18.33
C ASN B 70 0.60 2.33 18.26
N CYS B 71 1.13 2.91 17.16
CA CYS B 71 1.15 4.38 17.03
C CYS B 71 -0.25 4.94 16.94
N LEU B 72 -1.11 4.24 16.21
CA LEU B 72 -2.52 4.61 16.08
C LEU B 72 -3.23 4.58 17.43
N GLU B 73 -3.03 3.50 18.19
CA GLU B 73 -3.69 3.35 19.50
C GLU B 73 -3.24 4.49 20.42
N LYS B 74 -1.95 4.78 20.44
CA LYS B 74 -1.44 5.94 21.17
C LYS B 74 -2.22 7.22 20.82
N ALA B 75 -2.36 7.52 19.53
CA ALA B 75 -3.03 8.77 19.10
C ALA B 75 -4.51 8.82 19.47
N VAL B 76 -5.22 7.75 19.16
CA VAL B 76 -6.64 7.70 19.49
C VAL B 76 -6.85 7.82 21.01
N ALA B 77 -6.02 7.13 21.80
CA ALA B 77 -6.11 7.26 23.27
C ALA B 77 -6.05 8.74 23.71
N ALA B 78 -5.07 9.49 23.20
CA ALA B 78 -4.95 10.91 23.50
C ALA B 78 -6.15 11.71 23.08
N LEU B 79 -6.70 11.42 21.92
CA LEU B 79 -7.86 12.16 21.46
C LEU B 79 -9.11 11.89 22.31
N ASP B 80 -9.19 10.70 22.92
CA ASP B 80 -10.25 10.37 23.90
C ASP B 80 -9.96 10.86 25.32
N GLY B 81 -8.76 11.39 25.55
CA GLY B 81 -8.30 11.70 26.89
C GLY B 81 -8.09 10.45 27.71
N ALA B 82 -7.74 9.36 27.03
CA ALA B 82 -7.67 8.04 27.63
C ALA B 82 -6.23 7.61 27.85
N LYS B 83 -6.05 6.71 28.81
CA LYS B 83 -4.73 6.10 29.03
C LYS B 83 -4.39 5.13 27.90
N TYR B 84 -5.39 4.41 27.40
CA TYR B 84 -5.12 3.32 26.47
C TYR B 84 -6.16 3.23 25.36
N CYS B 85 -5.72 2.68 24.24
CA CYS B 85 -6.64 2.38 23.15
C CYS B 85 -6.25 1.06 22.49
N LEU B 86 -7.26 0.34 22.03
CA LEU B 86 -7.07 -0.93 21.34
C LEU B 86 -7.78 -0.85 20.00
N ALA B 87 -7.07 -1.20 18.92
CA ALA B 87 -7.63 -1.22 17.57
C ALA B 87 -8.02 -2.63 17.14
N PHE B 88 -9.14 -2.71 16.40
CA PHE B 88 -9.76 -3.96 15.94
C PHE B 88 -10.13 -3.88 14.47
N ALA B 89 -10.35 -5.05 13.89
CA ALA B 89 -10.70 -5.22 12.48
C ALA B 89 -11.97 -4.50 12.05
N SER B 90 -12.88 -4.25 13.00
CA SER B 90 -14.15 -3.59 12.75
C SER B 90 -14.79 -3.15 14.07
N GLY B 91 -15.80 -2.28 13.98
CA GLY B 91 -16.59 -1.90 15.14
C GLY B 91 -17.25 -3.13 15.76
N LEU B 92 -17.83 -3.97 14.91
CA LEU B 92 -18.36 -5.25 15.35
C LEU B 92 -17.32 -6.14 16.05
N ALA B 93 -16.09 -6.23 15.52
CA ALA B 93 -15.08 -7.03 16.19
C ALA B 93 -14.68 -6.44 17.55
N ALA B 94 -14.74 -5.10 17.66
CA ALA B 94 -14.52 -4.42 18.93
C ALA B 94 -15.61 -4.84 19.92
N THR B 95 -16.86 -4.77 19.47
CA THR B 95 -18.02 -5.16 20.29
C THR B 95 -17.93 -6.61 20.78
N VAL B 96 -17.62 -7.53 19.88
CA VAL B 96 -17.45 -8.94 20.22
C VAL B 96 -16.32 -9.11 21.24
N THR B 97 -15.22 -8.40 21.01
CA THR B 97 -14.08 -8.48 21.91
C THR B 97 -14.48 -7.97 23.28
N ILE B 98 -15.19 -6.84 23.31
CA ILE B 98 -15.63 -6.27 24.57
C ILE B 98 -16.53 -7.30 25.31
N THR B 99 -17.38 -7.96 24.54
CA THR B 99 -18.37 -8.87 25.12
C THR B 99 -17.66 -10.07 25.72
N HIS B 100 -16.52 -10.47 25.14
CA HIS B 100 -15.69 -11.50 25.75
C HIS B 100 -15.02 -11.15 27.09
N LEU B 101 -15.16 -9.91 27.57
CA LEU B 101 -14.84 -9.57 28.96
C LEU B 101 -15.72 -10.32 29.98
N LEU B 102 -16.92 -10.70 29.57
CA LEU B 102 -17.90 -11.31 30.49
C LEU B 102 -17.69 -12.83 30.52
N LYS B 103 -18.63 -13.54 31.12
CA LYS B 103 -18.60 -15.00 31.15
C LYS B 103 -20.05 -15.51 31.18
N ALA B 104 -20.21 -16.79 30.85
CA ALA B 104 -21.52 -17.44 30.93
C ALA B 104 -22.15 -17.07 32.27
N GLY B 105 -23.40 -16.59 32.22
CA GLY B 105 -24.12 -16.21 33.44
C GLY B 105 -24.31 -14.72 33.65
N ASP B 106 -23.45 -13.89 33.04
CA ASP B 106 -23.58 -12.44 33.19
C ASP B 106 -24.74 -11.92 32.35
N GLN B 107 -25.19 -10.72 32.71
CA GLN B 107 -26.18 -9.97 31.94
C GLN B 107 -25.56 -8.74 31.26
N ILE B 108 -26.02 -8.51 30.04
CA ILE B 108 -25.77 -7.27 29.33
C ILE B 108 -27.08 -6.48 29.26
N ILE B 109 -27.02 -5.20 29.61
CA ILE B 109 -28.13 -4.30 29.36
C ILE B 109 -27.76 -3.48 28.15
N CYS B 110 -28.54 -3.56 27.10
CA CYS B 110 -28.29 -2.75 25.92
C CYS B 110 -29.44 -1.76 25.64
N MET B 111 -29.08 -0.54 25.24
CA MET B 111 -30.05 0.44 24.72
C MET B 111 -30.89 -0.13 23.61
N ASP B 112 -32.16 0.27 23.56
CA ASP B 112 -33.08 -0.21 22.53
C ASP B 112 -32.69 0.30 21.15
N ASP B 113 -32.38 1.60 21.03
CA ASP B 113 -32.11 2.21 19.72
C ASP B 113 -30.63 2.16 19.41
N VAL B 114 -30.10 0.95 19.36
CA VAL B 114 -28.67 0.75 19.13
C VAL B 114 -28.42 0.48 17.63
N TYR B 115 -27.17 0.57 17.22
CA TYR B 115 -26.75 0.14 15.89
C TYR B 115 -27.20 -1.31 15.62
N GLY B 116 -27.83 -1.53 14.47
CA GLY B 116 -28.34 -2.85 14.11
C GLY B 116 -27.33 -3.97 14.24
N GLY B 117 -26.08 -3.70 13.85
CA GLY B 117 -24.99 -4.67 14.05
C GLY B 117 -24.80 -5.08 15.50
N THR B 118 -24.94 -4.13 16.41
CA THR B 118 -24.77 -4.40 17.84
C THR B 118 -25.93 -5.24 18.36
N ASN B 119 -27.13 -4.75 18.06
CA ASN B 119 -28.34 -5.48 18.35
C ASN B 119 -28.25 -6.91 17.82
N ARG B 120 -27.89 -7.07 16.55
CA ARG B 120 -27.87 -8.40 15.93
C ARG B 120 -26.89 -9.35 16.61
N TYR B 121 -25.70 -8.85 16.93
CA TYR B 121 -24.69 -9.65 17.62
C TYR B 121 -25.17 -10.12 19.00
N PHE B 122 -25.63 -9.18 19.83
CA PHE B 122 -26.15 -9.53 21.17
C PHE B 122 -27.31 -10.53 21.12
N ARG B 123 -28.32 -10.21 20.31
CA ARG B 123 -29.54 -11.00 20.26
C ARG B 123 -29.30 -12.39 19.69
N GLN B 124 -28.65 -12.43 18.54
CA GLN B 124 -28.55 -13.65 17.74
C GLN B 124 -27.34 -14.54 18.08
N VAL B 125 -26.28 -13.95 18.62
CA VAL B 125 -25.02 -14.69 18.86
C VAL B 125 -24.65 -14.74 20.37
N ALA B 126 -24.35 -13.59 20.97
CA ALA B 126 -23.94 -13.55 22.39
C ALA B 126 -24.91 -14.28 23.31
N SER B 127 -26.21 -14.14 23.04
CA SER B 127 -27.26 -14.75 23.87
C SER B 127 -27.17 -16.28 23.92
N GLU B 128 -26.54 -16.89 22.90
CA GLU B 128 -26.39 -18.35 22.80
C GLU B 128 -25.22 -18.91 23.59
N PHE B 129 -24.42 -18.03 24.20
CA PHE B 129 -23.20 -18.44 24.89
C PHE B 129 -23.23 -18.07 26.37
N GLY B 130 -24.42 -18.23 26.96
CA GLY B 130 -24.62 -18.05 28.40
C GLY B 130 -24.85 -16.61 28.86
N LEU B 131 -24.99 -15.68 27.93
CA LEU B 131 -25.10 -14.27 28.27
C LEU B 131 -26.55 -13.84 28.16
N LYS B 132 -27.04 -13.20 29.22
CA LYS B 132 -28.40 -12.69 29.24
C LYS B 132 -28.39 -11.28 28.70
N ILE B 133 -29.08 -11.05 27.59
CA ILE B 133 -29.17 -9.71 27.02
C ILE B 133 -30.53 -9.13 27.32
N SER B 134 -30.54 -7.92 27.88
CA SER B 134 -31.77 -7.23 28.19
C SER B 134 -31.74 -5.86 27.53
N PHE B 135 -32.70 -5.61 26.65
CA PHE B 135 -32.79 -4.30 25.99
C PHE B 135 -33.65 -3.38 26.83
N VAL B 136 -33.22 -2.14 27.01
CA VAL B 136 -33.86 -1.18 27.91
C VAL B 136 -33.78 0.22 27.32
N ASP B 137 -34.78 1.05 27.60
CA ASP B 137 -34.77 2.43 27.17
C ASP B 137 -33.95 3.27 28.14
N CYS B 138 -32.73 3.61 27.72
CA CYS B 138 -31.81 4.37 28.57
C CYS B 138 -31.93 5.89 28.41
N SER B 139 -32.91 6.35 27.63
CA SER B 139 -33.27 7.78 27.63
C SER B 139 -34.05 8.15 28.91
N LYS B 140 -34.56 7.12 29.60
CA LYS B 140 -35.19 7.27 30.91
C LYS B 140 -34.34 6.59 31.99
N ILE B 141 -33.66 7.41 32.78
CA ILE B 141 -32.64 6.93 33.71
C ILE B 141 -33.18 5.93 34.76
N LYS B 142 -34.45 6.08 35.14
CA LYS B 142 -35.08 5.18 36.12
C LYS B 142 -35.39 3.80 35.54
N LEU B 143 -35.58 3.73 34.22
CA LEU B 143 -35.71 2.44 33.53
C LEU B 143 -34.39 1.68 33.62
N LEU B 144 -33.31 2.36 33.30
CA LEU B 144 -31.98 1.77 33.39
C LEU B 144 -31.74 1.24 34.81
N GLU B 145 -31.96 2.11 35.80
CA GLU B 145 -31.87 1.76 37.24
C GLU B 145 -32.52 0.43 37.56
N ALA B 146 -33.81 0.35 37.23
CA ALA B 146 -34.66 -0.76 37.61
C ALA B 146 -34.39 -2.05 36.82
N ALA B 147 -33.64 -1.95 35.73
CA ALA B 147 -33.23 -3.14 34.97
C ALA B 147 -31.96 -3.82 35.53
N ILE B 148 -31.21 -3.11 36.39
CA ILE B 148 -29.95 -3.64 36.91
C ILE B 148 -30.26 -4.79 37.88
N THR B 149 -29.44 -5.84 37.77
CA THR B 149 -29.56 -7.05 38.58
C THR B 149 -28.17 -7.38 39.12
N PRO B 150 -28.10 -8.31 40.09
CA PRO B 150 -26.75 -8.72 40.52
C PRO B 150 -25.90 -9.34 39.39
N GLU B 151 -26.53 -9.82 38.33
CA GLU B 151 -25.82 -10.41 37.20
C GLU B 151 -25.38 -9.38 36.13
N THR B 152 -25.78 -8.13 36.28
CA THR B 152 -25.44 -7.08 35.31
C THR B 152 -23.93 -6.77 35.36
N LYS B 153 -23.22 -7.00 34.26
CA LYS B 153 -21.78 -6.67 34.17
C LYS B 153 -21.41 -5.62 33.10
N LEU B 154 -22.34 -5.35 32.18
CA LEU B 154 -22.11 -4.43 31.07
C LEU B 154 -23.38 -3.71 30.69
N VAL B 155 -23.28 -2.40 30.56
CA VAL B 155 -24.33 -1.56 30.02
C VAL B 155 -23.78 -0.88 28.77
N TRP B 156 -24.49 -1.03 27.66
CA TRP B 156 -24.05 -0.53 26.36
C TRP B 156 -24.96 0.58 25.85
N ILE B 157 -24.43 1.82 25.80
CA ILE B 157 -25.17 2.94 25.21
C ILE B 157 -24.44 3.59 24.03
N GLU B 158 -25.20 4.45 23.34
CA GLU B 158 -24.79 5.05 22.09
C GLU B 158 -25.54 6.38 22.00
N THR B 159 -24.84 7.46 21.71
CA THR B 159 -25.48 8.78 21.66
C THR B 159 -24.70 9.79 20.83
N PRO B 160 -25.44 10.57 20.02
CA PRO B 160 -26.87 10.45 19.72
C PRO B 160 -27.24 9.13 19.07
N THR B 161 -28.49 8.71 19.17
CA THR B 161 -28.92 7.50 18.46
C THR B 161 -29.12 7.79 16.97
N ASN B 162 -29.06 6.76 16.13
CA ASN B 162 -29.44 6.93 14.73
C ASN B 162 -30.65 6.04 14.41
N PRO B 163 -31.58 6.53 13.56
CA PRO B 163 -31.65 7.82 12.90
C PRO B 163 -32.25 8.93 13.71
N THR B 164 -32.86 8.63 14.86
CA THR B 164 -33.66 9.61 15.59
C THR B 164 -32.88 10.60 16.45
N GLN B 165 -31.57 10.42 16.60
CA GLN B 165 -30.76 11.39 17.34
C GLN B 165 -31.28 11.64 18.77
N LYS B 166 -31.76 10.60 19.45
CA LYS B 166 -31.99 10.74 20.90
C LYS B 166 -30.64 10.92 21.57
N VAL B 167 -30.59 11.80 22.58
CA VAL B 167 -29.35 12.06 23.31
C VAL B 167 -29.42 11.49 24.73
N ILE B 168 -28.47 10.62 25.09
CA ILE B 168 -28.43 10.00 26.42
C ILE B 168 -27.45 10.77 27.29
N ASP B 169 -27.89 11.08 28.52
CA ASP B 169 -27.02 11.69 29.51
C ASP B 169 -25.98 10.68 30.02
N ILE B 170 -24.75 10.79 29.50
CA ILE B 170 -23.70 9.80 29.75
C ILE B 170 -23.30 9.76 31.22
N GLU B 171 -23.10 10.93 31.81
CA GLU B 171 -22.69 10.99 33.22
C GLU B 171 -23.80 10.48 34.16
N GLY B 172 -25.03 10.86 33.87
CA GLY B 172 -26.21 10.30 34.55
C GLY B 172 -26.17 8.79 34.57
N CYS B 173 -26.02 8.18 33.40
CA CYS B 173 -25.93 6.71 33.33
C CYS B 173 -24.74 6.16 34.12
N ALA B 174 -23.60 6.83 34.00
CA ALA B 174 -22.37 6.40 34.65
C ALA B 174 -22.54 6.35 36.18
N HIS B 175 -23.09 7.40 36.78
CA HIS B 175 -23.28 7.41 38.24
C HIS B 175 -24.22 6.28 38.68
N ILE B 176 -25.31 6.07 37.95
CA ILE B 176 -26.30 5.04 38.27
C ILE B 176 -25.67 3.66 38.21
N VAL B 177 -24.93 3.41 37.13
CA VAL B 177 -24.33 2.11 36.88
C VAL B 177 -23.27 1.78 37.91
N HIS B 178 -22.43 2.77 38.21
CA HIS B 178 -21.23 2.57 39.03
C HIS B 178 -21.55 2.44 40.52
N LYS B 179 -22.57 3.15 40.95
CA LYS B 179 -23.18 3.01 42.28
C LYS B 179 -23.63 1.58 42.60
N HIS B 180 -24.01 0.84 41.55
CA HIS B 180 -24.49 -0.53 41.70
C HIS B 180 -23.41 -1.59 41.68
N GLY B 181 -22.18 -1.19 41.36
CA GLY B 181 -21.05 -2.08 41.58
C GLY B 181 -20.19 -2.25 40.34
N ASP B 182 -19.68 -3.47 40.17
CA ASP B 182 -18.70 -3.85 39.16
C ASP B 182 -19.33 -3.93 37.76
N ILE B 183 -19.77 -2.78 37.26
CA ILE B 183 -20.50 -2.70 36.00
C ILE B 183 -19.80 -1.77 35.01
N ILE B 184 -19.61 -2.30 33.80
CA ILE B 184 -18.87 -1.61 32.74
C ILE B 184 -19.87 -0.84 31.91
N LEU B 185 -19.71 0.48 31.86
CA LEU B 185 -20.49 1.31 30.96
C LEU B 185 -19.71 1.59 29.66
N VAL B 186 -20.24 1.11 28.53
CA VAL B 186 -19.71 1.41 27.19
C VAL B 186 -20.54 2.49 26.50
N VAL B 187 -19.86 3.48 25.93
CA VAL B 187 -20.47 4.45 25.01
C VAL B 187 -19.90 4.28 23.59
N ASP B 188 -20.78 3.89 22.67
CA ASP B 188 -20.46 3.96 21.24
C ASP B 188 -20.49 5.42 20.76
N ASN B 189 -19.30 5.98 20.56
CA ASN B 189 -19.08 7.36 20.16
C ASN B 189 -18.83 7.51 18.64
N THR B 190 -19.10 6.46 17.88
CA THR B 190 -18.88 6.44 16.43
C THR B 190 -19.28 7.71 15.71
N PHE B 191 -20.48 8.20 16.03
CA PHE B 191 -21.06 9.29 15.25
C PHE B 191 -20.80 10.66 15.80
N MET B 192 -20.00 10.76 16.88
CA MET B 192 -19.60 12.07 17.36
C MET B 192 -18.13 12.35 17.13
N SER B 193 -17.30 11.33 17.29
CA SER B 193 -15.84 11.48 17.41
C SER B 193 -15.46 12.14 18.74
N PRO B 194 -14.22 11.93 19.22
CA PRO B 194 -13.78 12.58 20.45
C PRO B 194 -13.49 14.06 20.25
N TYR B 195 -13.54 14.57 19.03
CA TYR B 195 -13.44 16.01 18.82
C TYR B 195 -14.63 16.69 19.50
N PHE B 196 -15.78 16.03 19.44
CA PHE B 196 -17.04 16.60 19.94
C PHE B 196 -17.55 15.99 21.26
N GLN B 197 -17.19 14.73 21.56
CA GLN B 197 -17.72 14.08 22.76
C GLN B 197 -16.68 13.15 23.37
N ARG B 198 -16.39 13.33 24.67
CA ARG B 198 -15.45 12.48 25.38
C ARG B 198 -16.11 11.66 26.48
N PRO B 199 -16.73 10.51 26.13
CA PRO B 199 -17.42 9.65 27.11
C PRO B 199 -16.62 9.28 28.37
N LEU B 200 -15.30 9.07 28.25
CA LEU B 200 -14.48 8.72 29.42
C LEU B 200 -14.39 9.90 30.37
N ALA B 201 -14.44 11.12 29.83
CA ALA B 201 -14.42 12.32 30.66
C ALA B 201 -15.73 12.50 31.40
N LEU B 202 -16.79 11.88 30.90
CA LEU B 202 -18.12 12.02 31.50
C LEU B 202 -18.49 10.82 32.37
N GLY B 203 -17.54 9.92 32.63
CA GLY B 203 -17.78 8.79 33.51
C GLY B 203 -17.91 7.42 32.87
N ALA B 204 -17.92 7.34 31.54
CA ALA B 204 -17.92 6.03 30.90
C ALA B 204 -16.62 5.27 31.22
N ASP B 205 -16.68 3.96 31.14
CA ASP B 205 -15.50 3.12 31.30
C ASP B 205 -14.80 2.87 29.96
N ILE B 206 -15.58 2.88 28.88
CA ILE B 206 -15.13 2.56 27.53
C ILE B 206 -15.76 3.54 26.55
N SER B 207 -14.92 4.17 25.72
CA SER B 207 -15.40 4.96 24.57
C SER B 207 -15.03 4.14 23.35
N MET B 208 -16.03 3.76 22.58
CA MET B 208 -15.82 2.80 21.52
C MET B 208 -16.27 3.39 20.17
N TYR B 209 -15.59 2.96 19.09
CA TYR B 209 -15.85 3.43 17.71
C TYR B 209 -15.94 2.31 16.70
N SER B 210 -16.82 2.55 15.73
CA SER B 210 -16.58 2.16 14.35
C SER B 210 -15.82 3.34 13.71
N ALA B 211 -14.51 3.14 13.50
CA ALA B 211 -13.65 4.19 12.96
C ALA B 211 -14.05 4.46 11.52
N THR B 212 -14.70 3.48 10.95
CA THR B 212 -15.27 3.50 9.59
C THR B 212 -15.98 4.80 9.24
N LYS B 213 -16.59 5.45 10.23
CA LYS B 213 -17.33 6.67 10.02
C LYS B 213 -16.35 7.84 10.15
N TYR B 214 -16.57 8.74 11.11
CA TYR B 214 -15.85 10.00 11.20
C TYR B 214 -14.35 9.91 11.56
N MET B 215 -14.00 8.98 12.44
CA MET B 215 -12.63 8.88 12.92
C MET B 215 -11.68 8.85 11.72
N ASN B 216 -11.88 7.89 10.82
CA ASN B 216 -11.14 7.83 9.56
C ASN B 216 -11.70 8.83 8.58
N GLY B 217 -12.99 8.75 8.34
CA GLY B 217 -13.71 9.78 7.59
C GLY B 217 -13.54 9.81 6.09
N HIS B 218 -12.84 8.84 5.51
CA HIS B 218 -12.55 8.82 4.08
C HIS B 218 -13.14 7.60 3.38
N SER B 219 -14.11 6.95 4.04
CA SER B 219 -14.91 5.87 3.46
C SER B 219 -14.06 4.77 2.82
N ASP B 220 -12.89 4.48 3.40
CA ASP B 220 -11.99 3.48 2.82
C ASP B 220 -11.32 2.57 3.89
N VAL B 221 -11.86 2.58 5.12
CA VAL B 221 -11.34 1.77 6.22
C VAL B 221 -12.48 1.26 7.08
N VAL B 222 -12.49 -0.06 7.29
CA VAL B 222 -13.37 -0.70 8.25
C VAL B 222 -12.48 -1.00 9.45
N MET B 223 -12.82 -0.43 10.57
CA MET B 223 -11.97 -0.52 11.74
C MET B 223 -12.75 -0.21 12.97
N GLY B 224 -12.37 -0.85 14.08
CA GLY B 224 -12.90 -0.52 15.39
C GLY B 224 -11.82 -0.03 16.37
N LEU B 225 -12.24 0.78 17.32
CA LEU B 225 -11.33 1.34 18.30
C LEU B 225 -12.01 1.35 19.66
N VAL B 226 -11.22 1.11 20.71
CA VAL B 226 -11.74 0.99 22.09
C VAL B 226 -10.75 1.72 23.01
N SER B 227 -11.19 2.82 23.61
CA SER B 227 -10.39 3.64 24.50
C SER B 227 -10.85 3.42 25.94
N VAL B 228 -9.88 3.29 26.84
CA VAL B 228 -10.13 2.86 28.21
C VAL B 228 -9.11 3.52 29.14
N ASN B 229 -9.50 3.75 30.40
CA ASN B 229 -8.58 4.25 31.44
C ASN B 229 -8.21 3.20 32.47
N CYS B 230 -9.17 2.38 32.87
CA CYS B 230 -8.97 1.43 33.95
C CYS B 230 -7.95 0.35 33.60
N GLU B 231 -7.03 0.15 34.53
CA GLU B 231 -5.87 -0.69 34.32
C GLU B 231 -6.19 -2.17 34.05
N SER B 232 -7.06 -2.74 34.87
CA SER B 232 -7.41 -4.15 34.77
C SER B 232 -8.31 -4.41 33.58
N LEU B 233 -9.29 -3.54 33.41
CA LEU B 233 -10.11 -3.54 32.21
C LEU B 233 -9.24 -3.56 30.93
N HIS B 234 -8.23 -2.69 30.90
CA HIS B 234 -7.32 -2.59 29.77
C HIS B 234 -6.61 -3.91 29.58
N ASN B 235 -6.06 -4.45 30.67
CA ASN B 235 -5.31 -5.69 30.64
C ASN B 235 -6.20 -6.83 30.16
N ARG B 236 -7.46 -6.81 30.56
CA ARG B 236 -8.40 -7.81 30.10
C ARG B 236 -8.70 -7.67 28.60
N LEU B 237 -8.88 -6.43 28.14
CA LEU B 237 -9.16 -6.17 26.71
C LEU B 237 -7.97 -6.54 25.82
N ARG B 238 -6.76 -6.31 26.35
CA ARG B 238 -5.54 -6.51 25.62
C ARG B 238 -5.28 -8.01 25.41
N PHE B 239 -5.46 -8.76 26.49
CA PHE B 239 -5.46 -10.19 26.41
C PHE B 239 -6.39 -10.72 25.32
N LEU B 240 -7.61 -10.19 25.24
CA LEU B 240 -8.59 -10.61 24.22
C LEU B 240 -8.30 -10.10 22.78
N GLN B 241 -7.62 -8.96 22.66
CA GLN B 241 -7.17 -8.47 21.36
C GLN B 241 -6.22 -9.52 20.76
N ASN B 242 -5.27 -9.99 21.57
CA ASN B 242 -4.34 -11.02 21.12
C ASN B 242 -5.02 -12.37 20.91
N SER B 243 -5.84 -12.76 21.88
CA SER B 243 -6.35 -14.12 21.96
C SER B 243 -7.47 -14.42 20.97
N LEU B 244 -8.28 -13.41 20.65
CA LEU B 244 -9.37 -13.57 19.70
C LEU B 244 -8.91 -13.21 18.28
N GLY B 245 -7.92 -12.32 18.22
CA GLY B 245 -7.21 -12.00 16.99
C GLY B 245 -7.99 -11.24 15.95
N ALA B 246 -9.04 -10.52 16.35
CA ALA B 246 -9.80 -9.72 15.40
C ALA B 246 -9.10 -8.37 15.20
N VAL B 247 -7.91 -8.42 14.60
CA VAL B 247 -7.00 -7.27 14.58
C VAL B 247 -6.96 -6.58 13.22
N PRO B 248 -6.70 -5.24 13.20
CA PRO B 248 -6.68 -4.51 11.94
C PRO B 248 -5.36 -4.68 11.18
N SER B 249 -5.42 -4.65 9.87
CA SER B 249 -4.21 -4.56 9.05
C SER B 249 -3.37 -3.36 9.48
N PRO B 250 -2.03 -3.51 9.56
CA PRO B 250 -1.21 -2.31 9.72
C PRO B 250 -1.46 -1.21 8.68
N ILE B 251 -1.86 -1.58 7.46
CA ILE B 251 -2.09 -0.59 6.40
C ILE B 251 -3.32 0.23 6.73
N ASP B 252 -4.38 -0.45 7.20
CA ASP B 252 -5.59 0.23 7.66
C ASP B 252 -5.31 1.12 8.87
N CYS B 253 -4.45 0.66 9.78
CA CYS B 253 -4.05 1.52 10.89
C CYS B 253 -3.40 2.81 10.40
N TYR B 254 -2.48 2.67 9.44
CA TYR B 254 -1.84 3.83 8.81
C TYR B 254 -2.86 4.78 8.22
N LEU B 255 -3.81 4.24 7.44
CA LEU B 255 -4.83 5.07 6.78
C LEU B 255 -5.76 5.75 7.78
N CYS B 256 -6.13 5.03 8.83
CA CYS B 256 -6.92 5.64 9.90
C CYS B 256 -6.13 6.76 10.60
N ASN B 257 -4.87 6.50 10.90
CA ASN B 257 -4.06 7.49 11.57
C ASN B 257 -3.91 8.72 10.66
N ARG B 258 -3.85 8.51 9.35
CA ARG B 258 -3.70 9.61 8.41
C ARG B 258 -4.99 10.43 8.39
N GLY B 259 -6.12 9.72 8.38
CA GLY B 259 -7.42 10.38 8.37
C GLY B 259 -7.60 11.24 9.61
N LEU B 260 -7.10 10.76 10.75
CA LEU B 260 -7.24 11.45 12.02
C LEU B 260 -6.52 12.79 12.05
N LYS B 261 -5.47 12.94 11.24
CA LYS B 261 -4.71 14.18 11.21
C LYS B 261 -5.54 15.38 10.68
N THR B 262 -6.71 15.10 10.09
CA THR B 262 -7.61 16.16 9.65
C THR B 262 -8.97 16.12 10.34
N LEU B 263 -9.11 15.28 11.36
CA LEU B 263 -10.41 15.14 12.07
C LEU B 263 -10.95 16.48 12.53
N HIS B 264 -10.08 17.31 13.10
CA HIS B 264 -10.51 18.63 13.58
C HIS B 264 -11.08 19.50 12.46
N VAL B 265 -10.37 19.60 11.34
CA VAL B 265 -10.81 20.46 10.24
C VAL B 265 -12.01 19.84 9.46
N ARG B 266 -12.09 18.52 9.42
CA ARG B 266 -13.25 17.83 8.86
C ARG B 266 -14.50 18.03 9.70
N MET B 267 -14.39 17.76 10.99
CA MET B 267 -15.55 17.80 11.88
C MET B 267 -16.09 19.21 11.98
N GLU B 268 -15.23 20.23 12.01
CA GLU B 268 -15.77 21.59 12.03
C GLU B 268 -16.58 21.88 10.77
N LYS B 269 -16.14 21.33 9.64
CA LYS B 269 -16.85 21.51 8.37
C LYS B 269 -18.17 20.70 8.34
N HIS B 270 -18.17 19.46 8.84
CA HIS B 270 -19.38 18.67 8.99
C HIS B 270 -20.39 19.43 9.86
N PHE B 271 -19.92 20.02 10.96
CA PHE B 271 -20.76 20.81 11.85
C PHE B 271 -21.34 22.03 11.11
N LYS B 272 -20.48 22.77 10.40
CA LYS B 272 -20.88 23.96 9.70
C LYS B 272 -21.92 23.67 8.60
N ASN B 273 -21.62 22.71 7.72
CA ASN B 273 -22.58 22.27 6.68
C ASN B 273 -23.84 21.65 7.28
N GLY B 274 -23.66 20.90 8.36
CA GLY B 274 -24.74 20.23 9.07
C GLY B 274 -25.74 21.21 9.67
N MET B 275 -25.23 22.25 10.34
CA MET B 275 -26.08 23.29 10.89
C MET B 275 -26.82 24.05 9.77
N ALA B 276 -26.11 24.34 8.69
CA ALA B 276 -26.71 25.05 7.58
C ALA B 276 -27.85 24.26 6.94
N VAL B 277 -27.64 22.96 6.79
CA VAL B 277 -28.63 22.06 6.24
C VAL B 277 -29.80 21.94 7.20
N ALA B 278 -29.48 21.74 8.48
CA ALA B 278 -30.51 21.62 9.52
C ALA B 278 -31.39 22.86 9.54
N GLN B 279 -30.77 24.04 9.54
CA GLN B 279 -31.51 25.31 9.54
C GLN B 279 -32.35 25.50 8.27
N PHE B 280 -31.79 25.16 7.12
CA PHE B 280 -32.52 25.25 5.85
C PHE B 280 -33.78 24.41 5.92
N LEU B 281 -33.64 23.16 6.32
CA LEU B 281 -34.80 22.26 6.44
C LEU B 281 -35.83 22.75 7.47
N GLU B 282 -35.36 23.31 8.58
CA GLU B 282 -36.26 23.76 9.62
C GLU B 282 -37.08 24.99 9.20
N SER B 283 -36.56 25.78 8.29
CA SER B 283 -37.30 26.90 7.78
C SER B 283 -38.25 26.50 6.64
N ASN B 284 -38.14 25.26 6.13
CA ASN B 284 -38.82 24.88 4.91
C ASN B 284 -40.23 24.35 5.18
N PRO B 285 -41.27 24.98 4.61
CA PRO B 285 -42.65 24.54 4.81
C PRO B 285 -42.99 23.14 4.32
N TRP B 286 -42.16 22.53 3.49
CA TRP B 286 -42.42 21.17 3.01
C TRP B 286 -41.72 20.11 3.86
N VAL B 287 -41.02 20.54 4.90
CA VAL B 287 -40.43 19.69 5.92
C VAL B 287 -41.32 19.75 7.16
N GLU B 288 -41.76 18.57 7.59
CA GLU B 288 -42.67 18.42 8.72
C GLU B 288 -41.92 18.67 10.01
N LYS B 289 -40.72 18.10 10.12
CA LYS B 289 -39.92 18.16 11.34
C LYS B 289 -38.45 17.84 11.04
N VAL B 290 -37.54 18.53 11.72
CA VAL B 290 -36.09 18.27 11.64
C VAL B 290 -35.57 17.86 13.01
N ILE B 291 -34.72 16.83 13.04
CA ILE B 291 -34.04 16.43 14.27
C ILE B 291 -32.54 16.68 14.09
N TYR B 292 -32.03 17.67 14.82
CA TYR B 292 -30.61 17.99 14.82
C TYR B 292 -30.22 18.54 16.17
N PRO B 293 -29.27 17.89 16.86
CA PRO B 293 -28.88 18.31 18.22
C PRO B 293 -28.38 19.76 18.35
N GLY B 294 -27.98 20.36 17.23
CA GLY B 294 -27.54 21.76 17.21
C GLY B 294 -28.63 22.80 17.06
N LEU B 295 -29.86 22.35 16.78
CA LEU B 295 -31.03 23.23 16.74
C LEU B 295 -31.62 23.42 18.14
N PRO B 296 -31.94 24.68 18.52
CA PRO B 296 -32.68 24.83 19.79
C PRO B 296 -33.90 23.92 19.87
N SER B 297 -34.50 23.58 18.73
CA SER B 297 -35.68 22.71 18.69
C SER B 297 -35.42 21.25 19.11
N HIS B 298 -34.17 20.80 19.17
CA HIS B 298 -33.93 19.44 19.63
C HIS B 298 -34.34 19.34 21.10
N PRO B 299 -35.14 18.31 21.45
CA PRO B 299 -35.62 18.20 22.83
C PRO B 299 -34.53 18.02 23.91
N GLN B 300 -33.36 17.49 23.55
CA GLN B 300 -32.23 17.43 24.48
C GLN B 300 -31.16 18.48 24.18
N HIS B 301 -31.55 19.61 23.59
CA HIS B 301 -30.56 20.60 23.13
C HIS B 301 -29.62 21.08 24.25
N GLU B 302 -30.15 21.24 25.46
CA GLU B 302 -29.33 21.67 26.60
C GLU B 302 -28.45 20.55 27.17
N LEU B 303 -28.92 19.31 27.16
CA LEU B 303 -28.05 18.18 27.51
C LEU B 303 -26.85 18.18 26.56
N VAL B 304 -27.13 18.39 25.26
CA VAL B 304 -26.11 18.34 24.19
C VAL B 304 -25.01 19.36 24.42
N LYS B 305 -25.40 20.59 24.74
CA LYS B 305 -24.44 21.63 25.03
C LYS B 305 -23.62 21.39 26.32
N ARG B 306 -24.17 20.63 27.28
CA ARG B 306 -23.43 20.31 28.52
C ARG B 306 -22.45 19.13 28.33
N GLN B 307 -22.78 18.27 27.39
CA GLN B 307 -22.16 16.98 27.19
C GLN B 307 -21.20 16.99 25.98
N CYS B 308 -21.25 18.03 25.14
CA CYS B 308 -20.58 18.02 23.83
C CYS B 308 -19.98 19.37 23.45
N THR B 309 -18.94 19.34 22.62
CA THR B 309 -18.32 20.58 22.12
C THR B 309 -18.93 21.12 20.81
N GLY B 310 -19.84 20.36 20.21
CA GLY B 310 -20.40 20.70 18.88
C GLY B 310 -21.18 19.53 18.31
N CYS B 311 -21.65 19.65 17.07
CA CYS B 311 -22.45 18.59 16.45
C CYS B 311 -21.92 18.24 15.06
N THR B 312 -22.43 17.15 14.50
CA THR B 312 -21.87 16.59 13.29
C THR B 312 -22.69 16.96 12.02
N GLY B 313 -22.46 16.20 10.96
CA GLY B 313 -23.20 16.29 9.73
C GLY B 313 -24.45 15.44 9.70
N MET B 314 -24.71 14.68 10.78
CA MET B 314 -25.91 13.84 10.85
C MET B 314 -27.17 14.64 11.12
N VAL B 315 -28.02 14.69 10.09
CA VAL B 315 -29.26 15.44 10.12
C VAL B 315 -30.39 14.52 9.65
N THR B 316 -31.43 14.39 10.50
CA THR B 316 -32.60 13.58 10.22
C THR B 316 -33.80 14.51 10.10
N PHE B 317 -34.67 14.27 9.10
CA PHE B 317 -35.90 15.07 8.98
C PHE B 317 -37.04 14.26 8.42
N TYR B 318 -38.25 14.78 8.60
CA TYR B 318 -39.47 14.18 8.07
C TYR B 318 -40.02 15.11 7.02
N ILE B 319 -40.17 14.59 5.81
CA ILE B 319 -40.76 15.35 4.72
C ILE B 319 -42.28 15.39 4.95
N LYS B 320 -42.93 16.49 4.56
CA LYS B 320 -44.38 16.54 4.61
C LYS B 320 -44.98 15.67 3.51
N GLY B 321 -46.01 14.90 3.86
CA GLY B 321 -46.73 14.09 2.90
C GLY B 321 -46.62 12.63 3.25
N THR B 322 -46.34 11.82 2.25
CA THR B 322 -46.35 10.40 2.37
C THR B 322 -45.00 9.85 1.95
N LEU B 323 -44.90 8.53 2.01
CA LEU B 323 -43.75 7.79 1.52
C LEU B 323 -43.42 8.20 0.08
N GLN B 324 -44.43 8.38 -0.77
CA GLN B 324 -44.21 8.80 -2.16
C GLN B 324 -43.41 10.10 -2.22
N HIS B 325 -43.74 11.06 -1.37
CA HIS B 325 -43.03 12.33 -1.37
C HIS B 325 -41.56 12.14 -0.99
N ALA B 326 -41.31 11.30 0.02
CA ALA B 326 -39.95 10.92 0.44
C ALA B 326 -39.19 10.30 -0.73
N GLU B 327 -39.84 9.40 -1.45
CA GLU B 327 -39.20 8.74 -2.58
C GLU B 327 -38.87 9.67 -3.71
N ILE B 328 -39.79 10.58 -4.02
CA ILE B 328 -39.57 11.52 -5.10
C ILE B 328 -38.40 12.44 -4.69
N PHE B 329 -38.41 12.91 -3.44
CA PHE B 329 -37.29 13.65 -2.87
C PHE B 329 -35.96 12.92 -3.12
N LEU B 330 -35.84 11.68 -2.62
CA LEU B 330 -34.58 10.91 -2.72
C LEU B 330 -34.14 10.69 -4.16
N LYS B 331 -35.09 10.30 -5.00
CA LYS B 331 -34.83 10.08 -6.41
C LYS B 331 -34.32 11.33 -7.12
N ASN B 332 -34.70 12.52 -6.67
CA ASN B 332 -34.33 13.75 -7.37
C ASN B 332 -33.01 14.38 -6.92
N LEU B 333 -32.44 13.88 -5.83
CA LEU B 333 -31.15 14.39 -5.37
C LEU B 333 -30.09 14.14 -6.44
N LYS B 334 -29.28 15.17 -6.69
CA LYS B 334 -28.25 15.13 -7.73
C LYS B 334 -26.82 15.22 -7.15
N LEU B 335 -26.66 15.64 -5.91
CA LEU B 335 -25.34 15.77 -5.31
C LEU B 335 -25.22 14.81 -4.14
N PHE B 336 -26.19 14.84 -3.23
CA PHE B 336 -26.32 13.80 -2.23
C PHE B 336 -26.43 12.46 -2.95
N THR B 337 -25.77 11.44 -2.41
CA THR B 337 -25.72 10.12 -3.01
C THR B 337 -26.54 9.17 -2.15
N LEU B 338 -27.30 8.30 -2.80
CA LEU B 338 -28.08 7.30 -2.11
C LEU B 338 -27.21 6.08 -1.81
N ALA B 339 -27.14 5.72 -0.54
CA ALA B 339 -26.28 4.63 -0.08
C ALA B 339 -26.77 4.19 1.30
N GLU B 340 -26.17 3.13 1.87
CA GLU B 340 -26.56 2.71 3.23
C GLU B 340 -25.55 3.04 4.33
N SER B 341 -24.39 3.61 3.96
CA SER B 341 -23.32 3.93 4.94
C SER B 341 -23.31 5.39 5.46
N LEU B 342 -22.15 5.88 5.94
CA LEU B 342 -22.14 7.11 6.73
C LEU B 342 -20.75 7.67 7.15
N GLY B 343 -20.74 8.97 7.46
CA GLY B 343 -19.66 9.61 8.24
C GLY B 343 -18.38 9.93 7.47
N GLY B 344 -18.48 9.86 6.14
CA GLY B 344 -17.38 10.16 5.24
C GLY B 344 -17.49 11.57 4.70
N PHE B 345 -16.55 11.91 3.81
CA PHE B 345 -16.45 13.26 3.25
C PHE B 345 -17.58 13.61 2.26
N GLU B 346 -18.30 12.63 1.72
CA GLU B 346 -19.30 12.97 0.73
C GLU B 346 -20.69 12.87 1.33
N SER B 347 -21.59 13.68 0.79
CA SER B 347 -22.95 13.79 1.30
C SER B 347 -23.80 12.62 0.82
N LEU B 348 -24.48 12.00 1.79
CA LEU B 348 -25.29 10.81 1.54
C LEU B 348 -26.70 10.98 2.12
N ALA B 349 -27.64 10.25 1.54
CA ALA B 349 -29.04 10.25 1.99
C ALA B 349 -29.58 8.82 2.01
N GLU B 350 -30.42 8.55 2.98
CA GLU B 350 -31.01 7.23 3.15
C GLU B 350 -32.47 7.38 3.61
N LEU B 351 -33.31 6.45 3.19
CA LEU B 351 -34.65 6.30 3.77
C LEU B 351 -34.68 4.96 4.51
N PRO B 352 -34.34 4.95 5.81
CA PRO B 352 -34.30 3.71 6.59
C PRO B 352 -35.68 3.26 7.10
N SER B 371 -40.72 5.87 10.46
CA SER B 371 -41.88 6.24 9.64
C SER B 371 -41.55 6.31 8.15
N ASP B 372 -42.61 6.43 7.35
CA ASP B 372 -42.51 6.54 5.90
C ASP B 372 -41.84 7.82 5.40
N THR B 373 -41.92 8.88 6.19
CA THR B 373 -41.43 10.17 5.73
C THR B 373 -40.05 10.54 6.31
N LEU B 374 -39.40 9.61 7.04
CA LEU B 374 -38.15 9.90 7.78
C LEU B 374 -36.92 9.69 6.91
N ILE B 375 -36.20 10.77 6.64
CA ILE B 375 -35.01 10.74 5.81
C ILE B 375 -33.79 11.00 6.68
N ARG B 376 -32.75 10.18 6.47
CA ARG B 376 -31.49 10.40 7.14
C ARG B 376 -30.42 10.95 6.17
N LEU B 377 -29.83 12.06 6.56
CA LEU B 377 -28.75 12.70 5.81
C LEU B 377 -27.44 12.58 6.59
N SER B 378 -26.36 12.26 5.87
CA SER B 378 -25.01 12.43 6.38
C SER B 378 -24.41 13.51 5.53
N VAL B 379 -24.41 14.74 6.06
CA VAL B 379 -23.89 15.90 5.34
C VAL B 379 -22.36 15.90 5.32
N GLY B 380 -21.79 15.92 4.12
CA GLY B 380 -20.35 15.85 3.93
C GLY B 380 -19.67 17.22 3.86
N LEU B 381 -18.57 17.26 3.15
CA LEU B 381 -17.63 18.40 3.15
C LEU B 381 -17.67 19.24 1.87
N GLU B 382 -18.66 18.97 1.01
CA GLU B 382 -18.86 19.74 -0.22
C GLU B 382 -19.22 21.17 0.09
N ASP B 383 -19.31 21.99 -0.96
CA ASP B 383 -19.70 23.39 -0.81
C ASP B 383 -21.11 23.54 -0.28
N GLU B 384 -21.25 24.34 0.76
CA GLU B 384 -22.52 24.53 1.43
C GLU B 384 -23.65 24.88 0.48
N GLU B 385 -23.40 25.80 -0.45
CA GLU B 385 -24.47 26.24 -1.32
C GLU B 385 -24.91 25.13 -2.30
N ASP B 386 -23.96 24.31 -2.75
CA ASP B 386 -24.30 23.18 -3.62
C ASP B 386 -25.22 22.21 -2.87
N LEU B 387 -24.92 22.00 -1.60
CA LEU B 387 -25.70 21.08 -0.78
C LEU B 387 -27.11 21.63 -0.52
N LEU B 388 -27.23 22.92 -0.19
CA LEU B 388 -28.56 23.50 0.06
C LEU B 388 -29.39 23.46 -1.24
N GLU B 389 -28.75 23.77 -2.38
CA GLU B 389 -29.43 23.79 -3.68
C GLU B 389 -29.99 22.43 -4.01
N ASP B 390 -29.22 21.40 -3.69
CA ASP B 390 -29.62 20.04 -4.02
C ASP B 390 -30.87 19.64 -3.25
N LEU B 391 -30.89 19.99 -1.96
CA LEU B 391 -32.03 19.70 -1.11
C LEU B 391 -33.28 20.45 -1.56
N ASP B 392 -33.08 21.73 -1.88
CA ASP B 392 -34.16 22.61 -2.29
C ASP B 392 -34.85 22.12 -3.56
N GLN B 393 -34.00 21.86 -4.55
CA GLN B 393 -34.30 21.28 -5.86
C GLN B 393 -35.10 19.97 -5.72
N ALA B 394 -34.65 19.09 -4.85
CA ALA B 394 -35.33 17.80 -4.64
C ALA B 394 -36.68 17.91 -3.91
N LEU B 395 -36.75 18.76 -2.88
CA LEU B 395 -38.02 19.07 -2.19
C LEU B 395 -39.07 19.67 -3.13
N LYS B 396 -38.64 20.54 -4.03
CA LYS B 396 -39.52 21.15 -5.04
C LYS B 396 -40.07 20.10 -6.06
N ALA B 397 -39.28 19.07 -6.33
CA ALA B 397 -39.70 17.98 -7.20
C ALA B 397 -40.79 17.15 -6.53
N ALA B 398 -40.69 16.97 -5.20
CA ALA B 398 -41.67 16.24 -4.41
C ALA B 398 -42.95 17.07 -4.20
N HIS B 399 -42.79 18.38 -4.06
CA HIS B 399 -43.90 19.29 -3.76
C HIS B 399 -43.82 20.45 -4.70
N PRO B 400 -44.27 20.23 -5.94
CA PRO B 400 -44.16 21.28 -6.94
C PRO B 400 -45.08 22.44 -6.60
N PRO B 401 -44.88 23.59 -7.23
CA PRO B 401 -45.64 24.79 -6.85
C PRO B 401 -46.98 24.92 -7.62
N GLY C 11 -10.69 41.14 1.37
CA GLY C 11 -10.65 41.70 -0.02
C GLY C 11 -9.76 40.91 -1.01
N PHE C 12 -9.65 39.62 -0.77
CA PHE C 12 -9.09 38.71 -1.76
C PHE C 12 -10.13 38.37 -2.82
N LEU C 13 -9.67 37.72 -3.88
CA LEU C 13 -10.54 37.15 -4.89
C LEU C 13 -11.55 36.23 -4.18
N PRO C 14 -12.85 36.30 -4.56
CA PRO C 14 -13.77 35.35 -3.94
C PRO C 14 -13.36 33.91 -4.22
N HIS C 15 -13.67 33.03 -3.28
CA HIS C 15 -13.37 31.64 -3.42
C HIS C 15 -14.00 31.00 -4.64
N PHE C 16 -13.24 30.10 -5.26
CA PHE C 16 -13.66 29.46 -6.49
C PHE C 16 -14.88 28.56 -6.22
N GLN C 17 -15.92 28.79 -7.01
CA GLN C 17 -17.18 28.06 -6.84
C GLN C 17 -17.05 26.58 -7.10
N HIS C 18 -17.71 25.79 -6.25
CA HIS C 18 -17.77 24.32 -6.39
C HIS C 18 -16.46 23.61 -6.15
N PHE C 19 -15.44 24.32 -5.67
CA PHE C 19 -14.13 23.73 -5.46
C PHE C 19 -14.19 22.46 -4.58
N ALA C 20 -14.83 22.57 -3.42
CA ALA C 20 -14.95 21.46 -2.48
C ALA C 20 -15.80 20.33 -3.08
N THR C 21 -16.91 20.68 -3.72
CA THR C 21 -17.77 19.67 -4.38
C THR C 21 -16.98 18.89 -5.41
N GLN C 22 -16.27 19.60 -6.27
CA GLN C 22 -15.44 18.97 -7.29
C GLN C 22 -14.25 18.18 -6.73
N ALA C 23 -13.65 18.65 -5.63
CA ALA C 23 -12.54 17.91 -5.01
C ALA C 23 -13.02 16.55 -4.55
N ILE C 24 -14.23 16.53 -3.99
CA ILE C 24 -14.81 15.31 -3.50
C ILE C 24 -15.38 14.40 -4.61
N HIS C 25 -15.92 14.98 -5.67
CA HIS C 25 -16.66 14.19 -6.66
C HIS C 25 -15.99 13.96 -8.02
N VAL C 26 -15.18 14.88 -8.53
CA VAL C 26 -14.64 14.72 -9.92
C VAL C 26 -13.68 13.52 -10.02
N GLY C 27 -13.87 12.71 -11.07
CA GLY C 27 -13.11 11.48 -11.26
C GLY C 27 -13.59 10.31 -10.41
N GLN C 28 -14.58 10.54 -9.54
CA GLN C 28 -14.97 9.56 -8.51
C GLN C 28 -16.37 8.94 -8.75
N ASP C 29 -16.96 9.18 -9.91
CA ASP C 29 -18.28 8.62 -10.23
C ASP C 29 -18.30 7.10 -10.00
N PRO C 30 -19.18 6.60 -9.11
CA PRO C 30 -19.30 5.14 -8.91
C PRO C 30 -19.70 4.35 -10.16
N GLU C 31 -20.27 5.03 -11.14
CA GLU C 31 -20.69 4.42 -12.40
C GLU C 31 -19.53 3.88 -13.21
N GLN C 32 -18.30 4.25 -12.85
CA GLN C 32 -17.13 3.76 -13.57
C GLN C 32 -16.80 2.31 -13.27
N TRP C 33 -17.31 1.81 -12.16
CA TRP C 33 -16.87 0.52 -11.64
C TRP C 33 -18.06 -0.42 -11.61
N THR C 34 -17.80 -1.70 -11.87
CA THR C 34 -18.81 -2.74 -11.73
C THR C 34 -19.38 -2.73 -10.32
N SER C 35 -18.52 -2.42 -9.34
CA SER C 35 -18.91 -2.43 -7.92
C SER C 35 -19.76 -1.23 -7.48
N ARG C 36 -19.79 -0.17 -8.27
CA ARG C 36 -20.39 1.10 -7.84
C ARG C 36 -19.76 1.64 -6.54
N ALA C 37 -18.49 1.34 -6.33
CA ALA C 37 -17.71 1.91 -5.22
C ALA C 37 -17.74 3.45 -5.27
N VAL C 38 -17.99 4.06 -4.12
CA VAL C 38 -18.01 5.51 -3.97
C VAL C 38 -16.58 6.06 -4.01
N VAL C 39 -15.62 5.26 -3.54
CA VAL C 39 -14.19 5.60 -3.66
C VAL C 39 -13.58 4.70 -4.73
N PRO C 40 -12.86 5.29 -5.73
CA PRO C 40 -12.23 4.45 -6.76
C PRO C 40 -11.25 3.40 -6.21
N PRO C 41 -11.35 2.15 -6.74
CA PRO C 41 -10.34 1.13 -6.39
C PRO C 41 -8.92 1.52 -6.81
N ILE C 42 -7.95 0.89 -6.15
CA ILE C 42 -6.56 1.06 -6.50
C ILE C 42 -6.22 -0.08 -7.46
N SER C 43 -6.10 0.25 -8.73
CA SER C 43 -5.76 -0.72 -9.76
C SER C 43 -4.25 -0.72 -9.99
N LEU C 44 -3.60 -1.75 -9.47
CA LEU C 44 -2.16 -1.88 -9.63
C LEU C 44 -1.78 -2.62 -10.89
N SER C 45 -2.73 -3.30 -11.51
CA SER C 45 -2.42 -4.08 -12.72
C SER C 45 -1.57 -3.29 -13.72
N THR C 46 -0.45 -3.89 -14.14
CA THR C 46 0.39 -3.33 -15.19
C THR C 46 -0.24 -3.47 -16.57
N THR C 47 -1.12 -4.45 -16.73
CA THR C 47 -1.64 -4.76 -18.06
C THR C 47 -3.10 -5.10 -18.01
N PHE C 48 -3.69 -5.18 -19.20
CA PHE C 48 -5.12 -5.26 -19.37
C PHE C 48 -5.40 -6.13 -20.59
N LYS C 49 -6.46 -6.92 -20.48
CA LYS C 49 -6.87 -7.84 -21.52
C LYS C 49 -7.47 -7.08 -22.70
N GLN C 50 -7.09 -7.49 -23.91
CA GLN C 50 -7.58 -6.87 -25.13
C GLN C 50 -8.49 -7.85 -25.86
N GLY C 51 -9.53 -7.33 -26.50
CA GLY C 51 -10.48 -8.15 -27.24
C GLY C 51 -9.92 -8.60 -28.59
N ALA C 52 -9.01 -7.83 -29.14
CA ALA C 52 -8.30 -8.21 -30.36
C ALA C 52 -7.04 -7.37 -30.39
N PRO C 53 -6.04 -7.75 -31.19
CA PRO C 53 -4.76 -7.00 -31.16
C PRO C 53 -4.89 -5.52 -31.49
N GLY C 54 -4.36 -4.66 -30.61
CA GLY C 54 -4.43 -3.21 -30.80
C GLY C 54 -5.71 -2.58 -30.27
N GLN C 55 -6.85 -3.24 -30.50
CA GLN C 55 -8.11 -2.89 -29.85
C GLN C 55 -8.50 -1.42 -30.08
N GLY C 58 -10.02 1.25 -24.41
CA GLY C 58 -9.73 0.72 -23.06
C GLY C 58 -8.27 0.84 -22.69
N PHE C 59 -7.93 0.42 -21.47
CA PHE C 59 -6.53 0.48 -21.03
C PHE C 59 -5.68 -0.60 -21.71
N GLU C 60 -4.40 -0.29 -21.91
CA GLU C 60 -3.48 -1.27 -22.51
C GLU C 60 -2.19 -1.50 -21.73
N TYR C 61 -1.66 -0.45 -21.10
CA TYR C 61 -0.47 -0.59 -20.25
C TYR C 61 -0.40 0.51 -19.20
N SER C 62 -0.17 0.13 -17.94
CA SER C 62 -0.34 1.04 -16.82
C SER C 62 0.39 2.39 -16.99
N ARG C 63 1.63 2.33 -17.48
CA ARG C 63 2.44 3.53 -17.68
C ARG C 63 1.75 4.50 -18.62
N SER C 64 1.11 3.95 -19.65
CA SER C 64 0.45 4.76 -20.66
C SER C 64 -0.82 5.38 -20.08
N GLY C 65 -1.49 4.63 -19.22
CA GLY C 65 -2.70 5.11 -18.58
C GLY C 65 -3.29 4.03 -17.71
N ASN C 66 -3.92 4.42 -16.60
CA ASN C 66 -4.51 3.43 -15.71
C ASN C 66 -5.63 4.08 -14.92
N PRO C 67 -6.57 3.27 -14.41
CA PRO C 67 -7.80 3.82 -13.83
C PRO C 67 -7.58 4.80 -12.70
N THR C 68 -6.71 4.44 -11.76
CA THR C 68 -6.51 5.25 -10.57
C THR C 68 -5.81 6.58 -10.85
N ARG C 69 -4.77 6.57 -11.68
CA ARG C 69 -4.14 7.81 -12.11
C ARG C 69 -5.10 8.69 -12.91
N ASN C 70 -5.84 8.08 -13.82
CA ASN C 70 -6.73 8.85 -14.70
C ASN C 70 -7.78 9.56 -13.86
N CYS C 71 -8.26 8.89 -12.81
CA CYS C 71 -9.19 9.51 -11.87
C CYS C 71 -8.62 10.73 -11.15
N LEU C 72 -7.39 10.61 -10.64
CA LEU C 72 -6.70 11.71 -9.98
C LEU C 72 -6.51 12.86 -10.94
N GLU C 73 -6.09 12.55 -12.17
CA GLU C 73 -5.84 13.58 -13.18
C GLU C 73 -7.11 14.39 -13.52
N LYS C 74 -8.25 13.73 -13.60
CA LYS C 74 -9.51 14.41 -13.84
C LYS C 74 -9.83 15.37 -12.70
N ALA C 75 -9.69 14.88 -11.47
CA ALA C 75 -9.95 15.69 -10.28
C ALA C 75 -9.05 16.93 -10.23
N VAL C 76 -7.74 16.72 -10.39
CA VAL C 76 -6.79 17.84 -10.36
C VAL C 76 -7.12 18.86 -11.46
N ALA C 77 -7.35 18.38 -12.67
CA ALA C 77 -7.76 19.28 -13.75
C ALA C 77 -8.97 20.16 -13.31
N ALA C 78 -10.01 19.53 -12.78
CA ALA C 78 -11.19 20.28 -12.29
C ALA C 78 -10.77 21.37 -11.31
N LEU C 79 -9.91 21.02 -10.36
CA LEU C 79 -9.44 21.98 -9.34
C LEU C 79 -8.66 23.17 -9.88
N ASP C 80 -7.88 22.94 -10.93
CA ASP C 80 -7.21 24.00 -11.68
C ASP C 80 -8.08 24.82 -12.65
N GLY C 81 -9.31 24.38 -12.90
CA GLY C 81 -10.14 24.95 -13.97
C GLY C 81 -9.59 24.56 -15.33
N ALA C 82 -8.90 23.41 -15.37
CA ALA C 82 -8.20 22.93 -16.56
C ALA C 82 -9.00 21.85 -17.30
N LYS C 83 -8.76 21.75 -18.61
CA LYS C 83 -9.30 20.65 -19.41
C LYS C 83 -8.58 19.34 -19.11
N TYR C 84 -7.29 19.40 -18.80
CA TYR C 84 -6.44 18.21 -18.75
C TYR C 84 -5.42 18.27 -17.61
N CYS C 85 -5.06 17.13 -17.05
CA CYS C 85 -3.93 17.10 -16.11
C CYS C 85 -3.17 15.81 -16.32
N LEU C 86 -1.85 15.89 -16.14
CA LEU C 86 -0.96 14.72 -16.18
C LEU C 86 -0.23 14.61 -14.84
N ALA C 87 -0.19 13.41 -14.30
CA ALA C 87 0.51 13.12 -13.02
C ALA C 87 1.87 12.47 -13.30
N PHE C 88 2.84 12.79 -12.45
CA PHE C 88 4.23 12.39 -12.56
C PHE C 88 4.78 11.90 -11.23
N ALA C 89 5.90 11.18 -11.34
CA ALA C 89 6.59 10.55 -10.21
C ALA C 89 7.07 11.55 -9.14
N SER C 90 7.32 12.80 -9.54
CA SER C 90 7.74 13.89 -8.66
C SER C 90 7.48 15.25 -9.34
N GLY C 91 7.53 16.31 -8.55
CA GLY C 91 7.51 17.66 -9.09
C GLY C 91 8.68 17.86 -10.03
N LEU C 92 9.86 17.40 -9.64
CA LEU C 92 11.04 17.49 -10.55
C LEU C 92 10.82 16.72 -11.86
N ALA C 93 10.19 15.56 -11.80
CA ALA C 93 9.94 14.76 -12.99
C ALA C 93 8.96 15.45 -13.95
N ALA C 94 8.01 16.19 -13.37
CA ALA C 94 7.09 17.04 -14.11
C ALA C 94 7.86 18.12 -14.83
N THR C 95 8.83 18.71 -14.12
CA THR C 95 9.66 19.79 -14.67
C THR C 95 10.53 19.28 -15.84
N VAL C 96 11.16 18.13 -15.65
CA VAL C 96 11.94 17.50 -16.71
C VAL C 96 11.04 17.21 -17.94
N THR C 97 9.83 16.73 -17.69
CA THR C 97 8.95 16.31 -18.78
C THR C 97 8.51 17.52 -19.58
N ILE C 98 8.14 18.59 -18.87
CA ILE C 98 7.78 19.85 -19.51
C ILE C 98 8.95 20.37 -20.37
N THR C 99 10.14 20.31 -19.80
CA THR C 99 11.37 20.77 -20.50
C THR C 99 11.62 19.98 -21.78
N HIS C 100 11.23 18.71 -21.81
CA HIS C 100 11.30 17.89 -23.03
C HIS C 100 10.32 18.29 -24.15
N LEU C 101 9.43 19.24 -23.87
CA LEU C 101 8.66 19.90 -24.94
C LEU C 101 9.57 20.69 -25.91
N LEU C 102 10.76 21.05 -25.47
CA LEU C 102 11.66 21.90 -26.25
C LEU C 102 12.56 21.09 -27.18
N LYS C 103 13.61 21.71 -27.69
CA LYS C 103 14.63 21.02 -28.51
C LYS C 103 15.93 21.80 -28.45
N ALA C 104 17.02 21.14 -28.80
CA ALA C 104 18.31 21.78 -28.91
C ALA C 104 18.15 23.13 -29.63
N GLY C 105 18.79 24.16 -29.08
CA GLY C 105 18.68 25.49 -29.64
C GLY C 105 17.69 26.42 -28.93
N ASP C 106 16.74 25.87 -28.19
CA ASP C 106 15.72 26.70 -27.51
C ASP C 106 16.30 27.35 -26.26
N GLN C 107 15.70 28.46 -25.84
CA GLN C 107 16.07 29.14 -24.61
C GLN C 107 14.95 29.03 -23.57
N ILE C 108 15.37 28.84 -22.32
CA ILE C 108 14.50 28.83 -21.18
C ILE C 108 14.81 30.03 -20.29
N ILE C 109 13.79 30.81 -19.97
CA ILE C 109 13.91 31.82 -18.92
C ILE C 109 13.27 31.29 -17.63
N CYS C 110 14.05 31.27 -16.54
CA CYS C 110 13.58 30.78 -15.24
C CYS C 110 13.61 31.92 -14.24
N MET C 111 12.55 32.03 -13.45
CA MET C 111 12.50 32.95 -12.33
C MET C 111 13.75 32.80 -11.51
N ASP C 112 14.33 33.92 -11.06
CA ASP C 112 15.62 33.84 -10.39
C ASP C 112 15.59 33.12 -9.03
N ASP C 113 14.47 33.24 -8.30
CA ASP C 113 14.28 32.53 -7.05
C ASP C 113 13.30 31.37 -7.29
N VAL C 114 13.82 30.16 -7.31
CA VAL C 114 12.99 28.96 -7.38
C VAL C 114 13.53 27.89 -6.44
N TYR C 115 12.70 26.88 -6.25
CA TYR C 115 13.07 25.67 -5.55
C TYR C 115 14.48 25.28 -5.99
N GLY C 116 15.36 25.03 -5.03
CA GLY C 116 16.75 24.69 -5.36
C GLY C 116 16.89 23.64 -6.44
N GLY C 117 16.05 22.59 -6.38
CA GLY C 117 16.06 21.53 -7.39
C GLY C 117 15.71 21.96 -8.81
N THR C 118 14.85 22.98 -8.93
CA THR C 118 14.52 23.55 -10.24
C THR C 118 15.76 24.25 -10.83
N ASN C 119 16.41 25.05 -9.99
CA ASN C 119 17.64 25.72 -10.32
C ASN C 119 18.71 24.70 -10.74
N ARG C 120 18.94 23.69 -9.90
CA ARG C 120 19.86 22.61 -10.19
C ARG C 120 19.60 21.94 -11.56
N TYR C 121 18.35 21.56 -11.83
CA TYR C 121 18.03 20.89 -13.07
C TYR C 121 18.33 21.75 -14.28
N PHE C 122 17.82 22.96 -14.27
CA PHE C 122 18.02 23.88 -15.38
C PHE C 122 19.50 24.24 -15.57
N ARG C 123 20.14 24.67 -14.48
CA ARG C 123 21.52 25.11 -14.52
C ARG C 123 22.52 24.02 -14.86
N GLN C 124 22.37 22.87 -14.25
CA GLN C 124 23.38 21.83 -14.36
C GLN C 124 23.05 20.72 -15.36
N VAL C 125 21.78 20.55 -15.72
CA VAL C 125 21.40 19.39 -16.50
C VAL C 125 20.86 19.79 -17.88
N ALA C 126 19.75 20.53 -17.90
CA ALA C 126 19.10 20.95 -19.12
C ALA C 126 20.03 21.77 -20.02
N SER C 127 20.90 22.57 -19.39
CA SER C 127 21.88 23.40 -20.11
C SER C 127 22.88 22.60 -20.96
N GLU C 128 23.03 21.31 -20.66
CA GLU C 128 23.98 20.46 -21.32
C GLU C 128 23.44 19.78 -22.57
N PHE C 129 22.14 19.96 -22.82
CA PHE C 129 21.45 19.37 -23.96
C PHE C 129 20.91 20.42 -24.95
N GLY C 130 21.69 21.47 -25.13
CA GLY C 130 21.43 22.45 -26.16
C GLY C 130 20.39 23.47 -25.80
N LEU C 131 20.00 23.52 -24.52
CA LEU C 131 19.08 24.53 -24.05
C LEU C 131 19.86 25.63 -23.35
N LYS C 132 19.56 26.87 -23.70
CA LYS C 132 20.14 28.02 -22.99
C LYS C 132 19.24 28.43 -21.81
N ILE C 133 19.85 28.62 -20.64
CA ILE C 133 19.13 28.96 -19.42
C ILE C 133 19.51 30.37 -18.99
N SER C 134 18.49 31.21 -18.79
CA SER C 134 18.63 32.53 -18.23
C SER C 134 17.81 32.63 -16.96
N PHE C 135 18.43 33.02 -15.87
CA PHE C 135 17.71 33.30 -14.63
C PHE C 135 17.44 34.81 -14.53
N VAL C 136 16.16 35.15 -14.45
CA VAL C 136 15.68 36.53 -14.55
C VAL C 136 14.67 36.80 -13.43
N ASP C 137 14.75 37.98 -12.83
CA ASP C 137 13.78 38.40 -11.83
C ASP C 137 12.49 38.81 -12.53
N CYS C 138 11.62 37.84 -12.75
CA CYS C 138 10.37 38.09 -13.47
C CYS C 138 9.36 38.85 -12.62
N SER C 139 9.65 39.10 -11.35
CA SER C 139 8.79 39.95 -10.53
C SER C 139 8.89 41.43 -10.95
N LYS C 140 9.86 41.73 -11.81
CA LYS C 140 10.05 43.05 -12.38
C LYS C 140 9.81 42.89 -13.87
N ILE C 141 8.58 43.20 -14.31
CA ILE C 141 8.13 42.83 -15.66
C ILE C 141 9.03 43.33 -16.81
N LYS C 142 9.74 44.45 -16.60
CA LYS C 142 10.61 44.95 -17.67
C LYS C 142 11.86 44.11 -17.87
N LEU C 143 12.34 43.44 -16.81
CA LEU C 143 13.53 42.56 -16.95
C LEU C 143 13.21 41.32 -17.80
N LEU C 144 11.98 40.83 -17.67
CA LEU C 144 11.52 39.69 -18.45
C LEU C 144 11.45 40.08 -19.91
N GLU C 145 10.79 41.20 -20.17
CA GLU C 145 10.63 41.70 -21.53
C GLU C 145 11.99 41.81 -22.20
N ALA C 146 12.96 42.41 -21.50
CA ALA C 146 14.32 42.57 -22.03
C ALA C 146 15.02 41.24 -22.24
N ALA C 147 14.68 40.24 -21.44
CA ALA C 147 15.29 38.90 -21.49
C ALA C 147 14.78 38.02 -22.64
N ILE C 148 13.57 38.28 -23.12
CA ILE C 148 12.99 37.44 -24.18
C ILE C 148 13.75 37.62 -25.48
N THR C 149 14.11 36.49 -26.10
CA THR C 149 14.77 36.47 -27.40
C THR C 149 13.94 35.63 -28.36
N PRO C 150 14.30 35.67 -29.64
CA PRO C 150 13.57 34.80 -30.58
C PRO C 150 13.71 33.31 -30.28
N GLU C 151 14.73 32.93 -29.53
CA GLU C 151 14.93 31.53 -29.15
C GLU C 151 14.17 31.12 -27.88
N THR C 152 13.58 32.08 -27.18
CA THR C 152 12.81 31.78 -25.94
C THR C 152 11.56 30.94 -26.26
N LYS C 153 11.46 29.77 -25.64
CA LYS C 153 10.31 28.89 -25.84
C LYS C 153 9.60 28.49 -24.55
N LEU C 154 10.26 28.74 -23.41
CA LEU C 154 9.71 28.38 -22.11
C LEU C 154 10.04 29.48 -21.11
N VAL C 155 9.03 29.95 -20.38
CA VAL C 155 9.24 30.80 -19.22
C VAL C 155 8.71 30.08 -17.97
N TRP C 156 9.60 29.82 -17.01
CA TRP C 156 9.27 29.03 -15.82
C TRP C 156 9.24 29.95 -14.61
N ILE C 157 8.06 30.17 -14.03
CA ILE C 157 7.98 30.98 -12.80
C ILE C 157 7.33 30.25 -11.62
N GLU C 158 7.71 30.68 -10.42
CA GLU C 158 7.01 30.35 -9.20
C GLU C 158 6.42 31.63 -8.69
N THR C 159 5.27 31.55 -8.04
CA THR C 159 4.77 32.66 -7.23
C THR C 159 3.79 32.20 -6.17
N PRO C 160 4.06 32.48 -4.88
CA PRO C 160 5.29 33.10 -4.37
C PRO C 160 6.49 32.19 -4.58
N THR C 161 7.68 32.78 -4.72
CA THR C 161 8.92 32.01 -4.91
C THR C 161 9.40 31.28 -3.67
N ASN C 162 10.07 30.17 -3.91
CA ASN C 162 10.60 29.34 -2.85
C ASN C 162 12.09 29.60 -2.76
N PRO C 163 12.58 30.16 -1.63
CA PRO C 163 11.97 30.50 -0.36
C PRO C 163 11.68 31.98 -0.07
N THR C 164 12.08 32.92 -0.92
CA THR C 164 12.02 34.37 -0.56
C THR C 164 10.69 35.04 -0.82
N GLN C 165 9.78 34.29 -1.44
CA GLN C 165 8.39 34.71 -1.62
C GLN C 165 8.20 36.05 -2.33
N LYS C 166 8.98 36.24 -3.39
CA LYS C 166 8.68 37.25 -4.39
C LYS C 166 7.42 36.81 -5.13
N VAL C 167 6.62 37.79 -5.48
CA VAL C 167 5.33 37.56 -6.12
C VAL C 167 5.36 38.17 -7.53
N ILE C 168 4.85 37.40 -8.49
CA ILE C 168 4.80 37.77 -9.89
C ILE C 168 3.33 37.94 -10.30
N ASP C 169 3.06 39.02 -11.04
CA ASP C 169 1.74 39.26 -11.64
C ASP C 169 1.60 38.31 -12.82
N ILE C 170 0.87 37.21 -12.63
CA ILE C 170 0.82 36.12 -13.63
C ILE C 170 0.19 36.65 -14.93
N GLU C 171 -0.94 37.34 -14.83
CA GLU C 171 -1.59 37.92 -16.03
C GLU C 171 -0.69 38.89 -16.82
N GLY C 172 -0.02 39.79 -16.11
CA GLY C 172 0.92 40.71 -16.72
C GLY C 172 2.07 39.98 -17.38
N CYS C 173 2.55 38.95 -16.70
CA CYS C 173 3.66 38.16 -17.20
C CYS C 173 3.25 37.36 -18.46
N ALA C 174 2.05 36.80 -18.41
CA ALA C 174 1.46 36.07 -19.53
C ALA C 174 1.32 36.98 -20.75
N HIS C 175 0.73 38.15 -20.53
CA HIS C 175 0.58 39.11 -21.60
C HIS C 175 1.93 39.40 -22.27
N ILE C 176 2.95 39.73 -21.49
CA ILE C 176 4.30 39.94 -22.00
C ILE C 176 4.82 38.73 -22.81
N VAL C 177 4.74 37.53 -22.24
CA VAL C 177 5.36 36.33 -22.85
C VAL C 177 4.64 35.96 -24.17
N HIS C 178 3.33 36.12 -24.18
CA HIS C 178 2.53 35.70 -25.33
C HIS C 178 2.45 36.76 -26.44
N LYS C 179 2.89 37.98 -26.16
CA LYS C 179 2.90 39.05 -27.15
C LYS C 179 3.73 38.68 -28.36
N HIS C 180 4.90 38.12 -28.14
CA HIS C 180 5.66 37.66 -29.28
C HIS C 180 5.87 36.17 -29.28
N GLY C 181 4.85 35.49 -29.75
CA GLY C 181 5.03 34.19 -30.36
C GLY C 181 4.76 33.01 -29.48
N ASP C 182 5.37 31.91 -29.89
CA ASP C 182 5.13 30.60 -29.37
C ASP C 182 5.98 30.35 -28.10
N ILE C 183 5.61 31.00 -27.00
CA ILE C 183 6.33 30.81 -25.72
C ILE C 183 5.38 30.25 -24.66
N ILE C 184 5.82 29.16 -24.03
CA ILE C 184 5.05 28.49 -22.98
C ILE C 184 5.35 29.17 -21.64
N LEU C 185 4.30 29.60 -20.95
CA LEU C 185 4.45 30.09 -19.57
C LEU C 185 3.99 29.03 -18.57
N VAL C 186 4.91 28.54 -17.77
CA VAL C 186 4.59 27.64 -16.66
C VAL C 186 4.55 28.44 -15.36
N VAL C 187 3.49 28.22 -14.57
CA VAL C 187 3.47 28.62 -13.16
C VAL C 187 3.49 27.37 -12.28
N ASP C 188 4.59 27.22 -11.55
CA ASP C 188 4.72 26.26 -10.49
C ASP C 188 3.97 26.86 -9.30
N ASN C 189 2.80 26.26 -9.06
CA ASN C 189 1.79 26.74 -8.14
C ASN C 189 1.80 25.88 -6.87
N THR C 190 2.93 25.23 -6.60
CA THR C 190 3.11 24.36 -5.42
C THR C 190 2.69 25.01 -4.09
N PHE C 191 3.14 26.24 -3.86
CA PHE C 191 2.94 26.96 -2.60
C PHE C 191 1.49 27.36 -2.34
N MET C 192 0.80 27.86 -3.39
CA MET C 192 -0.57 28.32 -3.25
C MET C 192 -1.63 27.22 -3.28
N SER C 193 -1.45 26.22 -4.14
CA SER C 193 -2.52 25.25 -4.47
C SER C 193 -3.62 25.94 -5.30
N PRO C 194 -4.40 25.15 -6.07
CA PRO C 194 -5.47 25.73 -6.87
C PRO C 194 -6.64 26.24 -6.03
N TYR C 195 -6.68 25.89 -4.74
CA TYR C 195 -7.63 26.50 -3.82
C TYR C 195 -7.47 28.04 -3.70
N PHE C 196 -6.23 28.51 -3.72
CA PHE C 196 -5.90 29.93 -3.52
C PHE C 196 -5.48 30.65 -4.78
N GLN C 197 -4.97 29.94 -5.77
CA GLN C 197 -4.51 30.57 -6.98
C GLN C 197 -4.71 29.66 -8.20
N ARG C 198 -5.25 30.22 -9.29
CA ARG C 198 -5.48 29.49 -10.56
C ARG C 198 -4.74 30.12 -11.73
N PRO C 199 -3.46 29.76 -11.90
CA PRO C 199 -2.64 30.32 -12.97
C PRO C 199 -3.24 30.24 -14.40
N LEU C 200 -4.04 29.20 -14.66
CA LEU C 200 -4.60 29.02 -15.98
C LEU C 200 -5.68 30.07 -16.21
N ALA C 201 -6.41 30.45 -15.17
CA ALA C 201 -7.42 31.52 -15.27
C ALA C 201 -6.80 32.91 -15.47
N LEU C 202 -5.50 33.01 -15.18
CA LEU C 202 -4.75 34.27 -15.26
C LEU C 202 -3.84 34.31 -16.46
N GLY C 203 -3.92 33.30 -17.34
CA GLY C 203 -3.23 33.30 -18.63
C GLY C 203 -1.99 32.45 -18.75
N ALA C 204 -1.64 31.69 -17.71
CA ALA C 204 -0.55 30.72 -17.83
C ALA C 204 -0.98 29.62 -18.78
N ASP C 205 -0.02 28.98 -19.43
CA ASP C 205 -0.30 27.84 -20.31
C ASP C 205 -0.35 26.52 -19.53
N ILE C 206 0.49 26.46 -18.50
CA ILE C 206 0.61 25.30 -17.61
C ILE C 206 0.60 25.76 -16.15
N SER C 207 -0.17 25.03 -15.35
CA SER C 207 -0.12 25.12 -13.90
C SER C 207 0.50 23.82 -13.37
N MET C 208 1.69 23.92 -12.77
CA MET C 208 2.44 22.77 -12.28
C MET C 208 2.48 22.68 -10.75
N TYR C 209 2.54 21.46 -10.22
CA TYR C 209 2.69 21.23 -8.77
C TYR C 209 3.73 20.18 -8.45
N SER C 210 4.51 20.47 -7.41
CA SER C 210 5.01 19.39 -6.58
C SER C 210 3.85 19.02 -5.68
N ALA C 211 3.21 17.90 -5.98
CA ALA C 211 2.05 17.43 -5.21
C ALA C 211 2.53 16.84 -3.88
N THR C 212 3.83 16.59 -3.80
CA THR C 212 4.54 16.24 -2.57
C THR C 212 4.27 17.17 -1.39
N LYS C 213 3.90 18.41 -1.70
CA LYS C 213 3.69 19.40 -0.69
C LYS C 213 2.20 19.48 -0.35
N TYR C 214 1.56 20.59 -0.66
CA TYR C 214 0.20 20.82 -0.22
C TYR C 214 -0.84 19.94 -0.92
N MET C 215 -0.66 19.64 -2.20
CA MET C 215 -1.73 18.96 -2.94
C MET C 215 -2.14 17.66 -2.22
N ASN C 216 -1.16 16.80 -2.00
CA ASN C 216 -1.37 15.62 -1.15
C ASN C 216 -1.56 15.99 0.33
N GLY C 217 -0.65 16.80 0.84
CA GLY C 217 -0.73 17.39 2.17
C GLY C 217 -0.53 16.49 3.37
N HIS C 218 -0.15 15.24 3.14
CA HIS C 218 -0.03 14.25 4.21
C HIS C 218 1.37 13.64 4.34
N SER C 219 2.33 14.26 3.66
CA SER C 219 3.78 14.05 3.90
C SER C 219 4.17 12.60 3.61
N ASP C 220 3.45 11.96 2.68
CA ASP C 220 3.65 10.55 2.43
C ASP C 220 3.55 10.12 0.96
N VAL C 221 3.62 11.08 0.05
CA VAL C 221 3.60 10.87 -1.39
C VAL C 221 4.51 11.90 -2.03
N VAL C 222 5.43 11.42 -2.88
CA VAL C 222 6.21 12.25 -3.81
C VAL C 222 5.54 12.13 -5.18
N MET C 223 5.18 13.25 -5.77
CA MET C 223 4.40 13.29 -6.98
C MET C 223 4.44 14.69 -7.57
N GLY C 224 4.32 14.74 -8.91
CA GLY C 224 4.14 15.98 -9.62
C GLY C 224 2.86 15.98 -10.44
N LEU C 225 2.40 17.17 -10.76
CA LEU C 225 1.16 17.34 -11.47
C LEU C 225 1.26 18.57 -12.40
N VAL C 226 0.66 18.45 -13.59
CA VAL C 226 0.72 19.42 -14.65
C VAL C 226 -0.67 19.54 -15.32
N SER C 227 -1.26 20.73 -15.20
CA SER C 227 -2.58 21.00 -15.75
C SER C 227 -2.43 21.96 -16.93
N VAL C 228 -3.23 21.70 -17.96
CA VAL C 228 -3.11 22.34 -19.22
C VAL C 228 -4.51 22.45 -19.89
N ASN C 229 -4.71 23.50 -20.69
CA ASN C 229 -5.94 23.66 -21.49
C ASN C 229 -5.69 23.44 -23.00
N CYS C 230 -4.57 23.97 -23.51
CA CYS C 230 -4.27 23.87 -24.95
C CYS C 230 -4.15 22.43 -25.44
N GLU C 231 -4.94 22.08 -26.45
CA GLU C 231 -4.90 20.74 -27.08
C GLU C 231 -3.54 20.30 -27.53
N SER C 232 -2.89 21.17 -28.29
CA SER C 232 -1.59 20.83 -28.85
C SER C 232 -0.57 20.57 -27.73
N LEU C 233 -0.56 21.45 -26.75
CA LEU C 233 0.32 21.31 -25.59
C LEU C 233 0.00 20.04 -24.79
N HIS C 234 -1.27 19.74 -24.63
CA HIS C 234 -1.67 18.53 -23.92
C HIS C 234 -1.14 17.30 -24.62
N ASN C 235 -1.41 17.19 -25.92
CA ASN C 235 -0.90 16.09 -26.73
C ASN C 235 0.61 15.90 -26.66
N ARG C 236 1.37 16.99 -26.73
CA ARG C 236 2.82 16.91 -26.61
C ARG C 236 3.21 16.42 -25.21
N LEU C 237 2.53 16.91 -24.17
CA LEU C 237 2.81 16.47 -22.81
C LEU C 237 2.45 15.01 -22.61
N ARG C 238 1.27 14.63 -23.10
CA ARG C 238 0.79 13.23 -22.97
C ARG C 238 1.75 12.25 -23.59
N PHE C 239 2.27 12.60 -24.77
CA PHE C 239 3.28 11.79 -25.45
C PHE C 239 4.50 11.57 -24.55
N LEU C 240 4.96 12.64 -23.89
CA LEU C 240 6.15 12.57 -23.06
C LEU C 240 5.89 11.89 -21.72
N GLN C 241 4.67 11.98 -21.20
CA GLN C 241 4.31 11.22 -20.00
C GLN C 241 4.52 9.71 -20.29
N ASN C 242 4.04 9.25 -21.46
CA ASN C 242 4.19 7.86 -21.82
C ASN C 242 5.62 7.50 -22.20
N SER C 243 6.28 8.39 -22.92
CA SER C 243 7.55 8.10 -23.59
C SER C 243 8.76 8.23 -22.69
N LEU C 244 8.66 9.10 -21.67
CA LEU C 244 9.72 9.22 -20.68
C LEU C 244 9.46 8.38 -19.44
N GLY C 245 8.20 8.07 -19.19
CA GLY C 245 7.81 7.12 -18.17
C GLY C 245 8.05 7.48 -16.70
N ALA C 246 8.12 8.78 -16.41
CA ALA C 246 8.29 9.27 -15.02
C ALA C 246 6.90 9.41 -14.38
N VAL C 247 6.26 8.25 -14.21
CA VAL C 247 4.87 8.14 -13.86
C VAL C 247 4.75 7.72 -12.38
N PRO C 248 3.64 8.10 -11.74
CA PRO C 248 3.45 7.79 -10.33
C PRO C 248 2.81 6.42 -10.14
N SER C 249 3.08 5.78 -9.00
CA SER C 249 2.35 4.58 -8.60
C SER C 249 0.84 4.81 -8.53
N PRO C 250 0.03 3.87 -9.03
CA PRO C 250 -1.42 4.03 -8.80
C PRO C 250 -1.81 4.14 -7.33
N ILE C 251 -1.06 3.52 -6.44
CA ILE C 251 -1.39 3.59 -5.02
C ILE C 251 -1.10 5.00 -4.48
N ASP C 252 0.01 5.61 -4.91
CA ASP C 252 0.29 7.02 -4.59
C ASP C 252 -0.77 7.93 -5.18
N CYS C 253 -1.21 7.63 -6.41
CA CYS C 253 -2.35 8.37 -6.99
C CYS C 253 -3.60 8.33 -6.09
N TYR C 254 -3.92 7.15 -5.54
CA TYR C 254 -5.05 7.00 -4.61
CA TYR C 254 -5.04 7.02 -4.63
C TYR C 254 -4.84 7.84 -3.34
N LEU C 255 -3.65 7.77 -2.77
CA LEU C 255 -3.32 8.54 -1.57
C LEU C 255 -3.41 10.05 -1.82
N CYS C 256 -2.93 10.52 -2.98
CA CYS C 256 -3.01 11.94 -3.32
C CYS C 256 -4.46 12.39 -3.58
N ASN C 257 -5.23 11.54 -4.25
CA ASN C 257 -6.63 11.84 -4.50
C ASN C 257 -7.38 11.89 -3.17
N ARG C 258 -7.04 11.01 -2.25
CA ARG C 258 -7.64 11.04 -0.93
C ARG C 258 -7.26 12.33 -0.20
N GLY C 259 -5.98 12.71 -0.25
CA GLY C 259 -5.55 13.94 0.34
C GLY C 259 -6.27 15.15 -0.25
N LEU C 260 -6.50 15.16 -1.56
CA LEU C 260 -7.23 16.26 -2.20
C LEU C 260 -8.62 16.55 -1.60
N LYS C 261 -9.26 15.53 -1.07
CA LYS C 261 -10.63 15.67 -0.56
C LYS C 261 -10.73 16.49 0.74
N THR C 262 -9.59 16.76 1.39
CA THR C 262 -9.52 17.72 2.49
C THR C 262 -8.71 18.97 2.11
N LEU C 263 -8.39 19.17 0.85
CA LEU C 263 -7.53 20.31 0.48
C LEU C 263 -8.16 21.65 0.92
N HIS C 264 -9.45 21.83 0.67
CA HIS C 264 -10.12 23.08 1.05
C HIS C 264 -10.01 23.35 2.56
N VAL C 265 -10.33 22.37 3.37
CA VAL C 265 -10.33 22.56 4.82
C VAL C 265 -8.91 22.65 5.42
N ARG C 266 -7.96 21.94 4.82
CA ARG C 266 -6.56 22.10 5.19
C ARG C 266 -6.03 23.50 4.84
N MET C 267 -6.29 23.94 3.60
CA MET C 267 -5.78 25.22 3.13
C MET C 267 -6.32 26.40 3.92
N GLU C 268 -7.62 26.40 4.24
CA GLU C 268 -8.16 27.45 5.11
C GLU C 268 -7.44 27.54 6.46
N LYS C 269 -7.14 26.37 7.03
CA LYS C 269 -6.47 26.32 8.33
C LYS C 269 -4.99 26.71 8.20
N HIS C 270 -4.32 26.30 7.13
CA HIS C 270 -2.97 26.81 6.84
C HIS C 270 -2.92 28.34 6.79
N PHE C 271 -3.93 28.93 6.18
CA PHE C 271 -4.02 30.38 6.02
C PHE C 271 -4.18 31.05 7.38
N LYS C 272 -5.11 30.53 8.18
CA LYS C 272 -5.35 31.05 9.54
C LYS C 272 -4.08 31.00 10.40
N ASN C 273 -3.49 29.80 10.45
CA ASN C 273 -2.29 29.56 11.27
C ASN C 273 -1.12 30.37 10.73
N GLY C 274 -0.93 30.37 9.42
CA GLY C 274 0.14 31.09 8.75
C GLY C 274 0.09 32.57 9.02
N MET C 275 -1.11 33.15 8.94
CA MET C 275 -1.29 34.57 9.17
C MET C 275 -0.99 34.92 10.62
N ALA C 276 -1.49 34.12 11.56
CA ALA C 276 -1.17 34.28 12.97
C ALA C 276 0.32 34.25 13.25
N VAL C 277 1.01 33.27 12.65
CA VAL C 277 2.47 33.16 12.76
C VAL C 277 3.17 34.37 12.18
N ALA C 278 2.81 34.74 10.96
CA ALA C 278 3.45 35.87 10.29
C ALA C 278 3.33 37.16 11.15
N GLN C 279 2.14 37.44 11.65
CA GLN C 279 1.86 38.60 12.50
C GLN C 279 2.64 38.54 13.82
N PHE C 280 2.69 37.36 14.46
CA PHE C 280 3.51 37.16 15.64
C PHE C 280 4.99 37.49 15.40
N LEU C 281 5.53 36.95 14.31
CA LEU C 281 6.92 37.14 14.01
C LEU C 281 7.22 38.60 13.72
N GLU C 282 6.35 39.28 12.97
CA GLU C 282 6.65 40.65 12.56
C GLU C 282 6.66 41.61 13.73
N SER C 283 5.92 41.34 14.80
CA SER C 283 5.90 42.26 15.92
C SER C 283 6.86 41.78 17.03
N ASN C 284 7.70 40.80 16.69
CA ASN C 284 8.62 40.20 17.67
C ASN C 284 9.97 40.89 17.48
N PRO C 285 10.55 41.43 18.56
CA PRO C 285 11.77 42.25 18.44
C PRO C 285 13.05 41.50 18.06
N TRP C 286 13.02 40.16 18.11
CA TRP C 286 14.15 39.35 17.70
C TRP C 286 14.11 38.94 16.22
N VAL C 287 13.12 39.46 15.49
CA VAL C 287 12.91 39.13 14.10
C VAL C 287 13.24 40.38 13.27
N GLU C 288 14.14 40.24 12.30
CA GLU C 288 14.56 41.36 11.46
C GLU C 288 13.51 41.77 10.44
N LYS C 289 12.93 40.77 9.78
CA LYS C 289 12.00 41.00 8.65
C LYS C 289 11.19 39.73 8.48
N VAL C 290 9.90 39.89 8.17
CA VAL C 290 9.00 38.78 7.83
C VAL C 290 8.58 38.96 6.38
N ILE C 291 8.55 37.87 5.63
CA ILE C 291 8.00 37.87 4.28
C ILE C 291 6.78 36.96 4.24
N TYR C 292 5.60 37.56 4.22
CA TYR C 292 4.36 36.79 4.08
C TYR C 292 3.38 37.58 3.21
N PRO C 293 2.98 37.01 2.06
CA PRO C 293 2.03 37.70 1.19
C PRO C 293 0.75 38.22 1.87
N GLY C 294 0.33 37.59 2.97
CA GLY C 294 -0.88 37.99 3.73
C GLY C 294 -0.72 39.24 4.59
N LEU C 295 0.53 39.67 4.80
CA LEU C 295 0.84 40.85 5.61
C LEU C 295 0.93 42.08 4.69
N PRO C 296 0.38 43.23 5.12
CA PRO C 296 0.49 44.54 4.43
C PRO C 296 1.91 44.97 4.10
N SER C 297 2.87 44.54 4.89
CA SER C 297 4.27 44.80 4.62
C SER C 297 4.79 44.08 3.39
N HIS C 298 4.12 43.03 2.92
CA HIS C 298 4.64 42.37 1.73
C HIS C 298 4.54 43.35 0.56
N PRO C 299 5.64 43.52 -0.20
CA PRO C 299 5.69 44.44 -1.32
C PRO C 299 4.62 44.21 -2.38
N GLN C 300 4.09 42.99 -2.47
CA GLN C 300 3.10 42.67 -3.47
C GLN C 300 1.79 42.29 -2.82
N HIS C 301 1.56 42.76 -1.61
CA HIS C 301 0.36 42.39 -0.87
C HIS C 301 -0.94 42.74 -1.64
N GLU C 302 -0.94 43.88 -2.31
CA GLU C 302 -2.15 44.26 -3.05
C GLU C 302 -2.33 43.39 -4.27
N LEU C 303 -1.23 43.05 -4.95
CA LEU C 303 -1.28 42.14 -6.09
C LEU C 303 -1.81 40.78 -5.66
N VAL C 304 -1.33 40.27 -4.53
CA VAL C 304 -1.75 38.99 -3.98
C VAL C 304 -3.27 38.91 -3.80
N LYS C 305 -3.87 39.97 -3.27
CA LYS C 305 -5.31 40.01 -3.08
C LYS C 305 -6.09 40.01 -4.39
N ARG C 306 -5.47 40.54 -5.43
CA ARG C 306 -6.05 40.60 -6.75
C ARG C 306 -5.96 39.24 -7.46
N GLN C 307 -4.89 38.48 -7.24
CA GLN C 307 -4.75 37.22 -7.99
C GLN C 307 -4.93 35.94 -7.17
N CYS C 308 -5.28 36.06 -5.89
CA CYS C 308 -5.44 34.90 -5.00
C CYS C 308 -6.67 35.03 -4.16
N THR C 309 -7.20 33.89 -3.69
CA THR C 309 -8.39 33.85 -2.84
C THR C 309 -8.00 33.80 -1.36
N GLY C 310 -6.71 33.74 -1.09
CA GLY C 310 -6.21 33.68 0.27
C GLY C 310 -4.73 33.44 0.25
N CYS C 311 -4.17 33.13 1.43
CA CYS C 311 -2.73 32.83 1.56
C CYS C 311 -2.47 31.48 2.24
N THR C 312 -1.24 31.02 2.11
CA THR C 312 -0.88 29.66 2.47
C THR C 312 -0.16 29.61 3.82
N GLY C 313 0.38 28.45 4.17
CA GLY C 313 1.07 28.27 5.44
C GLY C 313 2.54 28.64 5.43
N MET C 314 3.06 29.02 4.28
CA MET C 314 4.50 29.28 4.14
C MET C 314 4.85 30.68 4.63
N VAL C 315 5.79 30.76 5.57
CA VAL C 315 6.18 32.04 6.20
C VAL C 315 7.71 32.07 6.26
N THR C 316 8.28 33.10 5.67
CA THR C 316 9.72 33.26 5.60
C THR C 316 10.06 34.45 6.48
N PHE C 317 11.19 34.36 7.16
CA PHE C 317 11.64 35.48 7.95
C PHE C 317 13.15 35.44 8.12
N TYR C 318 13.69 36.58 8.52
CA TYR C 318 15.08 36.70 8.83
C TYR C 318 15.18 36.96 10.31
N ILE C 319 15.95 36.12 11.00
CA ILE C 319 16.20 36.30 12.43
C ILE C 319 17.28 37.36 12.55
N LYS C 320 17.21 38.16 13.61
CA LYS C 320 18.30 39.06 13.94
C LYS C 320 19.51 38.23 14.36
N GLY C 321 20.67 38.86 14.30
CA GLY C 321 21.92 38.24 14.64
C GLY C 321 22.54 37.52 13.46
N THR C 322 23.06 36.33 13.71
CA THR C 322 23.88 35.61 12.75
C THR C 322 23.37 34.18 12.64
N LEU C 323 24.05 33.40 11.82
CA LEU C 323 23.80 31.96 11.73
C LEU C 323 23.74 31.26 13.07
N GLN C 324 24.55 31.71 14.04
CA GLN C 324 24.53 31.12 15.37
C GLN C 324 23.19 31.30 16.05
N HIS C 325 22.54 32.45 15.86
CA HIS C 325 21.20 32.68 16.45
C HIS C 325 20.09 31.86 15.72
N ALA C 326 20.18 31.77 14.40
CA ALA C 326 19.30 30.90 13.60
C ALA C 326 19.37 29.46 14.07
N GLU C 327 20.59 29.00 14.33
CA GLU C 327 20.80 27.63 14.81
C GLU C 327 20.27 27.41 16.21
N ILE C 328 20.46 28.39 17.10
CA ILE C 328 19.88 28.26 18.44
C ILE C 328 18.34 28.22 18.38
N PHE C 329 17.76 29.09 17.57
CA PHE C 329 16.32 29.12 17.36
C PHE C 329 15.84 27.74 16.90
N LEU C 330 16.48 27.21 15.86
CA LEU C 330 16.04 25.93 15.25
C LEU C 330 16.13 24.77 16.23
N LYS C 331 17.21 24.77 17.00
CA LYS C 331 17.52 23.71 17.94
C LYS C 331 16.61 23.70 19.15
N ASN C 332 16.02 24.86 19.46
CA ASN C 332 15.12 25.00 20.59
C ASN C 332 13.65 24.75 20.27
N LEU C 333 13.30 24.57 19.00
CA LEU C 333 11.93 24.28 18.64
C LEU C 333 11.57 22.92 19.13
N LYS C 334 10.34 22.81 19.64
CA LYS C 334 9.85 21.59 20.28
C LYS C 334 8.58 21.02 19.64
N LEU C 335 7.96 21.76 18.75
CA LEU C 335 6.73 21.34 18.10
C LEU C 335 6.97 21.37 16.59
N PHE C 336 7.40 22.54 16.09
CA PHE C 336 7.97 22.64 14.75
C PHE C 336 9.12 21.63 14.65
N THR C 337 9.17 20.93 13.52
CA THR C 337 10.24 19.97 13.25
C THR C 337 11.27 20.52 12.24
N LEU C 338 12.54 20.39 12.59
CA LEU C 338 13.63 20.67 11.65
C LEU C 338 13.70 19.59 10.56
N ALA C 339 13.31 19.96 9.34
CA ALA C 339 13.12 19.02 8.24
C ALA C 339 12.94 19.81 6.93
N GLU C 340 13.31 19.17 5.82
CA GLU C 340 13.02 19.68 4.49
C GLU C 340 11.56 19.36 4.15
N SER C 341 11.13 19.86 3.00
CA SER C 341 9.77 19.78 2.50
C SER C 341 8.80 20.78 3.16
N LEU C 342 7.53 20.65 2.81
CA LEU C 342 6.51 21.64 3.20
C LEU C 342 5.14 21.17 2.78
N GLY C 343 4.13 21.85 3.32
CA GLY C 343 2.76 21.65 2.89
C GLY C 343 1.96 20.55 3.53
N GLY C 344 2.53 19.90 4.54
CA GLY C 344 1.86 18.87 5.29
C GLY C 344 1.13 19.35 6.53
N PHE C 345 0.46 18.40 7.19
CA PHE C 345 -0.33 18.67 8.40
C PHE C 345 0.58 19.16 9.55
N GLU C 346 1.88 18.83 9.49
CA GLU C 346 2.79 19.17 10.58
C GLU C 346 3.64 20.40 10.23
N SER C 347 3.99 21.16 11.27
CA SER C 347 4.80 22.36 11.09
C SER C 347 6.30 22.02 11.00
N LEU C 348 6.94 22.62 10.01
CA LEU C 348 8.34 22.36 9.71
C LEU C 348 9.08 23.68 9.70
N ALA C 349 10.34 23.64 10.10
CA ALA C 349 11.21 24.79 9.96
C ALA C 349 12.51 24.37 9.30
N GLU C 350 13.10 25.27 8.53
CA GLU C 350 14.40 24.99 7.93
C GLU C 350 15.19 26.24 7.62
N LEU C 351 16.45 26.03 7.26
CA LEU C 351 17.37 27.10 6.87
C LEU C 351 17.78 26.81 5.43
N PRO C 352 17.03 27.39 4.45
CA PRO C 352 17.25 27.09 3.05
C PRO C 352 18.69 27.10 2.53
N ALA C 353 19.52 28.02 3.01
CA ALA C 353 20.89 28.15 2.52
C ALA C 353 21.71 26.88 2.71
N ILE C 354 21.45 26.21 3.82
CA ILE C 354 22.14 25.00 4.25
C ILE C 354 21.37 23.76 3.91
N MET C 355 20.05 23.87 3.72
CA MET C 355 19.21 22.70 3.53
C MET C 355 18.64 22.65 2.10
N THR C 356 17.39 23.04 1.91
CA THR C 356 16.73 22.82 0.61
C THR C 356 17.35 23.59 -0.54
N HIS C 357 18.11 24.64 -0.23
CA HIS C 357 18.68 25.49 -1.29
C HIS C 357 20.21 25.48 -1.28
N ALA C 358 20.80 24.44 -0.68
CA ALA C 358 22.26 24.25 -0.74
C ALA C 358 22.68 23.96 -2.17
N SER C 359 21.74 23.50 -3.00
CA SER C 359 21.97 23.25 -4.45
C SER C 359 22.07 24.52 -5.32
N VAL C 360 21.65 25.65 -4.76
CA VAL C 360 21.83 26.98 -5.37
C VAL C 360 23.23 27.51 -5.03
N LEU C 361 23.96 27.92 -6.06
CA LEU C 361 25.30 28.45 -5.88
C LEU C 361 25.29 29.57 -4.85
N LYS C 362 26.32 29.61 -4.02
CA LYS C 362 26.37 30.60 -2.94
C LYS C 362 26.27 32.02 -3.43
N ASN C 363 26.93 32.37 -4.54
CA ASN C 363 26.80 33.73 -5.07
C ASN C 363 25.38 34.02 -5.49
N ASP C 364 24.70 33.02 -6.07
CA ASP C 364 23.28 33.16 -6.45
C ASP C 364 22.39 33.35 -5.23
N ARG C 365 22.62 32.56 -4.18
CA ARG C 365 21.95 32.72 -2.89
C ARG C 365 22.13 34.11 -2.31
N ASP C 366 23.38 34.59 -2.32
CA ASP C 366 23.67 35.93 -1.77
C ASP C 366 22.95 37.00 -2.57
N VAL C 367 22.95 36.88 -3.90
CA VAL C 367 22.24 37.80 -4.79
C VAL C 367 20.72 37.80 -4.50
N LEU C 368 20.17 36.60 -4.28
CA LEU C 368 18.74 36.40 -4.03
C LEU C 368 18.29 36.77 -2.61
N GLY C 369 19.24 36.94 -1.68
CA GLY C 369 18.90 37.17 -0.29
C GLY C 369 18.67 35.92 0.55
N ILE C 370 19.13 34.76 0.05
CA ILE C 370 19.01 33.52 0.80
C ILE C 370 20.24 33.46 1.69
N SER C 371 20.21 34.26 2.74
CA SER C 371 21.33 34.40 3.62
C SER C 371 21.29 33.30 4.69
N ASP C 372 22.32 33.26 5.53
CA ASP C 372 22.36 32.32 6.65
C ASP C 372 21.41 32.67 7.81
N THR C 373 20.74 33.80 7.71
CA THR C 373 19.72 34.17 8.69
C THR C 373 18.30 34.02 8.16
N LEU C 374 18.14 33.63 6.91
CA LEU C 374 16.81 33.37 6.36
C LEU C 374 16.28 31.98 6.79
N ILE C 375 15.14 31.99 7.44
CA ILE C 375 14.47 30.78 7.94
C ILE C 375 13.15 30.71 7.18
N ARG C 376 12.81 29.50 6.74
CA ARG C 376 11.49 29.25 6.20
C ARG C 376 10.68 28.29 7.08
N LEU C 377 9.44 28.68 7.40
CA LEU C 377 8.51 27.86 8.13
C LEU C 377 7.46 27.37 7.16
N SER C 378 7.07 26.11 7.34
CA SER C 378 5.84 25.58 6.77
C SER C 378 4.90 25.40 7.94
N VAL C 379 3.93 26.31 8.09
CA VAL C 379 3.02 26.24 9.23
C VAL C 379 1.89 25.23 8.96
N GLY C 380 1.73 24.29 9.89
CA GLY C 380 0.88 23.15 9.72
C GLY C 380 -0.49 23.39 10.36
N LEU C 381 -1.17 22.31 10.72
CA LEU C 381 -2.54 22.38 11.15
C LEU C 381 -2.70 22.16 12.66
N GLU C 382 -1.60 22.22 13.42
CA GLU C 382 -1.71 22.16 14.89
C GLU C 382 -2.42 23.38 15.48
N ASP C 383 -2.65 23.32 16.79
CA ASP C 383 -3.34 24.41 17.47
C ASP C 383 -2.51 25.67 17.44
N GLU C 384 -3.16 26.76 17.05
CA GLU C 384 -2.45 27.99 16.84
C GLU C 384 -1.61 28.39 18.04
N GLU C 385 -2.15 28.34 19.24
CA GLU C 385 -1.43 28.85 20.39
C GLU C 385 -0.20 28.00 20.68
N ASP C 386 -0.27 26.70 20.38
CA ASP C 386 0.88 25.84 20.60
C ASP C 386 2.01 26.22 19.64
N LEU C 387 1.68 26.54 18.40
CA LEU C 387 2.67 26.96 17.42
C LEU C 387 3.32 28.31 17.81
N LEU C 388 2.52 29.23 18.33
CA LEU C 388 3.04 30.58 18.67
C LEU C 388 3.90 30.50 19.90
N GLU C 389 3.50 29.66 20.85
CA GLU C 389 4.29 29.37 22.04
C GLU C 389 5.66 28.81 21.68
N ASP C 390 5.68 27.83 20.76
CA ASP C 390 6.92 27.22 20.33
C ASP C 390 7.90 28.23 19.71
N LEU C 391 7.39 29.06 18.83
CA LEU C 391 8.20 30.09 18.23
C LEU C 391 8.66 31.12 19.27
N ASP C 392 7.76 31.50 20.16
CA ASP C 392 8.10 32.50 21.17
C ASP C 392 9.27 32.05 22.06
N GLN C 393 9.17 30.84 22.59
CA GLN C 393 10.22 30.30 23.46
C GLN C 393 11.55 30.05 22.71
N ALA C 394 11.48 29.66 21.44
CA ALA C 394 12.69 29.42 20.66
C ALA C 394 13.43 30.73 20.35
N LEU C 395 12.68 31.78 20.04
CA LEU C 395 13.28 33.08 19.77
C LEU C 395 13.91 33.63 21.06
N LYS C 396 13.26 33.38 22.18
CA LYS C 396 13.77 33.79 23.47
C LYS C 396 15.09 33.10 23.78
N ALA C 397 15.16 31.80 23.48
CA ALA C 397 16.38 31.05 23.67
C ALA C 397 17.51 31.61 22.80
N ALA C 398 17.19 32.08 21.59
CA ALA C 398 18.23 32.67 20.72
C ALA C 398 18.61 34.10 21.14
N HIS C 399 17.61 34.86 21.58
CA HIS C 399 17.72 36.29 21.92
C HIS C 399 18.87 37.03 21.26
N PRO C 400 18.80 37.13 19.93
CA PRO C 400 19.87 37.86 19.25
C PRO C 400 19.86 39.35 19.61
N PRO C 401 20.93 40.07 19.26
CA PRO C 401 20.98 41.53 19.43
C PRO C 401 19.76 42.18 18.77
N SER C 402 19.03 43.01 19.51
CA SER C 402 17.64 43.40 19.15
C SER C 402 17.50 44.62 18.24
N GLY D 11 24.92 -27.76 -19.51
CA GLY D 11 25.92 -27.10 -20.43
C GLY D 11 25.89 -25.58 -20.30
N PHE D 12 24.91 -25.08 -19.57
CA PHE D 12 24.83 -23.65 -19.24
C PHE D 12 25.85 -23.29 -18.17
N LEU D 13 26.14 -21.99 -18.03
CA LEU D 13 26.94 -21.50 -16.89
C LEU D 13 26.34 -22.00 -15.59
N PRO D 14 27.17 -22.42 -14.62
CA PRO D 14 26.60 -22.86 -13.35
C PRO D 14 25.81 -21.71 -12.74
N HIS D 15 24.79 -22.02 -11.97
CA HIS D 15 24.02 -20.98 -11.30
C HIS D 15 24.88 -20.18 -10.33
N PHE D 16 24.49 -18.94 -10.13
CA PHE D 16 25.23 -18.01 -9.29
C PHE D 16 25.08 -18.39 -7.85
N GLN D 17 26.21 -18.51 -7.17
CA GLN D 17 26.20 -18.99 -5.81
C GLN D 17 25.53 -17.94 -4.90
N HIS D 18 24.72 -18.41 -3.96
CA HIS D 18 24.11 -17.58 -2.89
C HIS D 18 22.99 -16.67 -3.37
N PHE D 19 22.54 -16.85 -4.61
CA PHE D 19 21.54 -15.98 -5.19
C PHE D 19 20.22 -15.95 -4.40
N ALA D 20 19.71 -17.13 -4.01
CA ALA D 20 18.46 -17.23 -3.23
C ALA D 20 18.62 -16.59 -1.85
N THR D 21 19.69 -16.98 -1.15
CA THR D 21 19.99 -16.46 0.18
C THR D 21 20.03 -14.94 0.15
N GLN D 22 20.77 -14.41 -0.82
CA GLN D 22 20.93 -12.97 -0.98
C GLN D 22 19.66 -12.25 -1.43
N ALA D 23 18.88 -12.90 -2.28
CA ALA D 23 17.58 -12.36 -2.68
C ALA D 23 16.68 -12.18 -1.47
N ILE D 24 16.77 -13.12 -0.52
CA ILE D 24 15.93 -13.12 0.65
C ILE D 24 16.45 -12.21 1.79
N HIS D 25 17.76 -11.97 1.86
CA HIS D 25 18.37 -11.34 3.04
C HIS D 25 19.07 -9.99 2.81
N VAL D 26 19.62 -9.74 1.63
CA VAL D 26 20.34 -8.49 1.41
C VAL D 26 19.38 -7.29 1.48
N GLY D 27 19.78 -6.29 2.26
CA GLY D 27 18.93 -5.12 2.52
C GLY D 27 17.83 -5.32 3.55
N GLN D 28 17.69 -6.54 4.08
CA GLN D 28 16.51 -6.93 4.87
C GLN D 28 16.88 -7.21 6.34
N ASP D 29 18.08 -6.80 6.73
CA ASP D 29 18.58 -7.01 8.06
C ASP D 29 17.68 -6.36 9.10
N PRO D 30 17.13 -7.15 10.03
CA PRO D 30 16.23 -6.61 11.06
C PRO D 30 16.84 -5.56 11.98
N GLU D 31 18.17 -5.53 12.08
CA GLU D 31 18.84 -4.61 12.97
C GLU D 31 18.80 -3.16 12.45
N GLN D 32 18.36 -2.98 11.22
CA GLN D 32 18.14 -1.66 10.64
C GLN D 32 17.02 -0.90 11.33
N TRP D 33 16.09 -1.64 11.91
CA TRP D 33 14.84 -1.10 12.44
C TRP D 33 14.81 -1.25 13.95
N THR D 34 14.25 -0.24 14.61
CA THR D 34 14.09 -0.26 16.04
C THR D 34 13.11 -1.39 16.49
N SER D 35 12.17 -1.74 15.61
CA SER D 35 11.27 -2.87 15.84
C SER D 35 11.88 -4.27 15.67
N ARG D 36 13.04 -4.35 15.02
CA ARG D 36 13.65 -5.61 14.59
C ARG D 36 12.74 -6.43 13.68
N ALA D 37 11.89 -5.74 12.91
CA ALA D 37 11.10 -6.35 11.84
C ALA D 37 11.97 -7.20 10.89
N VAL D 38 11.50 -8.41 10.64
CA VAL D 38 12.15 -9.35 9.72
C VAL D 38 11.92 -8.95 8.25
N VAL D 39 10.85 -8.21 8.02
CA VAL D 39 10.56 -7.59 6.73
C VAL D 39 10.64 -6.09 6.89
N PRO D 40 11.41 -5.40 6.02
CA PRO D 40 11.50 -3.93 6.09
C PRO D 40 10.13 -3.23 6.03
N PRO D 41 9.93 -2.23 6.88
CA PRO D 41 8.71 -1.42 6.83
C PRO D 41 8.63 -0.63 5.55
N ILE D 42 7.41 -0.23 5.20
CA ILE D 42 7.19 0.69 4.09
C ILE D 42 7.21 2.12 4.64
N SER D 43 8.31 2.85 4.42
CA SER D 43 8.37 4.21 4.90
C SER D 43 7.90 5.16 3.78
N LEU D 44 6.70 5.72 3.95
CA LEU D 44 6.13 6.65 2.99
C LEU D 44 6.57 8.09 3.26
N SER D 45 7.06 8.35 4.46
CA SER D 45 7.40 9.71 4.85
C SER D 45 8.23 10.41 3.78
N THR D 46 7.82 11.63 3.45
CA THR D 46 8.56 12.42 2.44
C THR D 46 9.80 13.07 3.05
N THR D 47 9.78 13.22 4.36
CA THR D 47 10.81 13.95 5.05
C THR D 47 11.13 13.34 6.40
N PHE D 48 12.19 13.86 6.99
CA PHE D 48 12.88 13.22 8.11
C PHE D 48 13.43 14.34 9.01
N LYS D 49 13.29 14.16 10.31
CA LYS D 49 13.80 15.10 11.32
C LYS D 49 15.33 15.09 11.34
N GLN D 50 15.92 16.29 11.33
CA GLN D 50 17.37 16.47 11.43
C GLN D 50 17.78 16.98 12.80
N GLY D 51 18.95 16.57 13.27
CA GLY D 51 19.48 17.08 14.53
C GLY D 51 19.93 18.52 14.40
N ALA D 52 20.50 18.86 13.26
CA ALA D 52 21.04 20.18 13.03
C ALA D 52 21.03 20.41 11.52
N PRO D 53 20.90 21.69 11.09
CA PRO D 53 20.92 22.03 9.66
C PRO D 53 22.21 21.59 9.00
N GLY D 54 22.14 21.16 7.74
CA GLY D 54 23.37 20.86 6.98
C GLY D 54 24.06 19.64 7.54
N GLN D 55 23.58 18.47 7.11
CA GLN D 55 23.78 17.28 7.89
C GLN D 55 24.29 16.12 7.03
N HIS D 56 25.57 15.81 7.17
CA HIS D 56 26.19 14.71 6.43
C HIS D 56 25.72 13.32 6.93
N SER D 57 24.43 13.19 7.25
CA SER D 57 23.95 12.02 8.00
C SER D 57 22.43 11.81 7.89
N GLY D 58 22.03 10.56 7.73
CA GLY D 58 20.63 10.18 7.70
C GLY D 58 19.87 10.66 6.47
N PHE D 59 18.62 10.25 6.41
CA PHE D 59 17.75 10.60 5.30
C PHE D 59 17.34 12.06 5.41
N GLU D 60 17.13 12.70 4.26
CA GLU D 60 16.74 14.13 4.22
C GLU D 60 15.42 14.40 3.51
N TYR D 61 15.23 13.69 2.40
CA TYR D 61 14.07 13.92 1.55
C TYR D 61 13.88 12.68 0.70
N SER D 62 12.66 12.17 0.69
CA SER D 62 12.35 10.88 0.13
C SER D 62 12.83 10.71 -1.31
N ARG D 63 12.68 11.74 -2.15
CA ARG D 63 13.11 11.60 -3.54
C ARG D 63 14.60 11.29 -3.61
N SER D 64 15.37 11.82 -2.65
CA SER D 64 16.82 11.71 -2.68
C SER D 64 17.25 10.35 -2.18
N GLY D 65 16.54 9.87 -1.19
CA GLY D 65 16.75 8.56 -0.65
C GLY D 65 15.71 8.30 0.41
N ASN D 66 15.36 7.04 0.57
CA ASN D 66 14.40 6.64 1.59
C ASN D 66 14.63 5.20 1.98
N PRO D 67 14.23 4.82 3.19
CA PRO D 67 14.49 3.46 3.68
C PRO D 67 14.14 2.28 2.78
N THR D 68 12.88 2.23 2.36
CA THR D 68 12.38 1.12 1.60
C THR D 68 13.03 1.02 0.23
N ARG D 69 13.24 2.15 -0.46
CA ARG D 69 13.94 2.13 -1.75
C ARG D 69 15.39 1.70 -1.60
N ASN D 70 16.04 2.21 -0.56
CA ASN D 70 17.45 1.91 -0.36
C ASN D 70 17.66 0.39 -0.11
N CYS D 71 16.71 -0.25 0.58
CA CYS D 71 16.77 -1.69 0.85
C CYS D 71 16.66 -2.51 -0.44
N LEU D 72 15.67 -2.14 -1.26
CA LEU D 72 15.49 -2.73 -2.59
C LEU D 72 16.76 -2.59 -3.41
N GLU D 73 17.31 -1.38 -3.42
CA GLU D 73 18.47 -1.15 -4.24
C GLU D 73 19.65 -2.01 -3.80
N LYS D 74 19.88 -2.15 -2.49
CA LYS D 74 20.97 -3.02 -2.00
C LYS D 74 20.77 -4.46 -2.46
N ALA D 75 19.53 -4.91 -2.35
CA ALA D 75 19.15 -6.27 -2.74
C ALA D 75 19.42 -6.52 -4.23
N VAL D 76 18.95 -5.62 -5.09
CA VAL D 76 19.13 -5.79 -6.54
C VAL D 76 20.61 -5.71 -6.93
N ALA D 77 21.37 -4.81 -6.32
CA ALA D 77 22.80 -4.74 -6.54
C ALA D 77 23.44 -6.11 -6.31
N ALA D 78 23.13 -6.72 -5.18
CA ALA D 78 23.65 -8.04 -4.87
C ALA D 78 23.28 -9.07 -5.91
N LEU D 79 22.05 -9.01 -6.40
CA LEU D 79 21.57 -9.98 -7.37
C LEU D 79 22.28 -9.83 -8.71
N ASP D 80 22.66 -8.60 -9.04
CA ASP D 80 23.47 -8.29 -10.23
C ASP D 80 24.97 -8.50 -10.09
N GLY D 81 25.41 -8.76 -8.85
CA GLY D 81 26.80 -8.77 -8.50
C GLY D 81 27.42 -7.39 -8.55
N ALA D 82 26.62 -6.36 -8.29
CA ALA D 82 27.04 -4.97 -8.40
C ALA D 82 27.32 -4.32 -7.04
N LYS D 83 28.13 -3.25 -7.05
CA LYS D 83 28.34 -2.43 -5.86
C LYS D 83 27.08 -1.62 -5.57
N TYR D 84 26.42 -1.11 -6.61
CA TYR D 84 25.30 -0.17 -6.46
C TYR D 84 24.12 -0.48 -7.36
N CYS D 85 22.94 -0.08 -6.90
CA CYS D 85 21.77 -0.05 -7.75
C CYS D 85 20.92 1.19 -7.48
N LEU D 86 20.25 1.67 -8.53
CA LEU D 86 19.31 2.81 -8.46
C LEU D 86 17.95 2.39 -9.02
N ALA D 87 16.90 2.69 -8.26
CA ALA D 87 15.51 2.38 -8.64
C ALA D 87 14.81 3.61 -9.24
N PHE D 88 13.93 3.35 -10.21
CA PHE D 88 13.28 4.38 -11.03
C PHE D 88 11.82 4.05 -11.24
N ALA D 89 11.07 5.09 -11.60
CA ALA D 89 9.62 5.02 -11.80
C ALA D 89 9.16 4.02 -12.87
N SER D 90 10.05 3.73 -13.82
CA SER D 90 9.79 2.79 -14.92
C SER D 90 11.10 2.39 -15.58
N GLY D 91 11.08 1.31 -16.35
CA GLY D 91 12.23 1.02 -17.22
C GLY D 91 12.56 2.16 -18.18
N LEU D 92 11.53 2.75 -18.78
CA LEU D 92 11.75 3.90 -19.66
C LEU D 92 12.36 5.09 -18.91
N ALA D 93 11.94 5.31 -17.66
CA ALA D 93 12.55 6.38 -16.86
C ALA D 93 14.03 6.07 -16.54
N ALA D 94 14.38 4.80 -16.35
CA ALA D 94 15.76 4.38 -16.19
C ALA D 94 16.57 4.73 -17.43
N THR D 95 16.03 4.43 -18.58
CA THR D 95 16.65 4.74 -19.89
C THR D 95 16.90 6.26 -20.11
N VAL D 96 15.88 7.06 -19.85
CA VAL D 96 15.98 8.51 -19.88
C VAL D 96 17.05 9.01 -18.95
N THR D 97 17.08 8.48 -17.74
CA THR D 97 18.04 8.93 -16.74
C THR D 97 19.43 8.57 -17.20
N ILE D 98 19.62 7.33 -17.69
CA ILE D 98 20.93 6.94 -18.21
C ILE D 98 21.35 7.84 -19.39
N THR D 99 20.42 8.18 -20.27
CA THR D 99 20.72 9.01 -21.42
C THR D 99 21.16 10.43 -21.01
N HIS D 100 20.65 10.92 -19.89
CA HIS D 100 21.14 12.18 -19.31
C HIS D 100 22.57 12.14 -18.74
N LEU D 101 23.21 10.98 -18.72
CA LEU D 101 24.64 10.94 -18.48
C LEU D 101 25.43 11.65 -19.58
N LEU D 102 24.81 11.81 -20.76
CA LEU D 102 25.49 12.35 -21.93
C LEU D 102 25.42 13.88 -21.99
N LYS D 103 25.79 14.43 -23.14
CA LYS D 103 25.61 15.84 -23.42
C LYS D 103 25.46 16.07 -24.93
N ALA D 104 24.99 17.25 -25.31
CA ALA D 104 24.85 17.61 -26.74
C ALA D 104 26.17 17.36 -27.45
N GLY D 105 26.09 16.73 -28.63
CA GLY D 105 27.27 16.36 -29.42
C GLY D 105 27.62 14.87 -29.33
N ASP D 106 27.15 14.20 -28.28
CA ASP D 106 27.39 12.79 -28.09
C ASP D 106 26.54 11.94 -29.03
N GLN D 107 27.02 10.73 -29.28
CA GLN D 107 26.33 9.79 -30.12
C GLN D 107 25.95 8.58 -29.29
N ILE D 108 24.78 8.04 -29.59
CA ILE D 108 24.29 6.82 -29.01
C ILE D 108 24.15 5.77 -30.07
N ILE D 109 24.68 4.58 -29.81
CA ILE D 109 24.41 3.40 -30.60
C ILE D 109 23.45 2.47 -29.86
N CYS D 110 22.33 2.17 -30.50
CA CYS D 110 21.32 1.32 -29.93
C CYS D 110 21.19 0.07 -30.78
N MET D 111 21.11 -1.07 -30.13
CA MET D 111 20.76 -2.33 -30.80
C MET D 111 19.55 -2.11 -31.71
N ASP D 112 19.56 -2.72 -32.91
CA ASP D 112 18.52 -2.43 -33.90
C ASP D 112 17.14 -2.97 -33.48
N ASP D 113 17.11 -4.09 -32.77
CA ASP D 113 15.85 -4.63 -32.27
C ASP D 113 15.79 -4.42 -30.76
N VAL D 114 14.92 -3.51 -30.35
CA VAL D 114 14.66 -3.24 -28.94
C VAL D 114 13.19 -3.04 -28.64
N TYR D 115 12.86 -3.12 -27.35
CA TYR D 115 11.58 -2.69 -26.83
C TYR D 115 11.12 -1.46 -27.63
N GLY D 116 9.91 -1.50 -28.17
CA GLY D 116 9.38 -0.38 -28.98
C GLY D 116 9.48 0.98 -28.31
N GLY D 117 9.26 1.03 -27.00
CA GLY D 117 9.45 2.28 -26.23
C GLY D 117 10.86 2.82 -26.17
N THR D 118 11.86 1.93 -26.26
CA THR D 118 13.28 2.33 -26.28
C THR D 118 13.61 2.97 -27.62
N ASN D 119 13.15 2.31 -28.68
CA ASN D 119 13.25 2.81 -30.05
C ASN D 119 12.64 4.20 -30.14
N ARG D 120 11.43 4.34 -29.64
CA ARG D 120 10.71 5.61 -29.68
C ARG D 120 11.46 6.74 -28.97
N TYR D 121 11.91 6.49 -27.73
CA TYR D 121 12.58 7.51 -26.93
C TYR D 121 13.83 8.02 -27.62
N PHE D 122 14.70 7.10 -28.04
CA PHE D 122 15.91 7.50 -28.77
C PHE D 122 15.59 8.20 -30.09
N ARG D 123 14.77 7.55 -30.93
CA ARG D 123 14.51 8.03 -32.27
C ARG D 123 13.80 9.38 -32.26
N GLN D 124 12.75 9.50 -31.43
CA GLN D 124 11.86 10.66 -31.48
C GLN D 124 12.12 11.74 -30.44
N VAL D 125 12.69 11.38 -29.29
CA VAL D 125 12.89 12.36 -28.22
C VAL D 125 14.36 12.76 -28.02
N ALA D 126 15.21 11.80 -27.65
CA ALA D 126 16.63 12.06 -27.38
C ALA D 126 17.33 12.76 -28.53
N SER D 127 16.96 12.37 -29.74
CA SER D 127 17.58 12.87 -30.95
C SER D 127 17.35 14.39 -31.15
N GLU D 128 16.34 14.94 -30.48
CA GLU D 128 16.07 16.39 -30.55
C GLU D 128 16.91 17.23 -29.60
N PHE D 129 17.80 16.59 -28.82
CA PHE D 129 18.59 17.29 -27.81
C PHE D 129 20.10 17.18 -28.01
N GLY D 130 20.52 17.24 -29.26
CA GLY D 130 21.94 17.25 -29.58
C GLY D 130 22.56 15.87 -29.58
N LEU D 131 21.72 14.84 -29.49
CA LEU D 131 22.20 13.48 -29.41
C LEU D 131 21.93 12.81 -30.75
N LYS D 132 22.99 12.22 -31.34
CA LYS D 132 22.88 11.48 -32.59
C LYS D 132 22.59 10.02 -32.28
N ILE D 133 21.59 9.46 -32.95
CA ILE D 133 21.14 8.08 -32.66
C ILE D 133 21.43 7.20 -33.88
N SER D 134 22.15 6.11 -33.66
CA SER D 134 22.37 5.11 -34.70
C SER D 134 21.89 3.75 -34.21
N PHE D 135 21.01 3.13 -34.97
CA PHE D 135 20.59 1.77 -34.68
C PHE D 135 21.48 0.81 -35.45
N VAL D 136 22.10 -0.12 -34.73
CA VAL D 136 23.08 -1.06 -35.31
C VAL D 136 22.79 -2.48 -34.84
N ASP D 137 22.86 -3.44 -35.77
CA ASP D 137 22.73 -4.83 -35.40
C ASP D 137 24.00 -5.26 -34.68
N CYS D 138 23.98 -5.18 -33.36
CA CYS D 138 25.16 -5.51 -32.55
C CYS D 138 25.33 -7.02 -32.35
N SER D 139 24.43 -7.82 -32.92
CA SER D 139 24.57 -9.26 -32.89
C SER D 139 25.71 -9.72 -33.83
N LYS D 140 26.10 -8.82 -34.73
CA LYS D 140 27.30 -8.94 -35.54
C LYS D 140 28.34 -8.00 -34.97
N ILE D 141 29.28 -8.54 -34.19
CA ILE D 141 30.19 -7.69 -33.43
C ILE D 141 30.93 -6.67 -34.32
N LYS D 142 31.32 -7.08 -35.52
CA LYS D 142 32.09 -6.19 -36.38
C LYS D 142 31.32 -5.00 -36.90
N LEU D 143 29.98 -5.10 -36.96
CA LEU D 143 29.15 -3.93 -37.29
C LEU D 143 29.14 -2.91 -36.17
N LEU D 144 29.10 -3.37 -34.93
CA LEU D 144 29.26 -2.47 -33.78
C LEU D 144 30.62 -1.77 -33.87
N GLU D 145 31.67 -2.57 -34.02
CA GLU D 145 33.02 -2.04 -34.20
C GLU D 145 33.12 -0.94 -35.30
N ALA D 146 32.55 -1.21 -36.48
CA ALA D 146 32.61 -0.25 -37.59
C ALA D 146 31.73 0.98 -37.35
N ALA D 147 30.76 0.86 -36.46
CA ALA D 147 29.81 1.95 -36.17
C ALA D 147 30.31 2.96 -35.12
N ILE D 148 31.23 2.54 -34.26
CA ILE D 148 31.74 3.41 -33.20
C ILE D 148 32.47 4.58 -33.85
N THR D 149 32.21 5.79 -33.33
CA THR D 149 32.85 7.02 -33.77
C THR D 149 33.51 7.71 -32.58
N PRO D 150 34.32 8.74 -32.84
CA PRO D 150 34.88 9.49 -31.72
C PRO D 150 33.80 10.08 -30.80
N GLU D 151 32.61 10.35 -31.33
CA GLU D 151 31.51 10.94 -30.56
C GLU D 151 30.67 9.92 -29.79
N THR D 152 30.94 8.63 -30.01
CA THR D 152 30.20 7.56 -29.34
C THR D 152 30.48 7.53 -27.85
N LYS D 153 29.40 7.63 -27.09
CA LYS D 153 29.47 7.72 -25.64
C LYS D 153 28.64 6.66 -24.93
N LEU D 154 27.62 6.14 -25.60
CA LEU D 154 26.72 5.15 -25.03
C LEU D 154 26.41 4.12 -26.09
N VAL D 155 26.47 2.85 -25.70
CA VAL D 155 26.00 1.73 -26.51
C VAL D 155 24.92 0.99 -25.67
N TRP D 156 23.72 0.89 -26.24
CA TRP D 156 22.53 0.37 -25.60
C TRP D 156 22.12 -0.94 -26.25
N ILE D 157 22.28 -2.03 -25.52
CA ILE D 157 21.86 -3.32 -26.06
C ILE D 157 20.87 -4.05 -25.17
N GLU D 158 20.00 -4.81 -25.84
CA GLU D 158 19.17 -5.82 -25.23
C GLU D 158 19.70 -7.17 -25.69
N THR D 159 19.76 -8.14 -24.79
CA THR D 159 19.94 -9.53 -25.19
C THR D 159 19.30 -10.51 -24.19
N PRO D 160 18.41 -11.41 -24.68
CA PRO D 160 17.87 -11.45 -26.03
C PRO D 160 16.98 -10.22 -26.31
N THR D 161 16.89 -9.84 -27.57
CA THR D 161 16.17 -8.65 -27.97
C THR D 161 14.66 -8.88 -27.94
N ASN D 162 13.96 -7.80 -27.65
CA ASN D 162 12.52 -7.78 -27.60
C ASN D 162 12.03 -7.19 -28.93
N PRO D 163 11.28 -7.99 -29.75
CA PRO D 163 10.76 -9.33 -29.58
C PRO D 163 11.40 -10.46 -30.40
N THR D 164 12.36 -10.18 -31.27
CA THR D 164 12.86 -11.25 -32.17
C THR D 164 13.97 -12.11 -31.55
N GLN D 165 14.43 -11.73 -30.35
CA GLN D 165 15.33 -12.54 -29.55
C GLN D 165 16.62 -12.92 -30.27
N LYS D 166 17.21 -11.92 -30.93
CA LYS D 166 18.60 -11.99 -31.35
C LYS D 166 19.44 -11.91 -30.10
N VAL D 167 20.53 -12.66 -30.07
CA VAL D 167 21.40 -12.75 -28.90
C VAL D 167 22.74 -12.08 -29.20
N ILE D 168 23.17 -11.25 -28.25
CA ILE D 168 24.38 -10.46 -28.41
C ILE D 168 25.50 -11.00 -27.48
N ASP D 169 26.72 -11.10 -27.98
CA ASP D 169 27.87 -11.50 -27.16
C ASP D 169 28.31 -10.33 -26.30
N ILE D 170 27.99 -10.39 -25.01
CA ILE D 170 28.19 -9.23 -24.13
C ILE D 170 29.69 -8.95 -23.90
N GLU D 171 30.45 -9.99 -23.61
CA GLU D 171 31.91 -9.87 -23.43
C GLU D 171 32.60 -9.35 -24.69
N GLY D 172 32.26 -9.94 -25.83
CA GLY D 172 32.76 -9.46 -27.12
C GLY D 172 32.45 -7.99 -27.39
N CYS D 173 31.22 -7.57 -27.09
CA CYS D 173 30.82 -6.16 -27.30
C CYS D 173 31.53 -5.25 -26.33
N ALA D 174 31.61 -5.70 -25.08
CA ALA D 174 32.31 -4.98 -24.02
C ALA D 174 33.76 -4.69 -24.41
N HIS D 175 34.45 -5.72 -24.91
CA HIS D 175 35.84 -5.57 -25.39
CA HIS D 175 35.83 -5.56 -25.38
C HIS D 175 35.94 -4.51 -26.49
N ILE D 176 35.02 -4.57 -27.44
CA ILE D 176 34.99 -3.62 -28.54
C ILE D 176 34.72 -2.19 -28.06
N VAL D 177 33.70 -2.05 -27.23
CA VAL D 177 33.24 -0.73 -26.75
C VAL D 177 34.32 -0.07 -25.89
N HIS D 178 34.99 -0.87 -25.07
CA HIS D 178 35.99 -0.35 -24.13
C HIS D 178 37.39 -0.21 -24.74
N LYS D 179 37.60 -0.74 -25.95
CA LYS D 179 38.92 -0.72 -26.59
C LYS D 179 39.48 0.68 -26.70
N HIS D 180 38.65 1.61 -27.16
CA HIS D 180 39.06 3.01 -27.26
C HIS D 180 37.98 3.92 -26.69
N GLY D 181 38.41 5.10 -26.29
CA GLY D 181 37.49 6.17 -25.89
C GLY D 181 36.92 5.89 -24.50
N ASP D 182 35.91 6.65 -24.13
CA ASP D 182 35.22 6.51 -22.84
C ASP D 182 33.72 6.30 -23.12
N ILE D 183 33.35 5.05 -23.32
CA ILE D 183 32.04 4.68 -23.81
C ILE D 183 31.38 3.78 -22.81
N ILE D 184 30.11 4.05 -22.50
CA ILE D 184 29.32 3.23 -21.54
C ILE D 184 28.57 2.15 -22.30
N LEU D 185 28.70 0.91 -21.86
CA LEU D 185 27.91 -0.21 -22.39
C LEU D 185 26.82 -0.54 -21.40
N VAL D 186 25.57 -0.33 -21.85
CA VAL D 186 24.39 -0.79 -21.12
C VAL D 186 23.82 -2.09 -21.69
N VAL D 187 23.52 -3.03 -20.81
CA VAL D 187 22.69 -4.18 -21.16
C VAL D 187 21.35 -4.09 -20.41
N ASP D 188 20.29 -4.05 -21.19
CA ASP D 188 18.93 -4.14 -20.69
C ASP D 188 18.67 -5.62 -20.56
N ASN D 189 18.65 -6.06 -19.33
CA ASN D 189 18.61 -7.45 -18.93
C ASN D 189 17.20 -7.87 -18.47
N THR D 190 16.20 -7.11 -18.86
CA THR D 190 14.80 -7.37 -18.52
C THR D 190 14.32 -8.79 -18.79
N PHE D 191 14.67 -9.34 -19.95
CA PHE D 191 14.20 -10.66 -20.36
C PHE D 191 14.82 -11.75 -19.50
N MET D 192 16.12 -11.63 -19.20
CA MET D 192 16.81 -12.73 -18.52
C MET D 192 16.67 -12.70 -17.01
N SER D 193 16.74 -11.51 -16.42
CA SER D 193 16.86 -11.29 -14.97
C SER D 193 18.27 -11.71 -14.57
N PRO D 194 18.75 -11.22 -13.44
CA PRO D 194 20.10 -11.53 -13.00
C PRO D 194 20.28 -12.97 -12.54
N TYR D 195 19.19 -13.69 -12.33
CA TYR D 195 19.24 -15.12 -12.07
C TYR D 195 19.88 -15.90 -13.22
N PHE D 196 19.61 -15.47 -14.45
CA PHE D 196 20.07 -16.19 -15.64
C PHE D 196 21.18 -15.51 -16.42
N GLN D 197 21.38 -14.22 -16.18
CA GLN D 197 22.40 -13.46 -16.89
C GLN D 197 22.93 -12.31 -16.03
N ARG D 198 24.25 -12.19 -15.93
CA ARG D 198 24.90 -11.05 -15.24
C ARG D 198 25.82 -10.21 -16.14
N PRO D 199 25.23 -9.22 -16.85
CA PRO D 199 25.96 -8.35 -17.74
C PRO D 199 27.19 -7.72 -17.11
N LEU D 200 27.13 -7.38 -15.81
CA LEU D 200 28.27 -6.73 -15.17
C LEU D 200 29.46 -7.68 -15.10
N ALA D 201 29.22 -8.97 -14.89
CA ALA D 201 30.28 -9.97 -14.90
C ALA D 201 30.92 -10.18 -16.28
N LEU D 202 30.19 -9.79 -17.33
CA LEU D 202 30.57 -10.05 -18.70
C LEU D 202 31.19 -8.79 -19.31
N GLY D 203 31.33 -7.74 -18.51
CA GLY D 203 31.99 -6.49 -18.87
C GLY D 203 31.12 -5.30 -19.20
N ALA D 204 29.80 -5.41 -19.08
CA ALA D 204 28.95 -4.23 -19.24
C ALA D 204 29.19 -3.27 -18.08
N ASP D 205 28.97 -1.99 -18.31
CA ASP D 205 29.10 -0.97 -17.28
C ASP D 205 27.81 -0.82 -16.48
N ILE D 206 26.69 -1.16 -17.12
CA ILE D 206 25.37 -1.02 -16.52
C ILE D 206 24.51 -2.20 -16.88
N SER D 207 23.84 -2.76 -15.88
CA SER D 207 22.81 -3.79 -16.07
C SER D 207 21.49 -3.11 -15.71
N MET D 208 20.60 -2.98 -16.69
CA MET D 208 19.34 -2.28 -16.51
C MET D 208 18.16 -3.23 -16.64
N TYR D 209 17.07 -2.90 -15.92
CA TYR D 209 15.78 -3.62 -15.99
C TYR D 209 14.58 -2.72 -16.11
N SER D 210 13.61 -3.22 -16.87
CA SER D 210 12.24 -2.93 -16.60
C SER D 210 11.85 -3.97 -15.52
N ALA D 211 11.80 -3.50 -14.28
CA ALA D 211 11.40 -4.33 -13.13
C ALA D 211 9.91 -4.68 -13.22
N THR D 212 9.18 -3.92 -14.02
CA THR D 212 7.78 -4.16 -14.38
C THR D 212 7.50 -5.60 -14.88
N LYS D 213 8.52 -6.21 -15.46
CA LYS D 213 8.38 -7.53 -16.05
C LYS D 213 8.79 -8.58 -14.99
N TYR D 214 9.90 -9.28 -15.17
CA TYR D 214 10.26 -10.45 -14.33
C TYR D 214 10.69 -10.09 -12.90
N MET D 215 11.47 -9.03 -12.77
CA MET D 215 12.04 -8.69 -11.44
C MET D 215 10.96 -8.64 -10.36
N ASN D 216 9.96 -7.80 -10.57
CA ASN D 216 8.78 -7.81 -9.70
C ASN D 216 7.93 -9.07 -9.90
N GLY D 217 7.54 -9.31 -11.16
CA GLY D 217 6.98 -10.61 -11.58
C GLY D 217 5.51 -10.84 -11.26
N HIS D 218 4.87 -9.80 -10.75
CA HIS D 218 3.51 -9.92 -10.23
C HIS D 218 2.53 -8.98 -10.90
N SER D 219 2.94 -8.43 -12.03
CA SER D 219 2.02 -7.71 -12.90
C SER D 219 1.30 -6.61 -12.14
N ASP D 220 2.01 -5.97 -11.21
CA ASP D 220 1.40 -4.92 -10.40
C ASP D 220 2.31 -3.79 -9.97
N VAL D 221 3.48 -3.67 -10.60
CA VAL D 221 4.42 -2.60 -10.38
C VAL D 221 5.07 -2.22 -11.68
N VAL D 222 5.12 -0.92 -11.95
CA VAL D 222 5.87 -0.34 -13.04
C VAL D 222 7.12 0.26 -12.41
N MET D 223 8.30 -0.18 -12.84
CA MET D 223 9.54 0.22 -12.20
C MET D 223 10.74 -0.07 -13.10
N GLY D 224 11.80 0.72 -12.93
CA GLY D 224 13.10 0.44 -13.55
C GLY D 224 14.19 0.32 -12.50
N LEU D 225 15.26 -0.36 -12.87
CA LEU D 225 16.41 -0.64 -12.00
C LEU D 225 17.69 -0.55 -12.82
N VAL D 226 18.73 0.01 -12.21
CA VAL D 226 20.01 0.22 -12.87
C VAL D 226 21.13 -0.15 -11.91
N SER D 227 21.84 -1.24 -12.21
CA SER D 227 22.97 -1.69 -11.39
C SER D 227 24.29 -1.36 -12.06
N VAL D 228 25.26 -1.00 -11.21
CA VAL D 228 26.50 -0.39 -11.65
C VAL D 228 27.62 -0.66 -10.64
N ASN D 229 28.85 -0.77 -11.13
CA ASN D 229 30.03 -0.94 -10.29
C ASN D 229 30.92 0.29 -10.18
N CYS D 230 31.16 0.95 -11.31
CA CYS D 230 32.09 2.06 -11.43
C CYS D 230 31.68 3.27 -10.60
N GLU D 231 32.64 3.80 -9.87
CA GLU D 231 32.35 4.79 -8.86
C GLU D 231 31.87 6.11 -9.45
N SER D 232 32.55 6.62 -10.47
CA SER D 232 32.14 7.90 -11.01
C SER D 232 30.82 7.78 -11.78
N LEU D 233 30.63 6.66 -12.45
CA LEU D 233 29.40 6.44 -13.19
C LEU D 233 28.22 6.35 -12.21
N HIS D 234 28.40 5.63 -11.11
CA HIS D 234 27.40 5.64 -10.04
C HIS D 234 27.14 7.04 -9.54
N ASN D 235 28.19 7.83 -9.28
CA ASN D 235 28.00 9.17 -8.78
C ASN D 235 27.18 10.02 -9.74
N ARG D 236 27.47 9.88 -11.01
CA ARG D 236 26.71 10.56 -12.07
C ARG D 236 25.25 10.12 -12.15
N LEU D 237 25.03 8.80 -12.08
CA LEU D 237 23.66 8.26 -12.05
C LEU D 237 22.87 8.68 -10.80
N ARG D 238 23.51 8.67 -9.64
CA ARG D 238 22.85 9.01 -8.39
C ARG D 238 22.39 10.47 -8.41
N PHE D 239 23.24 11.33 -8.96
CA PHE D 239 22.93 12.75 -9.11
C PHE D 239 21.65 12.97 -9.93
N LEU D 240 21.52 12.21 -11.01
CA LEU D 240 20.36 12.28 -11.88
C LEU D 240 19.13 11.59 -11.32
N GLN D 241 19.30 10.53 -10.52
CA GLN D 241 18.16 9.96 -9.81
C GLN D 241 17.47 11.06 -9.00
N ASN D 242 18.27 11.81 -8.27
CA ASN D 242 17.74 12.86 -7.43
C ASN D 242 17.26 14.06 -8.23
N SER D 243 18.08 14.48 -9.20
CA SER D 243 17.87 15.75 -9.91
C SER D 243 16.80 15.70 -11.00
N LEU D 244 16.62 14.56 -11.64
CA LEU D 244 15.50 14.37 -12.57
C LEU D 244 14.29 13.83 -11.86
N GLY D 245 14.48 13.13 -10.74
CA GLY D 245 13.34 12.72 -9.91
C GLY D 245 12.35 11.69 -10.43
N ALA D 246 12.79 10.82 -11.33
CA ALA D 246 11.94 9.79 -11.91
C ALA D 246 11.98 8.57 -11.01
N VAL D 247 11.53 8.78 -9.77
CA VAL D 247 11.72 7.83 -8.69
C VAL D 247 10.45 7.03 -8.41
N PRO D 248 10.61 5.79 -7.91
CA PRO D 248 9.50 4.90 -7.62
C PRO D 248 8.89 5.18 -6.24
N SER D 249 7.60 4.92 -6.10
CA SER D 249 6.95 4.90 -4.80
C SER D 249 7.67 3.95 -3.82
N PRO D 250 7.78 4.34 -2.54
CA PRO D 250 8.27 3.35 -1.60
C PRO D 250 7.40 2.08 -1.51
N ILE D 251 6.11 2.21 -1.78
CA ILE D 251 5.25 1.04 -1.69
C ILE D 251 5.54 0.10 -2.84
N ASP D 252 5.76 0.63 -4.05
CA ASP D 252 6.17 -0.17 -5.21
C ASP D 252 7.54 -0.83 -4.96
N CYS D 253 8.42 -0.12 -4.26
CA CYS D 253 9.71 -0.64 -3.87
C CYS D 253 9.55 -1.86 -2.96
N TYR D 254 8.64 -1.76 -2.02
CA TYR D 254 8.31 -2.89 -1.17
C TYR D 254 7.77 -4.07 -1.97
N LEU D 255 6.81 -3.79 -2.84
CA LEU D 255 6.19 -4.84 -3.67
C LEU D 255 7.22 -5.55 -4.55
N CYS D 256 8.11 -4.77 -5.15
CA CYS D 256 9.16 -5.32 -5.98
C CYS D 256 10.14 -6.14 -5.16
N ASN D 257 10.49 -5.65 -3.99
CA ASN D 257 11.41 -6.34 -3.13
C ASN D 257 10.79 -7.67 -2.65
N ARG D 258 9.48 -7.66 -2.44
CA ARG D 258 8.72 -8.87 -2.07
C ARG D 258 8.75 -9.87 -3.22
N GLY D 259 8.51 -9.39 -4.44
CA GLY D 259 8.54 -10.25 -5.62
C GLY D 259 9.90 -10.87 -5.82
N LEU D 260 10.95 -10.10 -5.53
CA LEU D 260 12.34 -10.56 -5.64
C LEU D 260 12.62 -11.81 -4.83
N LYS D 261 11.90 -12.02 -3.72
CA LYS D 261 12.19 -13.12 -2.81
C LYS D 261 11.80 -14.50 -3.39
N THR D 262 11.00 -14.48 -4.46
CA THR D 262 10.63 -15.70 -5.19
C THR D 262 11.23 -15.70 -6.59
N LEU D 263 12.13 -14.77 -6.88
CA LEU D 263 12.67 -14.65 -8.26
C LEU D 263 13.27 -15.99 -8.72
N HIS D 264 14.10 -16.59 -7.88
CA HIS D 264 14.76 -17.86 -8.20
C HIS D 264 13.76 -18.99 -8.54
N VAL D 265 12.78 -19.21 -7.68
CA VAL D 265 11.74 -20.22 -7.91
C VAL D 265 10.79 -19.91 -9.11
N ARG D 266 10.49 -18.63 -9.34
CA ARG D 266 9.67 -18.23 -10.49
C ARG D 266 10.44 -18.44 -11.78
N MET D 267 11.68 -17.99 -11.83
CA MET D 267 12.47 -18.10 -13.06
C MET D 267 12.76 -19.55 -13.47
N GLU D 268 13.02 -20.44 -12.50
CA GLU D 268 13.18 -21.85 -12.84
C GLU D 268 11.93 -22.43 -13.50
N LYS D 269 10.76 -22.06 -12.99
CA LYS D 269 9.49 -22.50 -13.57
C LYS D 269 9.16 -21.82 -14.92
N HIS D 270 9.53 -20.54 -15.08
CA HIS D 270 9.45 -19.90 -16.42
C HIS D 270 10.30 -20.66 -17.45
N PHE D 271 11.48 -21.12 -17.02
CA PHE D 271 12.39 -21.92 -17.87
C PHE D 271 11.77 -23.27 -18.25
N LYS D 272 11.29 -24.02 -17.26
CA LYS D 272 10.70 -25.33 -17.50
C LYS D 272 9.53 -25.18 -18.47
N ASN D 273 8.60 -24.29 -18.13
CA ASN D 273 7.40 -24.06 -18.96
C ASN D 273 7.74 -23.48 -20.35
N GLY D 274 8.68 -22.52 -20.40
CA GLY D 274 9.13 -21.92 -21.65
C GLY D 274 9.79 -22.91 -22.60
N MET D 275 10.67 -23.75 -22.08
CA MET D 275 11.26 -24.81 -22.87
C MET D 275 10.16 -25.76 -23.41
N ALA D 276 9.19 -26.12 -22.58
CA ALA D 276 8.13 -27.04 -22.97
C ALA D 276 7.30 -26.50 -24.12
N VAL D 277 6.94 -25.22 -24.00
CA VAL D 277 6.16 -24.49 -25.01
C VAL D 277 6.93 -24.33 -26.31
N ALA D 278 8.21 -24.00 -26.19
CA ALA D 278 9.09 -23.83 -27.31
C ALA D 278 9.27 -25.14 -28.07
N GLN D 279 9.48 -26.25 -27.34
CA GLN D 279 9.57 -27.57 -27.96
C GLN D 279 8.25 -27.97 -28.63
N PHE D 280 7.14 -27.68 -27.97
CA PHE D 280 5.83 -28.03 -28.50
C PHE D 280 5.56 -27.30 -29.81
N LEU D 281 5.83 -26.00 -29.83
CA LEU D 281 5.59 -25.21 -31.03
C LEU D 281 6.51 -25.63 -32.16
N GLU D 282 7.76 -26.00 -31.84
CA GLU D 282 8.69 -26.36 -32.88
C GLU D 282 8.27 -27.61 -33.60
N SER D 283 7.68 -28.55 -32.89
CA SER D 283 7.23 -29.79 -33.52
C SER D 283 5.78 -29.70 -34.05
N ASN D 284 5.23 -28.49 -34.16
CA ASN D 284 3.82 -28.29 -34.50
C ASN D 284 3.75 -27.90 -35.96
N PRO D 285 2.90 -28.59 -36.73
CA PRO D 285 2.86 -28.40 -38.16
C PRO D 285 2.27 -27.06 -38.65
N TRP D 286 1.63 -26.32 -37.75
CA TRP D 286 1.10 -25.01 -38.07
C TRP D 286 2.01 -23.86 -37.67
N VAL D 287 3.20 -24.19 -37.19
CA VAL D 287 4.17 -23.19 -36.77
C VAL D 287 5.33 -23.13 -37.78
N GLU D 288 5.57 -21.96 -38.37
CA GLU D 288 6.62 -21.79 -39.36
C GLU D 288 8.00 -21.91 -38.72
N LYS D 289 8.17 -21.24 -37.59
CA LYS D 289 9.48 -21.13 -36.99
C LYS D 289 9.36 -20.68 -35.53
N VAL D 290 10.26 -21.19 -34.70
CA VAL D 290 10.34 -20.85 -33.28
C VAL D 290 11.69 -20.22 -32.97
N ILE D 291 11.66 -19.14 -32.17
CA ILE D 291 12.87 -18.49 -31.74
C ILE D 291 12.86 -18.59 -30.21
N TYR D 292 13.65 -19.52 -29.69
CA TYR D 292 13.84 -19.68 -28.25
C TYR D 292 15.30 -19.99 -27.95
N PRO D 293 15.98 -19.10 -27.18
CA PRO D 293 17.40 -19.31 -26.85
C PRO D 293 17.78 -20.69 -26.33
N GLY D 294 16.83 -21.34 -25.66
CA GLY D 294 17.01 -22.69 -25.10
C GLY D 294 16.94 -23.83 -26.10
N LEU D 295 16.55 -23.56 -27.35
CA LEU D 295 16.47 -24.58 -28.39
C LEU D 295 17.76 -24.61 -29.16
N PRO D 296 18.27 -25.81 -29.44
CA PRO D 296 19.39 -25.95 -30.38
C PRO D 296 19.15 -25.23 -31.70
N SER D 297 17.90 -25.07 -32.14
CA SER D 297 17.62 -24.35 -33.38
C SER D 297 17.94 -22.85 -33.30
N HIS D 298 18.05 -22.29 -32.10
CA HIS D 298 18.36 -20.87 -31.99
C HIS D 298 19.76 -20.60 -32.54
N PRO D 299 19.92 -19.60 -33.44
CA PRO D 299 21.24 -19.39 -34.07
C PRO D 299 22.37 -19.05 -33.11
N GLN D 300 22.05 -18.54 -31.91
CA GLN D 300 23.08 -18.25 -30.91
C GLN D 300 22.95 -19.18 -29.69
N HIS D 301 22.33 -20.33 -29.86
CA HIS D 301 22.18 -21.28 -28.75
C HIS D 301 23.44 -21.59 -27.92
N GLU D 302 24.58 -21.76 -28.58
CA GLU D 302 25.81 -22.09 -27.86
C GLU D 302 26.31 -20.90 -27.05
N LEU D 303 26.23 -19.71 -27.64
CA LEU D 303 26.61 -18.46 -26.96
C LEU D 303 25.76 -18.27 -25.69
N VAL D 304 24.46 -18.48 -25.84
CA VAL D 304 23.53 -18.47 -24.72
C VAL D 304 24.02 -19.34 -23.57
N LYS D 305 24.52 -20.54 -23.89
CA LYS D 305 24.94 -21.46 -22.84
C LYS D 305 26.23 -20.95 -22.19
N ARG D 306 27.06 -20.25 -22.95
CA ARG D 306 28.27 -19.65 -22.43
C ARG D 306 28.06 -18.42 -21.53
N GLN D 307 27.01 -17.64 -21.78
CA GLN D 307 26.82 -16.36 -21.03
C GLN D 307 25.60 -16.30 -20.14
N CYS D 308 24.87 -17.42 -20.07
CA CYS D 308 23.66 -17.52 -19.27
C CYS D 308 23.64 -18.85 -18.50
N THR D 309 22.90 -18.84 -17.39
CA THR D 309 22.70 -20.03 -16.56
C THR D 309 21.38 -20.74 -16.89
N GLY D 310 20.64 -20.23 -17.86
CA GLY D 310 19.33 -20.75 -18.18
C GLY D 310 18.57 -19.82 -19.07
N CYS D 311 17.31 -20.14 -19.34
CA CYS D 311 16.46 -19.35 -20.21
C CYS D 311 15.12 -19.02 -19.55
N THR D 312 14.44 -18.04 -20.12
CA THR D 312 13.22 -17.43 -19.55
C THR D 312 11.99 -18.00 -20.24
N GLY D 313 10.84 -17.39 -19.93
CA GLY D 313 9.57 -17.85 -20.44
C GLY D 313 9.18 -17.13 -21.71
N MET D 314 10.04 -16.26 -22.23
CA MET D 314 9.76 -15.57 -23.50
C MET D 314 10.02 -16.48 -24.70
N VAL D 315 8.97 -16.77 -25.47
CA VAL D 315 9.05 -17.59 -26.69
C VAL D 315 8.45 -16.83 -27.85
N THR D 316 9.25 -16.58 -28.87
CA THR D 316 8.80 -15.98 -30.13
C THR D 316 8.62 -17.05 -31.22
N PHE D 317 7.56 -16.91 -32.01
CA PHE D 317 7.38 -17.79 -33.16
C PHE D 317 6.61 -17.12 -34.29
N TYR D 318 6.73 -17.71 -35.48
CA TYR D 318 5.98 -17.29 -36.66
C TYR D 318 4.92 -18.34 -36.91
N ILE D 319 3.66 -17.93 -36.94
CA ILE D 319 2.59 -18.86 -37.31
C ILE D 319 2.63 -18.96 -38.83
N LYS D 320 2.32 -20.15 -39.35
CA LYS D 320 2.11 -20.32 -40.76
C LYS D 320 0.88 -19.53 -41.17
N GLY D 321 0.81 -19.17 -42.45
CA GLY D 321 -0.35 -18.48 -43.00
C GLY D 321 -0.15 -16.97 -42.99
N THR D 322 -1.19 -16.26 -42.61
CA THR D 322 -1.22 -14.83 -42.74
C THR D 322 -1.63 -14.20 -41.42
N LEU D 323 -1.70 -12.88 -41.41
CA LEU D 323 -2.28 -12.10 -40.30
C LEU D 323 -3.57 -12.71 -39.80
N GLN D 324 -4.46 -13.11 -40.70
CA GLN D 324 -5.71 -13.73 -40.27
C GLN D 324 -5.46 -14.90 -39.32
N HIS D 325 -4.53 -15.77 -39.69
CA HIS D 325 -4.27 -16.96 -38.86
C HIS D 325 -3.71 -16.57 -37.51
N ALA D 326 -2.80 -15.58 -37.47
CA ALA D 326 -2.29 -15.04 -36.20
C ALA D 326 -3.42 -14.53 -35.30
N GLU D 327 -4.39 -13.84 -35.89
CA GLU D 327 -5.48 -13.29 -35.09
C GLU D 327 -6.46 -14.33 -34.64
N ILE D 328 -6.75 -15.33 -35.48
CA ILE D 328 -7.64 -16.40 -35.07
C ILE D 328 -6.98 -17.21 -33.93
N PHE D 329 -5.69 -17.47 -34.08
CA PHE D 329 -4.94 -18.14 -32.99
C PHE D 329 -5.09 -17.35 -31.67
N LEU D 330 -4.78 -16.06 -31.72
CA LEU D 330 -4.87 -15.24 -30.50
C LEU D 330 -6.30 -15.24 -29.95
N LYS D 331 -7.26 -15.06 -30.85
CA LYS D 331 -8.67 -15.01 -30.45
C LYS D 331 -9.12 -16.27 -29.75
N ASN D 332 -8.53 -17.41 -30.10
CA ASN D 332 -8.97 -18.69 -29.57
C ASN D 332 -8.28 -19.10 -28.27
N LEU D 333 -7.25 -18.37 -27.87
CA LEU D 333 -6.58 -18.64 -26.58
C LEU D 333 -7.59 -18.45 -25.45
N LYS D 334 -7.65 -19.44 -24.56
CA LYS D 334 -8.51 -19.41 -23.38
C LYS D 334 -7.75 -19.39 -22.04
N LEU D 335 -6.44 -19.59 -22.06
CA LEU D 335 -5.65 -19.55 -20.82
C LEU D 335 -4.62 -18.43 -20.90
N PHE D 336 -3.81 -18.44 -21.94
CA PHE D 336 -3.02 -17.25 -22.32
C PHE D 336 -3.97 -16.08 -22.50
N THR D 337 -3.54 -14.90 -22.07
CA THR D 337 -4.32 -13.68 -22.20
C THR D 337 -3.68 -12.76 -23.25
N LEU D 338 -4.50 -12.21 -24.15
CA LEU D 338 -4.01 -11.24 -25.11
C LEU D 338 -3.81 -9.91 -24.38
N ALA D 339 -2.56 -9.47 -24.32
CA ALA D 339 -2.19 -8.32 -23.50
C ALA D 339 -0.74 -7.96 -23.74
N GLU D 340 -0.42 -6.70 -23.45
CA GLU D 340 0.95 -6.25 -23.53
C GLU D 340 1.63 -6.56 -22.20
N SER D 341 2.94 -6.35 -22.17
CA SER D 341 3.83 -6.66 -21.04
C SER D 341 4.22 -8.13 -21.05
N LEU D 342 5.06 -8.50 -20.09
CA LEU D 342 5.64 -9.84 -19.99
C LEU D 342 6.24 -10.06 -18.61
N GLY D 343 6.62 -11.29 -18.32
CA GLY D 343 7.39 -11.59 -17.11
C GLY D 343 6.61 -11.76 -15.81
N GLY D 344 5.29 -11.83 -15.91
CA GLY D 344 4.45 -12.08 -14.74
C GLY D 344 4.09 -13.53 -14.54
N PHE D 345 3.33 -13.80 -13.48
CA PHE D 345 2.91 -15.18 -13.22
C PHE D 345 1.94 -15.77 -14.26
N GLU D 346 1.26 -14.92 -15.03
CA GLU D 346 0.24 -15.34 -15.98
C GLU D 346 0.81 -15.36 -17.38
N SER D 347 0.28 -16.26 -18.20
CA SER D 347 0.76 -16.45 -19.55
C SER D 347 0.09 -15.43 -20.46
N LEU D 348 0.91 -14.77 -21.26
CA LEU D 348 0.43 -13.68 -22.12
C LEU D 348 0.83 -14.00 -23.53
N ALA D 349 0.06 -13.45 -24.48
CA ALA D 349 0.34 -13.60 -25.91
C ALA D 349 0.09 -12.26 -26.58
N GLU D 350 0.90 -11.92 -27.57
CA GLU D 350 0.69 -10.68 -28.31
C GLU D 350 1.23 -10.74 -29.72
N LEU D 351 0.89 -9.70 -30.49
CA LEU D 351 1.25 -9.55 -31.88
C LEU D 351 1.98 -8.22 -31.90
N PRO D 352 3.31 -8.26 -31.72
CA PRO D 352 4.14 -7.08 -31.54
C PRO D 352 3.94 -6.00 -32.61
N ALA D 353 3.81 -6.41 -33.86
CA ALA D 353 3.74 -5.45 -34.94
C ALA D 353 2.60 -4.48 -34.72
N ILE D 354 1.52 -4.94 -34.08
CA ILE D 354 0.39 -4.05 -33.88
CA ILE D 354 0.30 -4.15 -33.85
C ILE D 354 0.17 -3.64 -32.43
N MET D 355 0.85 -4.30 -31.50
CA MET D 355 0.72 -3.99 -30.09
C MET D 355 2.00 -3.32 -29.57
N THR D 356 2.89 -4.06 -28.91
CA THR D 356 4.04 -3.45 -28.20
C THR D 356 5.05 -2.72 -29.10
N HIS D 357 5.12 -3.07 -30.38
CA HIS D 357 6.12 -2.54 -31.29
C HIS D 357 5.48 -1.78 -32.45
N ALA D 358 4.26 -1.33 -32.21
CA ALA D 358 3.57 -0.43 -33.14
C ALA D 358 4.32 0.90 -33.18
N SER D 359 5.03 1.24 -32.11
CA SER D 359 5.91 2.44 -31.99
C SER D 359 7.19 2.40 -32.86
N VAL D 360 7.50 1.24 -33.41
CA VAL D 360 8.63 1.04 -34.30
C VAL D 360 8.15 1.25 -35.72
N LEU D 361 8.84 2.10 -36.48
CA LEU D 361 8.39 2.43 -37.84
C LEU D 361 8.23 1.16 -38.66
N LYS D 362 7.14 1.08 -39.44
CA LYS D 362 6.81 -0.15 -40.17
C LYS D 362 7.98 -0.67 -41.00
N ASN D 363 8.67 0.22 -41.71
CA ASN D 363 9.80 -0.22 -42.53
C ASN D 363 10.89 -0.90 -41.70
N ASP D 364 11.19 -0.34 -40.52
CA ASP D 364 12.15 -0.95 -39.61
C ASP D 364 11.61 -2.31 -39.12
N ARG D 365 10.33 -2.35 -38.72
CA ARG D 365 9.67 -3.63 -38.37
C ARG D 365 9.93 -4.71 -39.42
N ASP D 366 9.81 -4.31 -40.69
CA ASP D 366 9.93 -5.21 -41.81
C ASP D 366 11.34 -5.76 -41.94
N VAL D 367 12.33 -4.88 -41.88
CA VAL D 367 13.74 -5.28 -41.90
C VAL D 367 14.06 -6.22 -40.74
N LEU D 368 13.45 -5.96 -39.58
CA LEU D 368 13.75 -6.72 -38.36
C LEU D 368 13.01 -8.05 -38.26
N GLY D 369 12.07 -8.30 -39.16
CA GLY D 369 11.29 -9.52 -39.13
C GLY D 369 10.12 -9.47 -38.18
N ILE D 370 9.68 -8.26 -37.83
CA ILE D 370 8.51 -8.10 -36.97
C ILE D 370 7.28 -8.00 -37.89
N SER D 371 6.89 -9.15 -38.42
CA SER D 371 5.87 -9.25 -39.46
C SER D 371 4.48 -9.45 -38.86
N ASP D 372 3.46 -9.53 -39.72
CA ASP D 372 2.07 -9.84 -39.33
C ASP D 372 1.90 -11.23 -38.66
N THR D 373 2.86 -12.13 -38.85
CA THR D 373 2.72 -13.49 -38.35
C THR D 373 3.66 -13.80 -37.17
N LEU D 374 4.44 -12.79 -36.76
CA LEU D 374 5.31 -12.90 -35.59
C LEU D 374 4.48 -12.76 -34.29
N ILE D 375 4.45 -13.83 -33.51
CA ILE D 375 3.72 -13.87 -32.23
C ILE D 375 4.75 -14.00 -31.10
N ARG D 376 4.59 -13.19 -30.04
CA ARG D 376 5.43 -13.29 -28.83
C ARG D 376 4.64 -13.81 -27.65
N LEU D 377 5.18 -14.83 -26.99
CA LEU D 377 4.57 -15.38 -25.80
C LEU D 377 5.41 -15.08 -24.55
N SER D 378 4.72 -14.80 -23.45
CA SER D 378 5.29 -14.72 -22.11
C SER D 378 4.67 -15.87 -21.35
N VAL D 379 5.38 -17.01 -21.32
CA VAL D 379 4.85 -18.19 -20.66
C VAL D 379 5.01 -17.99 -19.16
N GLY D 380 3.91 -18.14 -18.45
CA GLY D 380 3.88 -17.94 -17.01
C GLY D 380 4.08 -19.22 -16.21
N LEU D 381 3.48 -19.25 -15.01
CA LEU D 381 3.75 -20.28 -14.01
C LEU D 381 2.66 -21.31 -13.86
N GLU D 382 1.70 -21.29 -14.78
CA GLU D 382 0.62 -22.26 -14.79
C GLU D 382 1.13 -23.69 -15.05
N ASP D 383 0.25 -24.66 -14.91
CA ASP D 383 0.57 -26.06 -15.17
C ASP D 383 0.92 -26.26 -16.63
N GLU D 384 2.05 -26.89 -16.91
CA GLU D 384 2.51 -27.05 -18.29
C GLU D 384 1.47 -27.65 -19.25
N GLU D 385 0.76 -28.67 -18.79
CA GLU D 385 -0.25 -29.36 -19.59
C GLU D 385 -1.38 -28.44 -20.04
N ASP D 386 -1.77 -27.51 -19.19
CA ASP D 386 -2.82 -26.57 -19.54
C ASP D 386 -2.32 -25.57 -20.58
N LEU D 387 -1.07 -25.16 -20.46
CA LEU D 387 -0.51 -24.22 -21.41
C LEU D 387 -0.41 -24.86 -22.80
N LEU D 388 0.06 -26.10 -22.85
CA LEU D 388 0.25 -26.80 -24.11
C LEU D 388 -1.09 -27.08 -24.77
N GLU D 389 -2.09 -27.44 -23.99
CA GLU D 389 -3.41 -27.73 -24.54
C GLU D 389 -4.03 -26.45 -25.09
N ASP D 390 -3.77 -25.31 -24.46
CA ASP D 390 -4.34 -24.05 -24.93
C ASP D 390 -3.75 -23.69 -26.29
N LEU D 391 -2.43 -23.79 -26.39
CA LEU D 391 -1.76 -23.51 -27.65
C LEU D 391 -2.22 -24.48 -28.76
N ASP D 392 -2.42 -25.74 -28.41
CA ASP D 392 -2.75 -26.78 -29.38
C ASP D 392 -4.13 -26.52 -29.98
N GLN D 393 -5.10 -26.28 -29.11
CA GLN D 393 -6.46 -26.01 -29.57
C GLN D 393 -6.54 -24.70 -30.38
N ALA D 394 -5.81 -23.68 -29.96
CA ALA D 394 -5.81 -22.38 -30.63
C ALA D 394 -5.17 -22.47 -32.01
N LEU D 395 -4.09 -23.23 -32.15
CA LEU D 395 -3.48 -23.44 -33.47
C LEU D 395 -4.41 -24.25 -34.40
N LYS D 396 -5.12 -25.24 -33.84
CA LYS D 396 -6.07 -26.03 -34.61
C LYS D 396 -7.25 -25.19 -35.09
N ALA D 397 -7.69 -24.26 -34.24
CA ALA D 397 -8.73 -23.31 -34.62
C ALA D 397 -8.28 -22.45 -35.82
N ALA D 398 -7.00 -22.06 -35.88
CA ALA D 398 -6.49 -21.28 -36.99
C ALA D 398 -6.25 -22.14 -38.23
N HIS D 399 -5.80 -23.38 -37.99
CA HIS D 399 -5.24 -24.29 -38.99
C HIS D 399 -4.78 -23.64 -40.29
N PRO D 400 -3.66 -22.89 -40.24
CA PRO D 400 -3.14 -22.33 -41.47
C PRO D 400 -2.64 -23.45 -42.39
N PRO D 401 -2.35 -23.11 -43.65
CA PRO D 401 -1.80 -24.16 -44.54
C PRO D 401 -0.54 -24.74 -43.90
N SER D 402 -0.41 -26.07 -43.86
CA SER D 402 0.67 -26.71 -43.10
C SER D 402 1.84 -27.19 -43.94
#